data_1K0T
#
_entry.id   1K0T
#
_cell.length_a   1.000
_cell.length_b   1.000
_cell.length_c   1.000
_cell.angle_alpha   90.00
_cell.angle_beta   90.00
_cell.angle_gamma   90.00
#
_symmetry.space_group_name_H-M   'P 1'
#
loop_
_entity.id
_entity.type
_entity.pdbx_description
1 polymer 'PSAC SUBUNIT OF PHOTOSYSTEM I'
2 non-polymer 'IRON/SULFUR CLUSTER'
#
_entity_poly.entity_id   1
_entity_poly.type   'polypeptide(L)'
_entity_poly.pdbx_seq_one_letter_code
;SHSVKIYDTCIGCTQCVRACPLDVLEMVPWDGCKAGQIASSPRTEDCVGCKRCETACPTDFLSIRVYLGAETTRSMGLAY
;
_entity_poly.pdbx_strand_id   A
#
# COMPACT_ATOMS: atom_id res chain seq x y z
N SER A 1 11.07 -0.85 2.47
CA SER A 1 9.62 -0.81 2.42
C SER A 1 9.05 -2.23 2.53
N HIS A 2 8.07 -2.38 3.40
CA HIS A 2 7.43 -3.67 3.61
C HIS A 2 5.94 -3.46 3.89
N SER A 3 5.15 -4.41 3.40
CA SER A 3 3.71 -4.34 3.61
C SER A 3 3.16 -3.04 3.05
N VAL A 4 1.85 -3.01 2.87
CA VAL A 4 1.19 -1.83 2.35
C VAL A 4 -0.33 -1.99 2.50
N LYS A 5 -0.72 -2.63 3.59
CA LYS A 5 -2.13 -2.85 3.86
C LYS A 5 -2.87 -1.51 3.85
N ILE A 6 -4.14 -1.56 4.20
CA ILE A 6 -4.96 -0.37 4.23
C ILE A 6 -4.75 0.36 5.56
N TYR A 7 -3.95 1.41 5.49
CA TYR A 7 -3.65 2.20 6.68
C TYR A 7 -3.90 3.69 6.42
N ASP A 8 -4.19 4.40 7.49
CA ASP A 8 -4.44 5.83 7.41
C ASP A 8 -3.12 6.59 7.54
N THR A 9 -2.10 6.06 6.88
CA THR A 9 -0.78 6.67 6.93
C THR A 9 -0.55 7.53 5.68
N CYS A 10 -0.84 8.81 5.82
CA CYS A 10 -0.67 9.75 4.72
C CYS A 10 -0.40 11.14 5.31
N ILE A 11 0.43 11.89 4.60
CA ILE A 11 0.79 13.23 5.04
C ILE A 11 0.64 14.19 3.86
N GLY A 12 1.17 13.78 2.72
CA GLY A 12 1.10 14.59 1.52
C GLY A 12 2.43 14.56 0.76
N CYS A 13 2.97 13.35 0.62
CA CYS A 13 4.23 13.17 -0.08
C CYS A 13 3.92 12.79 -1.52
N THR A 14 2.77 12.17 -1.71
CA THR A 14 2.35 11.75 -3.04
C THR A 14 2.90 10.36 -3.36
N GLN A 15 4.07 10.09 -2.81
CA GLN A 15 4.72 8.79 -3.03
C GLN A 15 3.76 7.66 -2.65
N CYS A 16 3.92 6.54 -3.33
CA CYS A 16 3.09 5.38 -3.08
C CYS A 16 1.85 5.47 -3.96
N VAL A 17 1.30 6.68 -4.03
CA VAL A 17 0.12 6.91 -4.82
C VAL A 17 0.52 7.30 -6.25
N ARG A 18 1.73 6.89 -6.61
CA ARG A 18 2.25 7.18 -7.94
C ARG A 18 2.86 5.92 -8.56
N ALA A 19 3.73 5.28 -7.79
CA ALA A 19 4.39 4.06 -8.25
C ALA A 19 3.40 2.90 -8.18
N CYS A 20 2.60 2.77 -9.23
CA CYS A 20 1.61 1.71 -9.30
C CYS A 20 0.88 1.81 -10.63
N PRO A 21 1.39 1.05 -11.63
CA PRO A 21 0.79 1.05 -12.96
C PRO A 21 -0.51 0.26 -12.97
N LEU A 22 -0.76 -0.44 -11.86
CA LEU A 22 -1.96 -1.24 -11.74
C LEU A 22 -3.04 -0.43 -11.04
N ASP A 23 -2.60 0.60 -10.32
CA ASP A 23 -3.52 1.47 -9.61
C ASP A 23 -4.09 0.72 -8.40
N VAL A 24 -3.25 0.58 -7.38
CA VAL A 24 -3.65 -0.11 -6.17
C VAL A 24 -3.96 0.92 -5.08
N LEU A 25 -2.93 1.65 -4.69
CA LEU A 25 -3.09 2.67 -3.67
C LEU A 25 -4.06 3.74 -4.16
N GLU A 26 -5.33 3.54 -3.83
CA GLU A 26 -6.37 4.47 -4.22
C GLU A 26 -6.83 5.30 -3.02
N MET A 27 -7.91 6.04 -3.24
CA MET A 27 -8.46 6.87 -2.18
C MET A 27 -9.51 6.11 -1.37
N VAL A 28 -9.40 6.24 -0.06
CA VAL A 28 -10.33 5.57 0.84
C VAL A 28 -10.91 6.60 1.82
N PRO A 29 -11.92 6.13 2.61
CA PRO A 29 -12.57 6.99 3.58
C PRO A 29 -11.67 7.22 4.80
N TRP A 30 -11.31 8.49 5.00
CA TRP A 30 -10.45 8.84 6.11
C TRP A 30 -10.98 10.16 6.70
N ASP A 31 -10.38 10.56 7.80
CA ASP A 31 -10.77 11.78 8.47
C ASP A 31 -9.52 12.50 9.00
N GLY A 32 -8.64 12.85 8.07
CA GLY A 32 -7.42 13.54 8.43
C GLY A 32 -6.88 14.35 7.24
N CYS A 33 -7.14 13.84 6.05
CA CYS A 33 -6.68 14.50 4.84
C CYS A 33 -7.58 15.72 4.60
N LYS A 34 -7.15 16.55 3.67
CA LYS A 34 -7.90 17.76 3.33
C LYS A 34 -9.26 17.36 2.74
N ALA A 35 -9.31 16.15 2.22
CA ALA A 35 -10.53 15.64 1.62
C ALA A 35 -11.00 14.41 2.41
N GLY A 36 -10.58 14.36 3.67
CA GLY A 36 -10.95 13.25 4.54
C GLY A 36 -10.88 11.92 3.79
N GLN A 37 -9.73 11.69 3.17
CA GLN A 37 -9.52 10.47 2.41
C GLN A 37 -8.03 10.11 2.40
N ILE A 38 -7.74 8.92 2.90
CA ILE A 38 -6.37 8.44 2.96
C ILE A 38 -6.11 7.51 1.76
N ALA A 39 -4.88 7.59 1.26
CA ALA A 39 -4.49 6.78 0.12
C ALA A 39 -4.11 5.37 0.61
N SER A 40 -4.99 4.43 0.32
CA SER A 40 -4.77 3.05 0.73
C SER A 40 -5.08 2.11 -0.43
N SER A 41 -4.91 0.81 -0.17
CA SER A 41 -5.17 -0.19 -1.17
C SER A 41 -6.31 -1.10 -0.72
N PRO A 42 -7.56 -0.62 -0.91
CA PRO A 42 -8.74 -1.37 -0.53
C PRO A 42 -9.00 -2.51 -1.51
N ARG A 43 -9.24 -2.14 -2.76
CA ARG A 43 -9.51 -3.11 -3.80
C ARG A 43 -8.20 -3.53 -4.49
N THR A 44 -7.50 -4.45 -3.85
CA THR A 44 -6.24 -4.94 -4.38
C THR A 44 -6.48 -6.09 -5.35
N GLU A 45 -7.71 -6.15 -5.86
CA GLU A 45 -8.08 -7.19 -6.79
C GLU A 45 -7.06 -7.27 -7.93
N ASP A 46 -6.47 -6.12 -8.25
CA ASP A 46 -5.49 -6.05 -9.31
C ASP A 46 -4.13 -5.67 -8.70
N CYS A 47 -3.23 -6.65 -8.70
CA CYS A 47 -1.91 -6.43 -8.16
C CYS A 47 -1.24 -7.80 -7.96
N VAL A 48 -0.22 -8.03 -8.77
CA VAL A 48 0.51 -9.29 -8.70
C VAL A 48 1.86 -9.06 -8.00
N GLY A 49 1.80 -8.30 -6.92
CA GLY A 49 3.00 -8.00 -6.16
C GLY A 49 4.13 -7.54 -7.08
N CYS A 50 3.88 -6.43 -7.77
CA CYS A 50 4.86 -5.88 -8.68
C CYS A 50 5.85 -5.04 -7.87
N LYS A 51 6.93 -4.65 -8.53
CA LYS A 51 7.97 -3.86 -7.89
C LYS A 51 7.82 -2.40 -8.34
N ARG A 52 6.97 -1.68 -7.65
CA ARG A 52 6.74 -0.28 -7.95
C ARG A 52 6.58 0.54 -6.66
N CYS A 53 5.53 0.21 -5.93
CA CYS A 53 5.24 0.90 -4.68
C CYS A 53 6.56 1.08 -3.93
N GLU A 54 6.91 0.07 -3.14
CA GLU A 54 8.13 0.09 -2.36
C GLU A 54 8.42 1.51 -1.87
N THR A 55 7.35 2.17 -1.42
CA THR A 55 7.47 3.52 -0.91
C THR A 55 6.24 3.88 -0.07
N ALA A 56 5.64 2.85 0.51
CA ALA A 56 4.47 3.05 1.35
C ALA A 56 4.84 3.92 2.54
N CYS A 57 4.67 5.23 2.35
CA CYS A 57 4.98 6.18 3.40
C CYS A 57 6.41 5.91 3.89
N PRO A 58 6.87 6.79 4.82
CA PRO A 58 8.21 6.65 5.37
C PRO A 58 8.29 5.49 6.37
N THR A 59 7.18 4.78 6.47
CA THR A 59 7.10 3.64 7.38
C THR A 59 6.80 4.11 8.80
N ASP A 60 6.83 5.42 8.98
CA ASP A 60 6.55 6.00 10.28
C ASP A 60 5.33 5.32 10.90
N PHE A 61 4.48 4.81 10.02
CA PHE A 61 3.27 4.13 10.47
C PHE A 61 3.24 2.68 9.97
N LEU A 62 2.51 2.47 8.89
CA LEU A 62 2.41 1.15 8.31
C LEU A 62 2.33 0.11 9.43
N SER A 63 1.10 -0.16 9.86
CA SER A 63 0.87 -1.12 10.92
C SER A 63 1.81 -2.32 10.74
N ILE A 64 2.40 -2.74 11.86
CA ILE A 64 3.31 -3.88 11.84
C ILE A 64 2.55 -5.12 11.44
N ARG A 65 2.55 -5.40 10.14
CA ARG A 65 1.87 -6.56 9.61
C ARG A 65 2.79 -7.34 8.66
N VAL A 66 3.50 -6.58 7.83
CA VAL A 66 4.41 -7.17 6.87
C VAL A 66 3.61 -7.99 5.86
N TYR A 67 4.00 -7.85 4.59
CA TYR A 67 3.34 -8.56 3.52
C TYR A 67 4.23 -8.64 2.28
N LEU A 68 4.53 -7.48 1.72
CA LEU A 68 5.38 -7.40 0.55
C LEU A 68 6.56 -8.36 0.71
N GLY A 69 6.69 -9.25 -0.26
CA GLY A 69 7.77 -10.22 -0.24
C GLY A 69 8.06 -10.69 1.19
N ALA A 70 7.00 -11.12 1.86
CA ALA A 70 7.11 -11.60 3.23
C ALA A 70 6.59 -13.03 3.31
N GLU A 71 5.29 -13.17 3.05
CA GLU A 71 4.65 -14.47 3.09
C GLU A 71 4.54 -15.06 1.68
N THR A 72 3.87 -14.31 0.81
CA THR A 72 3.68 -14.73 -0.56
C THR A 72 3.44 -16.24 -0.62
N THR A 73 2.53 -16.70 0.22
CA THR A 73 2.19 -18.12 0.26
C THR A 73 0.77 -18.34 -0.26
N ARG A 74 -0.17 -17.63 0.34
CA ARG A 74 -1.56 -17.75 -0.06
C ARG A 74 -2.04 -16.44 -0.69
N SER A 75 -1.35 -15.37 -0.36
CA SER A 75 -1.70 -14.06 -0.89
C SER A 75 -0.68 -13.64 -1.96
N MET A 76 0.00 -14.64 -2.51
CA MET A 76 1.00 -14.39 -3.53
C MET A 76 0.55 -13.26 -4.46
N GLY A 77 -0.56 -13.50 -5.15
CA GLY A 77 -1.11 -12.52 -6.07
C GLY A 77 -2.43 -13.00 -6.67
N LEU A 78 -2.49 -14.30 -6.94
CA LEU A 78 -3.68 -14.90 -7.50
C LEU A 78 -4.28 -15.89 -6.50
N ALA A 79 -3.40 -16.68 -5.92
CA ALA A 79 -3.82 -17.67 -4.94
C ALA A 79 -4.87 -17.06 -4.01
N TYR A 80 -4.72 -15.75 -3.80
CA TYR A 80 -5.63 -15.03 -2.93
C TYR A 80 -7.02 -14.91 -3.58
N SER A 1 11.27 -0.80 0.90
CA SER A 1 11.06 -2.20 1.20
C SER A 1 9.99 -2.36 2.27
N HIS A 2 8.80 -1.85 1.96
CA HIS A 2 7.69 -1.93 2.89
C HIS A 2 6.37 -2.03 2.11
N SER A 3 5.49 -2.89 2.59
CA SER A 3 4.20 -3.07 1.95
C SER A 3 3.36 -1.80 2.08
N VAL A 4 2.24 -1.80 1.39
CA VAL A 4 1.34 -0.66 1.42
C VAL A 4 -0.05 -1.13 1.84
N LYS A 5 -0.08 -2.00 2.83
CA LYS A 5 -1.33 -2.52 3.34
C LYS A 5 -2.37 -1.40 3.40
N ILE A 6 -3.63 -1.80 3.45
CA ILE A 6 -4.72 -0.84 3.51
C ILE A 6 -4.68 -0.13 4.87
N TYR A 7 -3.73 0.76 5.01
CA TYR A 7 -3.58 1.51 6.25
C TYR A 7 -3.78 3.02 6.01
N ASP A 8 -4.03 3.73 7.10
CA ASP A 8 -4.24 5.16 7.03
C ASP A 8 -2.90 5.88 7.17
N THR A 9 -1.90 5.33 6.51
CA THR A 9 -0.56 5.90 6.56
C THR A 9 -0.39 6.92 5.44
N CYS A 10 -0.65 8.18 5.76
CA CYS A 10 -0.52 9.26 4.79
C CYS A 10 -0.37 10.57 5.55
N ILE A 11 0.56 11.39 5.08
CA ILE A 11 0.80 12.68 5.70
C ILE A 11 0.49 13.79 4.70
N GLY A 12 0.71 13.49 3.44
CA GLY A 12 0.45 14.45 2.37
C GLY A 12 1.67 14.58 1.46
N CYS A 13 2.28 13.45 1.17
CA CYS A 13 3.45 13.43 0.30
C CYS A 13 3.04 12.85 -1.05
N THR A 14 3.99 12.86 -1.98
CA THR A 14 3.73 12.35 -3.32
C THR A 14 4.57 11.09 -3.58
N GLN A 15 4.25 10.04 -2.83
CA GLN A 15 4.96 8.78 -2.97
C GLN A 15 4.02 7.61 -2.63
N CYS A 16 4.21 6.52 -3.36
CA CYS A 16 3.40 5.33 -3.15
C CYS A 16 2.16 5.43 -4.04
N VAL A 17 1.64 6.64 -4.14
CA VAL A 17 0.46 6.88 -4.96
C VAL A 17 0.89 7.16 -6.40
N ARG A 18 2.17 6.93 -6.66
CA ARG A 18 2.72 7.14 -7.99
C ARG A 18 3.26 5.84 -8.56
N ALA A 19 4.17 5.23 -7.81
CA ALA A 19 4.78 3.98 -8.24
C ALA A 19 3.73 2.86 -8.17
N CYS A 20 3.07 2.65 -9.30
CA CYS A 20 2.05 1.63 -9.40
C CYS A 20 1.48 1.63 -10.81
N PRO A 21 1.94 0.66 -11.63
CA PRO A 21 1.48 0.55 -13.01
C PRO A 21 0.06 -0.01 -13.07
N LEU A 22 -0.11 -1.17 -12.43
CA LEU A 22 -1.42 -1.82 -12.41
C LEU A 22 -2.49 -0.79 -12.03
N ASP A 23 -2.05 0.24 -11.33
CA ASP A 23 -2.96 1.30 -10.91
C ASP A 23 -3.98 0.72 -9.93
N VAL A 24 -3.49 0.44 -8.72
CA VAL A 24 -4.35 -0.11 -7.68
C VAL A 24 -4.42 0.86 -6.51
N LEU A 25 -3.30 1.51 -6.25
CA LEU A 25 -3.22 2.46 -5.15
C LEU A 25 -4.10 3.68 -5.48
N GLU A 26 -5.22 3.76 -4.77
CA GLU A 26 -6.14 4.85 -4.97
C GLU A 26 -6.55 5.46 -3.63
N MET A 27 -7.58 6.30 -3.68
CA MET A 27 -8.08 6.95 -2.48
C MET A 27 -9.11 6.08 -1.76
N VAL A 28 -8.98 6.00 -0.45
CA VAL A 28 -9.90 5.22 0.35
C VAL A 28 -10.59 6.13 1.37
N PRO A 29 -11.58 5.54 2.10
CA PRO A 29 -12.32 6.28 3.10
C PRO A 29 -11.47 6.49 4.36
N TRP A 30 -11.13 7.75 4.60
CA TRP A 30 -10.33 8.09 5.76
C TRP A 30 -10.95 9.32 6.42
N ASP A 31 -10.37 9.72 7.54
CA ASP A 31 -10.87 10.87 8.28
C ASP A 31 -9.68 11.63 8.87
N GLY A 32 -8.81 12.10 7.98
CA GLY A 32 -7.64 12.85 8.40
C GLY A 32 -7.14 13.76 7.27
N CYS A 33 -7.30 13.26 6.05
CA CYS A 33 -6.86 14.01 4.89
C CYS A 33 -7.82 15.19 4.69
N LYS A 34 -7.43 16.09 3.80
CA LYS A 34 -8.24 17.25 3.51
C LYS A 34 -9.58 16.82 2.93
N ALA A 35 -9.56 15.64 2.31
CA ALA A 35 -10.76 15.09 1.70
C ALA A 35 -11.13 13.79 2.41
N GLY A 36 -10.74 13.70 3.67
CA GLY A 36 -11.03 12.52 4.46
C GLY A 36 -10.87 11.25 3.63
N GLN A 37 -9.72 11.16 2.95
CA GLN A 37 -9.43 10.01 2.12
C GLN A 37 -7.93 9.74 2.09
N ILE A 38 -7.55 8.56 2.54
CA ILE A 38 -6.15 8.17 2.56
C ILE A 38 -5.82 7.39 1.30
N ALA A 39 -4.66 7.69 0.74
CA ALA A 39 -4.21 7.02 -0.47
C ALA A 39 -3.83 5.58 -0.14
N SER A 40 -4.73 4.66 -0.48
CA SER A 40 -4.51 3.26 -0.22
C SER A 40 -5.46 2.41 -1.07
N SER A 41 -5.30 1.10 -0.95
CA SER A 41 -6.15 0.18 -1.70
C SER A 41 -7.59 0.25 -1.20
N PRO A 42 -8.50 0.62 -2.13
CA PRO A 42 -9.92 0.73 -1.79
C PRO A 42 -10.55 -0.65 -1.64
N ARG A 43 -10.35 -1.47 -2.66
CA ARG A 43 -10.90 -2.81 -2.66
C ARG A 43 -9.89 -3.80 -3.24
N THR A 44 -8.66 -3.32 -3.40
CA THR A 44 -7.60 -4.15 -3.94
C THR A 44 -8.11 -4.95 -5.15
N GLU A 45 -9.17 -4.43 -5.75
CA GLU A 45 -9.76 -5.08 -6.91
C GLU A 45 -8.66 -5.45 -7.92
N ASP A 46 -7.62 -4.65 -7.93
CA ASP A 46 -6.50 -4.88 -8.83
C ASP A 46 -5.29 -5.36 -8.04
N CYS A 47 -4.14 -5.34 -8.70
CA CYS A 47 -2.91 -5.78 -8.06
C CYS A 47 -2.90 -7.31 -8.04
N VAL A 48 -1.81 -7.87 -8.55
CA VAL A 48 -1.66 -9.32 -8.58
C VAL A 48 -0.49 -9.72 -7.70
N GLY A 49 0.52 -8.86 -7.65
CA GLY A 49 1.70 -9.12 -6.86
C GLY A 49 2.96 -8.62 -7.56
N CYS A 50 2.99 -7.32 -7.80
CA CYS A 50 4.13 -6.71 -8.47
C CYS A 50 4.89 -5.87 -7.44
N LYS A 51 6.21 -5.92 -7.54
CA LYS A 51 7.06 -5.17 -6.63
C LYS A 51 7.29 -3.77 -7.19
N ARG A 52 6.36 -2.88 -6.86
CA ARG A 52 6.45 -1.50 -7.31
C ARG A 52 5.59 -0.59 -6.42
N CYS A 53 5.98 -0.51 -5.16
CA CYS A 53 5.25 0.31 -4.21
C CYS A 53 5.91 0.14 -2.84
N GLU A 54 7.23 0.28 -2.82
CA GLU A 54 7.98 0.14 -1.58
C GLU A 54 8.28 1.52 -0.99
N THR A 55 7.21 2.24 -0.69
CA THR A 55 7.34 3.57 -0.13
C THR A 55 6.00 4.06 0.41
N ALA A 56 5.22 3.12 0.92
CA ALA A 56 3.91 3.44 1.46
C ALA A 56 4.01 4.71 2.31
N CYS A 57 5.03 4.75 3.14
CA CYS A 57 5.25 5.90 4.00
C CYS A 57 6.56 5.69 4.77
N PRO A 58 7.01 6.78 5.45
CA PRO A 58 8.23 6.72 6.22
C PRO A 58 8.04 5.94 7.52
N THR A 59 7.37 6.59 8.46
CA THR A 59 7.10 5.98 9.75
C THR A 59 5.69 6.33 10.23
N ASP A 60 5.52 6.31 11.55
CA ASP A 60 4.24 6.62 12.15
C ASP A 60 3.35 5.38 12.14
N PHE A 61 3.33 4.71 11.00
CA PHE A 61 2.54 3.50 10.85
C PHE A 61 3.42 2.31 10.49
N LEU A 62 4.22 2.50 9.45
CA LEU A 62 5.13 1.44 9.00
C LEU A 62 5.77 0.78 10.21
N SER A 63 5.18 -0.33 10.63
CA SER A 63 5.69 -1.07 11.78
C SER A 63 4.83 -2.31 12.03
N ILE A 64 3.53 -2.12 11.87
CA ILE A 64 2.58 -3.20 12.08
C ILE A 64 3.01 -4.42 11.26
N ARG A 65 2.74 -4.36 9.96
CA ARG A 65 3.10 -5.43 9.06
C ARG A 65 4.05 -4.93 7.98
N VAL A 66 4.79 -5.86 7.40
CA VAL A 66 5.74 -5.53 6.35
C VAL A 66 6.03 -6.77 5.52
N TYR A 67 5.87 -6.61 4.21
CA TYR A 67 6.11 -7.71 3.28
C TYR A 67 7.29 -7.40 2.37
N LEU A 68 7.20 -6.27 1.70
CA LEU A 68 8.25 -5.84 0.78
C LEU A 68 9.60 -6.18 1.38
N GLY A 69 10.18 -7.27 0.89
CA GLY A 69 11.48 -7.70 1.37
C GLY A 69 11.35 -8.43 2.71
N ALA A 70 10.53 -9.48 2.71
CA ALA A 70 10.32 -10.26 3.92
C ALA A 70 9.62 -11.57 3.54
N GLU A 71 8.62 -11.45 2.67
CA GLU A 71 7.87 -12.60 2.24
C GLU A 71 8.80 -13.77 1.93
N THR A 72 9.92 -13.44 1.29
CA THR A 72 10.90 -14.45 0.94
C THR A 72 10.21 -15.74 0.47
N THR A 73 9.28 -15.57 -0.46
CA THR A 73 8.54 -16.70 -0.99
C THR A 73 9.40 -17.49 -1.98
N ARG A 74 10.25 -16.74 -2.68
CA ARG A 74 11.13 -17.36 -3.67
C ARG A 74 12.43 -17.82 -2.99
N SER A 75 12.68 -17.26 -1.82
CA SER A 75 13.88 -17.61 -1.07
C SER A 75 13.50 -18.31 0.24
N MET A 76 12.21 -18.62 0.35
CA MET A 76 11.71 -19.29 1.54
C MET A 76 12.74 -20.27 2.10
N GLY A 77 13.12 -21.21 1.25
CA GLY A 77 14.10 -22.23 1.64
C GLY A 77 14.39 -23.18 0.48
N LEU A 78 13.33 -23.52 -0.24
CA LEU A 78 13.46 -24.43 -1.37
C LEU A 78 13.26 -23.64 -2.68
N ALA A 79 12.20 -22.86 -2.69
CA ALA A 79 11.89 -22.05 -3.87
C ALA A 79 13.18 -21.44 -4.42
N TYR A 80 14.10 -21.18 -3.51
CA TYR A 80 15.39 -20.59 -3.89
C TYR A 80 16.22 -21.59 -4.71
N SER A 1 9.17 0.22 7.31
CA SER A 1 9.23 1.11 6.16
C SER A 1 8.62 0.41 4.94
N HIS A 2 8.94 -0.87 4.81
CA HIS A 2 8.43 -1.66 3.70
C HIS A 2 6.95 -1.96 3.92
N SER A 3 6.45 -2.92 3.14
CA SER A 3 5.06 -3.31 3.24
C SER A 3 4.15 -2.15 2.84
N VAL A 4 2.99 -2.49 2.30
CA VAL A 4 2.04 -1.48 1.88
C VAL A 4 0.63 -1.92 2.30
N LYS A 5 0.54 -2.42 3.52
CA LYS A 5 -0.74 -2.87 4.05
C LYS A 5 -1.72 -1.71 4.05
N ILE A 6 -3.00 -2.06 3.98
CA ILE A 6 -4.05 -1.06 3.97
C ILE A 6 -4.09 -0.35 5.32
N TYR A 7 -3.78 0.94 5.28
CA TYR A 7 -3.77 1.75 6.49
C TYR A 7 -3.89 3.24 6.17
N ASP A 8 -4.09 4.02 7.21
CA ASP A 8 -4.23 5.46 7.04
C ASP A 8 -2.86 6.11 7.09
N THR A 9 -1.90 5.46 6.43
CA THR A 9 -0.55 5.98 6.39
C THR A 9 -0.40 7.02 5.28
N CYS A 10 -0.58 8.28 5.69
CA CYS A 10 -0.47 9.39 4.75
C CYS A 10 -0.27 10.68 5.55
N ILE A 11 0.68 11.48 5.10
CA ILE A 11 0.97 12.73 5.76
C ILE A 11 0.63 13.89 4.83
N GLY A 12 0.40 13.54 3.57
CA GLY A 12 0.06 14.54 2.57
C GLY A 12 1.17 14.66 1.52
N CYS A 13 1.75 13.53 1.18
CA CYS A 13 2.82 13.49 0.19
C CYS A 13 2.29 12.81 -1.06
N THR A 14 3.05 12.93 -2.14
CA THR A 14 2.68 12.33 -3.41
C THR A 14 3.60 11.15 -3.73
N GLN A 15 3.59 10.18 -2.82
CA GLN A 15 4.40 8.99 -3.01
C GLN A 15 3.61 7.73 -2.62
N CYS A 16 3.86 6.67 -3.38
CA CYS A 16 3.17 5.41 -3.12
C CYS A 16 1.89 5.38 -3.96
N VAL A 17 1.32 6.57 -4.14
CA VAL A 17 0.10 6.69 -4.92
C VAL A 17 0.45 6.91 -6.39
N ARG A 18 1.70 6.63 -6.72
CA ARG A 18 2.18 6.80 -8.08
C ARG A 18 3.01 5.59 -8.50
N ALA A 19 3.94 5.21 -7.63
CA ALA A 19 4.79 4.06 -7.89
C ALA A 19 3.97 2.96 -8.54
N CYS A 20 2.87 2.61 -7.89
CA CYS A 20 1.99 1.56 -8.39
C CYS A 20 1.86 1.74 -9.91
N PRO A 21 2.31 0.69 -10.64
CA PRO A 21 2.25 0.71 -12.09
C PRO A 21 0.82 0.48 -12.59
N LEU A 22 0.09 -0.32 -11.82
CA LEU A 22 -1.30 -0.63 -12.17
C LEU A 22 -2.19 0.52 -11.71
N ASP A 23 -2.94 0.26 -10.64
CA ASP A 23 -3.84 1.26 -10.10
C ASP A 23 -4.60 0.66 -8.92
N VAL A 24 -3.85 0.36 -7.87
CA VAL A 24 -4.44 -0.21 -6.66
C VAL A 24 -4.53 0.86 -5.58
N LEU A 25 -3.44 1.59 -5.42
CA LEU A 25 -3.38 2.64 -4.42
C LEU A 25 -4.25 3.82 -4.88
N GLU A 26 -5.50 3.80 -4.43
CA GLU A 26 -6.43 4.85 -4.78
C GLU A 26 -6.85 5.64 -3.54
N MET A 27 -7.93 6.38 -3.68
CA MET A 27 -8.44 7.18 -2.58
C MET A 27 -9.48 6.41 -1.77
N VAL A 28 -9.35 6.50 -0.45
CA VAL A 28 -10.26 5.81 0.44
C VAL A 28 -10.81 6.81 1.47
N PRO A 29 -11.86 6.35 2.21
CA PRO A 29 -12.47 7.19 3.23
C PRO A 29 -11.58 7.29 4.47
N TRP A 30 -11.15 8.51 4.75
CA TRP A 30 -10.29 8.76 5.90
C TRP A 30 -10.80 10.01 6.61
N ASP A 31 -10.18 10.30 7.74
CA ASP A 31 -10.57 11.46 8.53
C ASP A 31 -9.31 12.14 9.08
N GLY A 32 -8.44 12.56 8.17
CA GLY A 32 -7.20 13.21 8.56
C GLY A 32 -6.69 14.14 7.45
N CYS A 33 -6.95 13.71 6.22
CA CYS A 33 -6.52 14.49 5.07
C CYS A 33 -7.47 15.68 4.92
N LYS A 34 -7.09 16.60 4.04
CA LYS A 34 -7.89 17.79 3.80
C LYS A 34 -9.23 17.37 3.17
N ALA A 35 -9.20 16.23 2.51
CA ALA A 35 -10.39 15.70 1.87
C ALA A 35 -10.84 14.43 2.58
N GLY A 36 -10.42 14.31 3.83
CA GLY A 36 -10.76 13.16 4.64
C GLY A 36 -10.71 11.87 3.81
N GLN A 37 -9.58 11.69 3.13
CA GLN A 37 -9.40 10.52 2.30
C GLN A 37 -7.90 10.16 2.21
N ILE A 38 -7.60 8.96 2.67
CA ILE A 38 -6.21 8.50 2.66
C ILE A 38 -6.00 7.62 1.43
N ALA A 39 -4.80 7.74 0.86
CA ALA A 39 -4.46 6.98 -0.33
C ALA A 39 -4.05 5.57 0.09
N SER A 40 -4.93 4.62 -0.20
CA SER A 40 -4.68 3.23 0.14
C SER A 40 -5.15 2.32 -1.01
N SER A 41 -5.11 1.03 -0.74
CA SER A 41 -5.52 0.04 -1.73
C SER A 41 -6.77 -0.69 -1.25
N PRO A 42 -7.95 -0.09 -1.55
CA PRO A 42 -9.22 -0.67 -1.15
C PRO A 42 -9.56 -1.87 -2.05
N ARG A 43 -9.73 -1.58 -3.33
CA ARG A 43 -10.06 -2.62 -4.29
C ARG A 43 -8.78 -3.28 -4.82
N THR A 44 -8.31 -4.26 -4.06
CA THR A 44 -7.11 -4.98 -4.45
C THR A 44 -7.43 -6.04 -5.49
N GLU A 45 -8.63 -5.91 -6.06
CA GLU A 45 -9.06 -6.86 -7.08
C GLU A 45 -7.95 -7.11 -8.10
N ASP A 46 -7.07 -6.13 -8.20
CA ASP A 46 -5.96 -6.22 -9.13
C ASP A 46 -4.67 -6.56 -8.36
N CYS A 47 -3.55 -6.31 -9.00
CA CYS A 47 -2.26 -6.59 -8.38
C CYS A 47 -2.08 -8.11 -8.31
N VAL A 48 -0.84 -8.54 -8.51
CA VAL A 48 -0.52 -9.95 -8.46
C VAL A 48 0.97 -10.13 -8.20
N GLY A 49 1.44 -9.43 -7.18
CA GLY A 49 2.85 -9.50 -6.80
C GLY A 49 3.72 -8.75 -7.82
N CYS A 50 3.55 -7.44 -7.85
CA CYS A 50 4.30 -6.59 -8.75
C CYS A 50 5.15 -5.63 -7.92
N LYS A 51 4.97 -5.70 -6.61
CA LYS A 51 5.70 -4.84 -5.70
C LYS A 51 5.59 -3.39 -6.18
N ARG A 52 6.75 -2.84 -6.55
CA ARG A 52 6.79 -1.47 -7.04
C ARG A 52 6.52 -0.50 -5.89
N CYS A 53 5.35 -0.64 -5.30
CA CYS A 53 4.95 0.21 -4.19
C CYS A 53 5.94 -0.01 -3.04
N GLU A 54 7.08 0.66 -3.13
CA GLU A 54 8.10 0.54 -2.11
C GLU A 54 8.33 1.90 -1.44
N THR A 55 7.24 2.54 -1.09
CA THR A 55 7.31 3.84 -0.44
C THR A 55 5.94 4.23 0.14
N ALA A 56 5.33 3.28 0.82
CA ALA A 56 4.03 3.51 1.44
C ALA A 56 4.08 4.78 2.28
N CYS A 57 5.16 4.91 3.02
CA CYS A 57 5.35 6.07 3.89
C CYS A 57 6.60 5.86 4.72
N PRO A 58 7.18 7.00 5.20
CA PRO A 58 8.38 6.95 6.02
C PRO A 58 8.07 6.46 7.43
N THR A 59 7.45 5.29 7.50
CA THR A 59 7.09 4.70 8.78
C THR A 59 6.16 5.63 9.55
N ASP A 60 6.15 5.46 10.86
CA ASP A 60 5.31 6.28 11.72
C ASP A 60 3.91 5.68 11.77
N PHE A 61 3.42 5.29 10.61
CA PHE A 61 2.09 4.70 10.50
C PHE A 61 2.18 3.20 10.22
N LEU A 62 2.52 2.88 8.98
CA LEU A 62 2.64 1.50 8.57
C LEU A 62 3.72 0.80 9.41
N SER A 63 4.42 -0.12 8.78
CA SER A 63 5.48 -0.85 9.45
C SER A 63 4.88 -1.77 10.53
N ILE A 64 3.81 -2.45 10.16
CA ILE A 64 3.14 -3.35 11.07
C ILE A 64 3.08 -4.74 10.45
N ARG A 65 2.40 -4.82 9.31
CA ARG A 65 2.26 -6.08 8.61
C ARG A 65 3.24 -6.15 7.43
N VAL A 66 4.35 -6.84 7.65
CA VAL A 66 5.36 -6.98 6.62
C VAL A 66 4.72 -7.62 5.38
N TYR A 67 5.20 -7.17 4.22
CA TYR A 67 4.69 -7.69 2.96
C TYR A 67 5.80 -7.74 1.91
N LEU A 68 6.19 -6.56 1.44
CA LEU A 68 7.23 -6.46 0.44
C LEU A 68 8.33 -7.48 0.74
N GLY A 69 8.44 -8.46 -0.14
CA GLY A 69 9.44 -9.50 0.02
C GLY A 69 9.22 -10.28 1.31
N ALA A 70 8.17 -11.09 1.31
CA ALA A 70 7.84 -11.89 2.47
C ALA A 70 6.81 -12.95 2.09
N GLU A 71 5.72 -12.48 1.49
CA GLU A 71 4.65 -13.37 1.06
C GLU A 71 5.24 -14.62 0.41
N THR A 72 6.22 -14.39 -0.46
CA THR A 72 6.87 -15.49 -1.17
C THR A 72 5.85 -16.57 -1.53
N THR A 73 4.93 -16.19 -2.40
CA THR A 73 3.89 -17.12 -2.85
C THR A 73 4.06 -17.44 -4.33
N ARG A 74 4.62 -16.48 -5.06
CA ARG A 74 4.84 -16.65 -6.48
C ARG A 74 6.27 -17.13 -6.74
N SER A 75 7.14 -16.88 -5.76
CA SER A 75 8.52 -17.29 -5.87
C SER A 75 8.88 -18.25 -4.74
N MET A 76 7.85 -18.65 -4.01
CA MET A 76 8.03 -19.57 -2.90
C MET A 76 9.12 -20.59 -3.21
N GLY A 77 8.90 -21.34 -4.28
CA GLY A 77 9.85 -22.36 -4.69
C GLY A 77 9.30 -23.18 -5.86
N LEU A 78 8.65 -22.48 -6.78
CA LEU A 78 8.08 -23.14 -7.94
C LEU A 78 8.91 -22.79 -9.18
N ALA A 79 8.82 -21.52 -9.57
CA ALA A 79 9.55 -21.05 -10.73
C ALA A 79 10.97 -20.66 -10.31
N TYR A 80 11.04 -20.03 -9.15
CA TYR A 80 12.33 -19.60 -8.62
C TYR A 80 13.43 -20.61 -8.95
N SER A 1 8.97 1.72 3.40
CA SER A 1 8.90 0.62 2.44
C SER A 1 8.48 -0.66 3.17
N HIS A 2 7.28 -0.63 3.72
CA HIS A 2 6.75 -1.78 4.43
C HIS A 2 5.36 -2.11 3.90
N SER A 3 4.73 -3.09 4.54
CA SER A 3 3.40 -3.51 4.16
C SER A 3 2.56 -2.30 3.75
N VAL A 4 1.66 -2.53 2.81
CA VAL A 4 0.80 -1.46 2.34
C VAL A 4 -0.61 -1.65 2.92
N LYS A 5 -1.23 -2.75 2.54
CA LYS A 5 -2.57 -3.06 3.02
C LYS A 5 -3.38 -1.76 3.12
N ILE A 6 -4.38 -1.80 3.98
CA ILE A 6 -5.25 -0.64 4.18
C ILE A 6 -4.92 -0.01 5.54
N TYR A 7 -4.53 1.25 5.49
CA TYR A 7 -4.20 1.98 6.71
C TYR A 7 -4.30 3.49 6.49
N ASP A 8 -4.52 4.20 7.58
CA ASP A 8 -4.63 5.65 7.52
C ASP A 8 -3.26 6.27 7.70
N THR A 9 -2.26 5.65 7.07
CA THR A 9 -0.90 6.12 7.16
C THR A 9 -0.57 7.02 5.95
N CYS A 10 -0.78 8.31 6.14
CA CYS A 10 -0.52 9.27 5.09
C CYS A 10 -0.12 10.59 5.73
N ILE A 11 0.76 11.31 5.04
CA ILE A 11 1.23 12.59 5.54
C ILE A 11 0.78 13.70 4.59
N GLY A 12 0.92 13.42 3.30
CA GLY A 12 0.53 14.38 2.28
C GLY A 12 1.58 14.45 1.17
N CYS A 13 2.04 13.28 0.74
CA CYS A 13 3.03 13.19 -0.30
C CYS A 13 2.38 12.54 -1.53
N THR A 14 3.17 12.43 -2.59
CA THR A 14 2.69 11.84 -3.82
C THR A 14 3.23 10.41 -3.98
N GLN A 15 4.28 10.12 -3.20
CA GLN A 15 4.89 8.81 -3.24
C GLN A 15 3.87 7.72 -2.89
N CYS A 16 3.98 6.60 -3.58
CA CYS A 16 3.08 5.49 -3.34
C CYS A 16 1.86 5.65 -4.26
N VAL A 17 1.41 6.90 -4.36
CA VAL A 17 0.25 7.20 -5.20
C VAL A 17 0.74 7.54 -6.62
N ARG A 18 1.90 7.01 -6.95
CA ARG A 18 2.48 7.24 -8.27
C ARG A 18 2.92 5.93 -8.89
N ALA A 19 3.73 5.19 -8.14
CA ALA A 19 4.23 3.91 -8.62
C ALA A 19 3.13 2.86 -8.51
N CYS A 20 2.26 2.84 -9.50
CA CYS A 20 1.17 1.90 -9.53
C CYS A 20 0.38 2.11 -10.83
N PRO A 21 0.79 1.35 -11.88
CA PRO A 21 0.12 1.45 -13.17
C PRO A 21 -1.24 0.75 -13.14
N LEU A 22 -1.26 -0.41 -12.51
CA LEU A 22 -2.48 -1.19 -12.41
C LEU A 22 -3.54 -0.37 -11.66
N ASP A 23 -3.62 -0.62 -10.36
CA ASP A 23 -4.58 0.10 -9.53
C ASP A 23 -4.61 -0.55 -8.14
N VAL A 24 -3.80 0.01 -7.26
CA VAL A 24 -3.72 -0.50 -5.89
C VAL A 24 -3.89 0.67 -4.91
N LEU A 25 -2.87 1.50 -4.87
CA LEU A 25 -2.89 2.66 -3.98
C LEU A 25 -3.87 3.70 -4.53
N GLU A 26 -5.10 3.61 -4.04
CA GLU A 26 -6.15 4.53 -4.46
C GLU A 26 -6.60 5.39 -3.28
N MET A 27 -7.69 6.12 -3.51
CA MET A 27 -8.24 6.98 -2.48
C MET A 27 -9.32 6.25 -1.67
N VAL A 28 -9.22 6.39 -0.36
CA VAL A 28 -10.18 5.75 0.53
C VAL A 28 -10.77 6.79 1.47
N PRO A 29 -11.84 6.37 2.21
CA PRO A 29 -12.51 7.26 3.14
C PRO A 29 -11.66 7.46 4.40
N TRP A 30 -11.24 8.70 4.61
CA TRP A 30 -10.44 9.03 5.77
C TRP A 30 -10.96 10.36 6.34
N ASP A 31 -10.39 10.74 7.48
CA ASP A 31 -10.79 11.97 8.14
C ASP A 31 -9.55 12.65 8.73
N GLY A 32 -8.62 12.99 7.84
CA GLY A 32 -7.39 13.65 8.25
C GLY A 32 -6.80 14.46 7.11
N CYS A 33 -6.99 13.96 5.90
CA CYS A 33 -6.48 14.64 4.72
C CYS A 33 -7.35 15.87 4.46
N LYS A 34 -6.87 16.70 3.53
CA LYS A 34 -7.60 17.91 3.18
C LYS A 34 -8.93 17.53 2.54
N ALA A 35 -8.96 16.34 1.95
CA ALA A 35 -10.16 15.85 1.30
C ALA A 35 -10.69 14.65 2.06
N GLY A 36 -10.31 14.58 3.33
CA GLY A 36 -10.75 13.47 4.18
C GLY A 36 -10.68 12.14 3.42
N GLN A 37 -9.53 11.90 2.81
CA GLN A 37 -9.33 10.68 2.05
C GLN A 37 -7.87 10.25 2.12
N ILE A 38 -7.65 9.06 2.66
CA ILE A 38 -6.31 8.53 2.78
C ILE A 38 -6.02 7.60 1.60
N ALA A 39 -4.79 7.69 1.11
CA ALA A 39 -4.38 6.87 -0.02
C ALA A 39 -4.03 5.47 0.48
N SER A 40 -4.95 4.54 0.22
CA SER A 40 -4.75 3.17 0.64
C SER A 40 -5.11 2.22 -0.51
N SER A 41 -5.05 0.93 -0.22
CA SER A 41 -5.35 -0.08 -1.21
C SER A 41 -6.56 -0.91 -0.75
N PRO A 42 -7.77 -0.39 -1.07
CA PRO A 42 -9.00 -1.07 -0.70
C PRO A 42 -9.25 -2.28 -1.60
N ARG A 43 -9.46 -2.00 -2.88
CA ARG A 43 -9.70 -3.05 -3.84
C ARG A 43 -8.41 -3.43 -4.56
N THR A 44 -7.60 -4.22 -3.87
CA THR A 44 -6.33 -4.67 -4.43
C THR A 44 -6.51 -5.98 -5.19
N GLU A 45 -7.75 -6.20 -5.63
CA GLU A 45 -8.07 -7.40 -6.39
C GLU A 45 -7.13 -7.54 -7.58
N ASP A 46 -6.69 -6.41 -8.10
CA ASP A 46 -5.79 -6.39 -9.23
C ASP A 46 -4.40 -5.93 -8.78
N CYS A 47 -3.44 -6.82 -8.94
CA CYS A 47 -2.08 -6.51 -8.56
C CYS A 47 -1.31 -7.83 -8.42
N VAL A 48 -0.29 -7.98 -9.26
CA VAL A 48 0.52 -9.18 -9.25
C VAL A 48 1.89 -8.86 -8.61
N GLY A 49 1.83 -8.18 -7.49
CA GLY A 49 3.04 -7.81 -6.78
C GLY A 49 4.11 -7.28 -7.74
N CYS A 50 3.84 -6.10 -8.28
CA CYS A 50 4.77 -5.48 -9.22
C CYS A 50 5.61 -4.47 -8.46
N LYS A 51 6.92 -4.63 -8.56
CA LYS A 51 7.85 -3.74 -7.88
C LYS A 51 7.67 -2.32 -8.41
N ARG A 52 6.99 -1.51 -7.62
CA ARG A 52 6.73 -0.13 -8.00
C ARG A 52 6.43 0.72 -6.78
N CYS A 53 5.49 0.22 -5.98
CA CYS A 53 5.09 0.94 -4.77
C CYS A 53 6.29 0.95 -3.81
N GLU A 54 6.35 -0.09 -2.99
CA GLU A 54 7.44 -0.20 -2.02
C GLU A 54 7.78 1.18 -1.44
N THR A 55 6.74 1.97 -1.21
CA THR A 55 6.91 3.29 -0.67
C THR A 55 5.58 3.83 -0.13
N ALA A 56 4.89 2.96 0.62
CA ALA A 56 3.61 3.34 1.20
C ALA A 56 3.82 4.51 2.17
N CYS A 57 4.89 4.41 2.93
CA CYS A 57 5.20 5.45 3.90
C CYS A 57 6.32 4.93 4.81
N PRO A 58 6.79 5.84 5.71
CA PRO A 58 7.84 5.49 6.65
C PRO A 58 7.31 4.60 7.77
N THR A 59 8.19 4.29 8.71
CA THR A 59 7.82 3.46 9.85
C THR A 59 6.97 4.25 10.84
N ASP A 60 6.90 5.55 10.60
CA ASP A 60 6.13 6.43 11.47
C ASP A 60 4.76 5.80 11.74
N PHE A 61 4.34 4.96 10.81
CA PHE A 61 3.05 4.29 10.93
C PHE A 61 3.18 2.80 10.61
N LEU A 62 3.62 2.52 9.39
CA LEU A 62 3.79 1.14 8.96
C LEU A 62 4.54 0.36 10.04
N SER A 63 3.89 -0.69 10.53
CA SER A 63 4.48 -1.52 11.55
C SER A 63 3.42 -2.46 12.14
N ILE A 64 2.68 -3.09 11.24
CA ILE A 64 1.63 -4.01 11.65
C ILE A 64 1.76 -5.31 10.86
N ARG A 65 1.77 -5.17 9.54
CA ARG A 65 1.89 -6.32 8.66
C ARG A 65 3.36 -6.68 8.45
N VAL A 66 4.10 -5.69 7.97
CA VAL A 66 5.52 -5.89 7.72
C VAL A 66 5.72 -7.13 6.84
N TYR A 67 5.24 -7.04 5.61
CA TYR A 67 5.36 -8.14 4.68
C TYR A 67 6.05 -7.69 3.39
N LEU A 68 5.73 -6.47 2.97
CA LEU A 68 6.30 -5.91 1.76
C LEU A 68 7.76 -6.37 1.64
N GLY A 69 7.97 -7.34 0.75
CA GLY A 69 9.30 -7.87 0.53
C GLY A 69 9.96 -8.26 1.85
N ALA A 70 9.31 -9.17 2.56
CA ALA A 70 9.81 -9.64 3.84
C ALA A 70 9.58 -11.15 3.95
N GLU A 71 8.31 -11.52 3.95
CA GLU A 71 7.94 -12.92 4.06
C GLU A 71 8.23 -13.64 2.74
N THR A 72 7.80 -14.90 2.69
CA THR A 72 8.01 -15.71 1.49
C THR A 72 6.76 -16.54 1.19
N THR A 73 5.63 -15.84 1.13
CA THR A 73 4.36 -16.49 0.84
C THR A 73 4.31 -16.93 -0.62
N ARG A 74 5.03 -16.20 -1.45
CA ARG A 74 5.07 -16.49 -2.87
C ARG A 74 6.20 -17.47 -3.18
N SER A 75 7.15 -17.53 -2.25
CA SER A 75 8.30 -18.42 -2.41
C SER A 75 8.21 -19.57 -1.41
N MET A 76 7.12 -19.57 -0.65
CA MET A 76 6.90 -20.61 0.34
C MET A 76 7.40 -21.97 -0.16
N GLY A 77 7.07 -22.25 -1.42
CA GLY A 77 7.48 -23.50 -2.04
C GLY A 77 7.48 -23.40 -3.57
N LEU A 78 7.73 -22.19 -4.04
CA LEU A 78 7.76 -21.93 -5.47
C LEU A 78 9.17 -22.19 -6.00
N ALA A 79 10.15 -21.90 -5.16
CA ALA A 79 11.53 -22.09 -5.53
C ALA A 79 12.29 -22.73 -4.37
N TYR A 80 12.06 -22.19 -3.18
CA TYR A 80 12.70 -22.70 -1.98
C TYR A 80 11.85 -23.80 -1.32
N SER A 1 9.30 1.67 3.68
CA SER A 1 9.33 0.70 2.61
C SER A 1 9.13 -0.72 3.17
N HIS A 2 7.90 -0.99 3.59
CA HIS A 2 7.56 -2.28 4.14
C HIS A 2 6.05 -2.47 4.11
N SER A 3 5.63 -3.47 3.35
CA SER A 3 4.22 -3.78 3.23
C SER A 3 3.46 -2.58 2.65
N VAL A 4 2.34 -2.86 2.02
CA VAL A 4 1.53 -1.82 1.42
C VAL A 4 0.05 -2.14 1.63
N LYS A 5 -0.25 -2.64 2.83
CA LYS A 5 -1.62 -3.00 3.16
C LYS A 5 -2.47 -1.73 3.22
N ILE A 6 -3.74 -1.91 3.57
CA ILE A 6 -4.67 -0.80 3.66
C ILE A 6 -4.52 -0.14 5.04
N TYR A 7 -4.05 1.09 5.02
CA TYR A 7 -3.86 1.83 6.25
C TYR A 7 -3.98 3.35 6.00
N ASP A 8 -4.26 4.07 7.08
CA ASP A 8 -4.40 5.52 6.99
C ASP A 8 -3.02 6.17 7.15
N THR A 9 -2.04 5.56 6.50
CA THR A 9 -0.68 6.07 6.56
C THR A 9 -0.46 7.14 5.49
N CYS A 10 -0.76 8.37 5.85
CA CYS A 10 -0.61 9.49 4.93
C CYS A 10 -0.39 10.76 5.74
N ILE A 11 0.70 11.45 5.43
CA ILE A 11 1.03 12.68 6.13
C ILE A 11 0.83 13.86 5.18
N GLY A 12 0.71 13.55 3.90
CA GLY A 12 0.53 14.57 2.89
C GLY A 12 1.70 14.62 1.92
N CYS A 13 2.18 13.43 1.56
CA CYS A 13 3.30 13.32 0.65
C CYS A 13 2.79 12.71 -0.67
N THR A 14 3.65 12.74 -1.67
CA THR A 14 3.31 12.19 -2.97
C THR A 14 4.19 10.97 -3.28
N GLN A 15 4.15 10.01 -2.38
CA GLN A 15 4.93 8.80 -2.56
C GLN A 15 4.06 7.57 -2.27
N CYS A 16 4.30 6.52 -3.04
CA CYS A 16 3.56 5.28 -2.88
C CYS A 16 2.33 5.34 -3.78
N VAL A 17 1.75 6.53 -3.88
CA VAL A 17 0.58 6.74 -4.70
C VAL A 17 1.02 7.15 -6.11
N ARG A 18 2.18 6.67 -6.50
CA ARG A 18 2.71 6.98 -7.82
C ARG A 18 3.16 5.69 -8.52
N ALA A 19 3.98 4.93 -7.83
CA ALA A 19 4.49 3.68 -8.38
C ALA A 19 3.43 2.59 -8.21
N CYS A 20 2.60 2.45 -9.23
CA CYS A 20 1.54 1.45 -9.21
C CYS A 20 0.75 1.55 -10.51
N PRO A 21 1.14 0.67 -11.48
CA PRO A 21 0.49 0.65 -12.78
C PRO A 21 -0.89 -0.01 -12.68
N LEU A 22 -0.95 -1.07 -11.89
CA LEU A 22 -2.20 -1.79 -11.71
C LEU A 22 -3.30 -0.81 -11.30
N ASP A 23 -3.60 -0.80 -10.01
CA ASP A 23 -4.62 0.07 -9.48
C ASP A 23 -4.77 -0.18 -7.97
N VAL A 24 -3.65 -0.39 -7.33
CA VAL A 24 -3.64 -0.65 -5.90
C VAL A 24 -2.95 0.51 -5.18
N LEU A 25 -3.66 1.62 -5.07
CA LEU A 25 -3.11 2.80 -4.42
C LEU A 25 -3.90 4.03 -4.86
N GLU A 26 -5.17 4.06 -4.45
CA GLU A 26 -6.04 5.17 -4.80
C GLU A 26 -6.54 5.87 -3.53
N MET A 27 -7.51 6.75 -3.71
CA MET A 27 -8.09 7.48 -2.60
C MET A 27 -9.20 6.69 -1.93
N VAL A 28 -9.23 6.75 -0.61
CA VAL A 28 -10.24 6.05 0.16
C VAL A 28 -10.83 6.99 1.21
N PRO A 29 -11.93 6.52 1.85
CA PRO A 29 -12.59 7.31 2.87
C PRO A 29 -11.79 7.30 4.17
N TRP A 30 -11.32 8.49 4.55
CA TRP A 30 -10.53 8.62 5.76
C TRP A 30 -11.22 9.67 6.65
N ASP A 31 -10.49 10.74 6.91
CA ASP A 31 -11.02 11.82 7.74
C ASP A 31 -9.88 12.78 8.10
N GLY A 32 -8.81 12.20 8.63
CA GLY A 32 -7.65 12.98 9.03
C GLY A 32 -7.10 13.77 7.84
N CYS A 33 -7.57 13.42 6.66
CA CYS A 33 -7.13 14.08 5.45
C CYS A 33 -7.93 15.37 5.28
N LYS A 34 -7.32 16.33 4.60
CA LYS A 34 -7.96 17.61 4.37
C LYS A 34 -9.29 17.39 3.63
N ALA A 35 -9.34 16.27 2.91
CA ALA A 35 -10.54 15.94 2.16
C ALA A 35 -11.16 14.68 2.75
N GLY A 36 -10.75 14.36 3.98
CA GLY A 36 -11.26 13.18 4.66
C GLY A 36 -11.09 11.93 3.80
N GLN A 37 -9.99 11.89 3.07
CA GLN A 37 -9.70 10.76 2.21
C GLN A 37 -8.19 10.46 2.21
N ILE A 38 -7.86 9.24 2.58
CA ILE A 38 -6.47 8.82 2.63
C ILE A 38 -6.16 7.95 1.41
N ALA A 39 -4.93 8.07 0.93
CA ALA A 39 -4.50 7.30 -0.23
C ALA A 39 -4.23 5.86 0.20
N SER A 40 -5.12 4.97 -0.22
CA SER A 40 -4.99 3.56 0.11
C SER A 40 -5.53 2.71 -1.03
N SER A 41 -5.40 1.40 -0.86
CA SER A 41 -5.87 0.46 -1.87
C SER A 41 -7.02 -0.38 -1.31
N PRO A 42 -8.27 0.08 -1.60
CA PRO A 42 -9.45 -0.63 -1.14
C PRO A 42 -9.68 -1.91 -1.94
N ARG A 43 -9.85 -1.73 -3.24
CA ARG A 43 -10.07 -2.86 -4.13
C ARG A 43 -8.75 -3.34 -4.73
N THR A 44 -8.03 -4.12 -3.94
CA THR A 44 -6.76 -4.65 -4.38
C THR A 44 -6.95 -5.99 -5.10
N GLU A 45 -8.11 -6.13 -5.73
CA GLU A 45 -8.44 -7.34 -6.45
C GLU A 45 -7.50 -7.51 -7.65
N ASP A 46 -6.90 -6.40 -8.05
CA ASP A 46 -5.98 -6.41 -9.19
C ASP A 46 -4.58 -6.04 -8.70
N CYS A 47 -3.68 -7.00 -8.75
CA CYS A 47 -2.31 -6.78 -8.33
C CYS A 47 -1.70 -8.14 -7.97
N VAL A 48 -0.71 -8.53 -8.77
CA VAL A 48 -0.03 -9.79 -8.55
C VAL A 48 1.38 -9.52 -8.02
N GLY A 49 1.45 -8.69 -6.99
CA GLY A 49 2.73 -8.35 -6.39
C GLY A 49 3.76 -8.00 -7.46
N CYS A 50 3.53 -6.88 -8.13
CA CYS A 50 4.43 -6.44 -9.18
C CYS A 50 5.50 -5.54 -8.55
N LYS A 51 6.74 -5.85 -8.86
CA LYS A 51 7.86 -5.09 -8.32
C LYS A 51 7.57 -3.59 -8.49
N ARG A 52 7.06 -3.00 -7.43
CA ARG A 52 6.72 -1.59 -7.44
C ARG A 52 6.14 -1.16 -6.09
N CYS A 53 5.65 0.07 -6.06
CA CYS A 53 5.06 0.61 -4.84
C CYS A 53 5.98 0.25 -3.68
N GLU A 54 7.27 0.47 -3.88
CA GLU A 54 8.25 0.18 -2.85
C GLU A 54 8.72 1.48 -2.17
N THR A 55 7.73 2.24 -1.70
CA THR A 55 8.03 3.50 -1.04
C THR A 55 6.97 3.79 0.03
N ALA A 56 6.65 2.77 0.80
CA ALA A 56 5.66 2.91 1.85
C ALA A 56 5.95 4.17 2.67
N CYS A 57 4.92 4.66 3.33
CA CYS A 57 5.05 5.85 4.15
C CYS A 57 6.38 5.77 4.91
N PRO A 58 6.95 6.96 5.19
CA PRO A 58 8.21 7.03 5.91
C PRO A 58 8.01 6.75 7.40
N THR A 59 7.43 5.58 7.67
CA THR A 59 7.18 5.16 9.05
C THR A 59 6.14 6.09 9.68
N ASP A 60 6.10 6.06 11.00
CA ASP A 60 5.16 6.88 11.75
C ASP A 60 3.82 6.15 11.85
N PHE A 61 3.39 5.63 10.71
CA PHE A 61 2.13 4.90 10.66
C PHE A 61 2.35 3.42 10.35
N LEU A 62 3.01 3.18 9.22
CA LEU A 62 3.29 1.81 8.81
C LEU A 62 4.06 1.10 9.92
N SER A 63 4.61 -0.06 9.56
CA SER A 63 5.38 -0.84 10.52
C SER A 63 4.42 -1.64 11.41
N ILE A 64 3.47 -2.30 10.77
CA ILE A 64 2.50 -3.10 11.49
C ILE A 64 2.52 -4.53 10.95
N ARG A 65 2.61 -4.62 9.64
CA ARG A 65 2.64 -5.93 8.98
C ARG A 65 3.65 -5.92 7.84
N VAL A 66 4.00 -7.12 7.38
CA VAL A 66 4.95 -7.27 6.30
C VAL A 66 4.25 -7.89 5.09
N TYR A 67 4.66 -7.45 3.91
CA TYR A 67 4.09 -7.97 2.68
C TYR A 67 5.07 -7.82 1.52
N LEU A 68 5.69 -6.66 1.45
CA LEU A 68 6.65 -6.38 0.39
C LEU A 68 7.70 -7.50 0.36
N GLY A 69 8.36 -7.68 1.50
CA GLY A 69 9.38 -8.70 1.62
C GLY A 69 8.93 -9.84 2.54
N ALA A 70 7.96 -10.60 2.06
CA ALA A 70 7.43 -11.71 2.83
C ALA A 70 7.22 -12.91 1.90
N GLU A 71 6.36 -12.71 0.92
CA GLU A 71 6.05 -13.77 -0.03
C GLU A 71 7.24 -13.98 -0.97
N THR A 72 7.64 -12.90 -1.64
CA THR A 72 8.75 -12.97 -2.57
C THR A 72 8.69 -14.24 -3.40
N THR A 73 7.47 -14.62 -3.77
CA THR A 73 7.25 -15.81 -4.55
C THR A 73 7.13 -15.45 -6.04
N ARG A 74 6.51 -14.31 -6.28
CA ARG A 74 6.32 -13.84 -7.65
C ARG A 74 7.63 -13.26 -8.20
N SER A 75 8.59 -13.10 -7.30
CA SER A 75 9.88 -12.55 -7.68
C SER A 75 11.00 -13.37 -7.04
N MET A 76 10.68 -14.62 -6.74
CA MET A 76 11.64 -15.52 -6.12
C MET A 76 13.07 -15.23 -6.62
N GLY A 77 13.15 -14.91 -7.90
CA GLY A 77 14.44 -14.60 -8.51
C GLY A 77 14.73 -15.55 -9.67
N LEU A 78 13.67 -15.91 -10.39
CA LEU A 78 13.80 -16.80 -11.52
C LEU A 78 12.89 -16.31 -12.66
N ALA A 79 11.64 -16.06 -12.29
CA ALA A 79 10.66 -15.60 -13.26
C ALA A 79 11.29 -14.51 -14.13
N TYR A 80 12.19 -13.75 -13.51
CA TYR A 80 12.86 -12.67 -14.20
C TYR A 80 13.96 -13.21 -15.11
N SER A 1 10.07 0.19 5.69
CA SER A 1 9.86 0.64 4.33
C SER A 1 9.41 -0.52 3.44
N HIS A 2 8.15 -0.86 3.57
CA HIS A 2 7.58 -1.95 2.78
C HIS A 2 6.11 -2.15 3.16
N SER A 3 5.48 -3.09 2.47
CA SER A 3 4.08 -3.38 2.73
C SER A 3 3.23 -2.15 2.47
N VAL A 4 1.97 -2.39 2.14
CA VAL A 4 1.04 -1.30 1.87
C VAL A 4 -0.36 -1.70 2.34
N LYS A 5 -0.43 -2.14 3.59
CA LYS A 5 -1.70 -2.56 4.16
C LYS A 5 -2.72 -1.43 4.01
N ILE A 6 -3.87 -1.62 4.65
CA ILE A 6 -4.93 -0.64 4.59
C ILE A 6 -4.83 0.29 5.81
N TYR A 7 -3.71 0.99 5.89
CA TYR A 7 -3.49 1.90 6.99
C TYR A 7 -3.69 3.36 6.56
N ASP A 8 -3.95 4.21 7.53
CA ASP A 8 -4.16 5.63 7.26
C ASP A 8 -2.82 6.35 7.30
N THR A 9 -1.77 5.61 6.96
CA THR A 9 -0.43 6.18 6.94
C THR A 9 -0.27 7.15 5.77
N CYS A 10 -0.60 8.40 6.04
CA CYS A 10 -0.51 9.43 5.03
C CYS A 10 -0.30 10.78 5.72
N ILE A 11 0.71 11.51 5.26
CA ILE A 11 1.02 12.81 5.83
C ILE A 11 0.70 13.91 4.81
N GLY A 12 0.39 13.46 3.60
CA GLY A 12 0.07 14.39 2.52
C GLY A 12 1.12 14.32 1.41
N CYS A 13 1.69 13.13 1.25
CA CYS A 13 2.71 12.92 0.23
C CYS A 13 2.11 12.05 -0.87
N THR A 14 2.80 12.02 -2.01
CA THR A 14 2.35 11.23 -3.14
C THR A 14 3.48 10.37 -3.68
N GLN A 15 3.86 9.37 -2.89
CA GLN A 15 4.94 8.47 -3.28
C GLN A 15 4.37 7.09 -3.63
N CYS A 16 3.49 6.61 -2.76
CA CYS A 16 2.86 5.32 -2.97
C CYS A 16 1.68 5.50 -3.92
N VAL A 17 1.65 6.65 -4.57
CA VAL A 17 0.59 6.95 -5.52
C VAL A 17 1.19 7.19 -6.90
N ARG A 18 2.46 6.84 -7.03
CA ARG A 18 3.16 7.00 -8.29
C ARG A 18 3.72 5.66 -8.77
N ALA A 19 4.40 4.98 -7.85
CA ALA A 19 4.99 3.69 -8.17
C ALA A 19 3.88 2.64 -8.25
N CYS A 20 3.19 2.63 -9.38
CA CYS A 20 2.11 1.69 -9.60
C CYS A 20 1.77 1.70 -11.09
N PRO A 21 2.18 0.61 -11.79
CA PRO A 21 1.91 0.48 -13.21
C PRO A 21 0.45 0.12 -13.46
N LEU A 22 -0.08 -0.72 -12.59
CA LEU A 22 -1.47 -1.15 -12.71
C LEU A 22 -2.38 0.00 -12.31
N ASP A 23 -2.83 -0.05 -11.06
CA ASP A 23 -3.72 0.98 -10.54
C ASP A 23 -4.43 0.44 -9.30
N VAL A 24 -3.72 0.49 -8.18
CA VAL A 24 -4.28 0.01 -6.92
C VAL A 24 -4.30 1.17 -5.91
N LEU A 25 -3.10 1.61 -5.55
CA LEU A 25 -2.97 2.70 -4.59
C LEU A 25 -3.86 3.86 -5.04
N GLU A 26 -5.08 3.87 -4.51
CA GLU A 26 -6.03 4.91 -4.84
C GLU A 26 -6.51 5.61 -3.56
N MET A 27 -7.50 6.47 -3.74
CA MET A 27 -8.06 7.21 -2.61
C MET A 27 -9.10 6.38 -1.87
N VAL A 28 -8.95 6.34 -0.55
CA VAL A 28 -9.86 5.59 0.29
C VAL A 28 -10.52 6.52 1.30
N PRO A 29 -11.61 6.02 1.93
CA PRO A 29 -12.34 6.80 2.92
C PRO A 29 -11.56 6.86 4.24
N TRP A 30 -11.13 8.07 4.58
CA TRP A 30 -10.38 8.28 5.80
C TRP A 30 -11.13 9.31 6.64
N ASP A 31 -10.49 10.45 6.86
CA ASP A 31 -11.08 11.51 7.64
C ASP A 31 -10.01 12.57 7.96
N GLY A 32 -8.91 12.08 8.51
CA GLY A 32 -7.80 12.97 8.86
C GLY A 32 -7.24 13.66 7.62
N CYS A 33 -7.70 13.21 6.47
CA CYS A 33 -7.25 13.78 5.21
C CYS A 33 -8.04 15.07 4.94
N LYS A 34 -7.42 15.96 4.19
CA LYS A 34 -8.05 17.22 3.86
C LYS A 34 -9.41 16.95 3.19
N ALA A 35 -9.51 15.80 2.56
CA ALA A 35 -10.73 15.41 1.88
C ALA A 35 -11.27 14.12 2.51
N GLY A 36 -10.93 13.93 3.78
CA GLY A 36 -11.38 12.75 4.51
C GLY A 36 -11.12 11.48 3.69
N GLN A 37 -10.03 11.51 2.94
CA GLN A 37 -9.66 10.37 2.11
C GLN A 37 -8.15 10.19 2.09
N ILE A 38 -7.71 9.03 2.56
CA ILE A 38 -6.29 8.72 2.60
C ILE A 38 -5.93 7.87 1.39
N ALA A 39 -4.71 8.07 0.91
CA ALA A 39 -4.23 7.33 -0.24
C ALA A 39 -3.82 5.92 0.20
N SER A 40 -4.59 4.95 -0.26
CA SER A 40 -4.33 3.56 0.09
C SER A 40 -5.11 2.64 -0.85
N SER A 41 -5.01 1.34 -0.57
CA SER A 41 -5.70 0.35 -1.37
C SER A 41 -7.19 0.36 -1.05
N PRO A 42 -8.02 0.44 -2.13
CA PRO A 42 -9.47 0.46 -1.97
C PRO A 42 -9.99 -0.93 -1.64
N ARG A 43 -9.66 -1.89 -2.50
CA ARG A 43 -10.10 -3.26 -2.31
C ARG A 43 -9.07 -4.23 -2.89
N THR A 44 -7.88 -3.69 -3.14
CA THR A 44 -6.80 -4.50 -3.70
C THR A 44 -7.35 -5.43 -4.78
N GLU A 45 -8.46 -5.03 -5.37
CA GLU A 45 -9.09 -5.82 -6.42
C GLU A 45 -8.07 -6.15 -7.51
N ASP A 46 -7.15 -5.23 -7.72
CA ASP A 46 -6.11 -5.41 -8.72
C ASP A 46 -4.80 -5.81 -8.03
N CYS A 47 -3.72 -5.72 -8.80
CA CYS A 47 -2.41 -6.07 -8.27
C CYS A 47 -2.29 -7.59 -8.24
N VAL A 48 -1.06 -8.06 -8.34
CA VAL A 48 -0.81 -9.50 -8.32
C VAL A 48 0.63 -9.75 -7.85
N GLY A 49 1.10 -8.85 -6.99
CA GLY A 49 2.45 -8.96 -6.46
C GLY A 49 3.47 -8.36 -7.43
N CYS A 50 3.51 -7.04 -7.46
CA CYS A 50 4.42 -6.34 -8.35
C CYS A 50 5.25 -5.37 -7.49
N LYS A 51 6.54 -5.65 -7.42
CA LYS A 51 7.44 -4.81 -6.64
C LYS A 51 7.58 -3.44 -7.33
N ARG A 52 6.75 -2.50 -6.89
CA ARG A 52 6.77 -1.17 -7.46
C ARG A 52 6.55 -0.12 -6.36
N CYS A 53 5.45 -0.29 -5.63
CA CYS A 53 5.12 0.62 -4.56
C CYS A 53 6.10 0.39 -3.41
N GLU A 54 7.37 0.67 -3.69
CA GLU A 54 8.41 0.51 -2.69
C GLU A 54 8.51 1.76 -1.82
N THR A 55 7.37 2.28 -1.43
CA THR A 55 7.32 3.47 -0.60
C THR A 55 6.43 3.23 0.62
N ALA A 56 5.13 3.34 0.40
CA ALA A 56 4.16 3.15 1.47
C ALA A 56 4.20 4.35 2.42
N CYS A 57 5.33 4.48 3.10
CA CYS A 57 5.51 5.58 4.04
C CYS A 57 6.80 5.33 4.83
N PRO A 58 7.15 6.32 5.69
CA PRO A 58 8.34 6.22 6.50
C PRO A 58 8.14 5.24 7.66
N THR A 59 6.96 4.64 7.68
CA THR A 59 6.62 3.68 8.72
C THR A 59 6.12 4.40 9.97
N ASP A 60 6.26 5.72 9.94
CA ASP A 60 5.82 6.54 11.06
C ASP A 60 4.46 6.05 11.55
N PHE A 61 3.71 5.46 10.62
CA PHE A 61 2.38 4.94 10.94
C PHE A 61 2.37 3.42 10.91
N LEU A 62 2.16 2.88 9.71
CA LEU A 62 2.12 1.44 9.52
C LEU A 62 3.22 0.79 10.38
N SER A 63 2.79 -0.14 11.22
CA SER A 63 3.72 -0.84 12.10
C SER A 63 4.31 -2.04 11.36
N ILE A 64 5.11 -1.73 10.35
CA ILE A 64 5.75 -2.77 9.56
C ILE A 64 4.88 -4.03 9.57
N ARG A 65 3.94 -4.06 8.64
CA ARG A 65 3.03 -5.19 8.54
C ARG A 65 3.70 -6.34 7.77
N VAL A 66 4.54 -5.96 6.82
CA VAL A 66 5.24 -6.94 6.01
C VAL A 66 4.24 -7.71 5.16
N TYR A 67 4.20 -7.35 3.88
CA TYR A 67 3.29 -8.01 2.95
C TYR A 67 3.88 -8.06 1.54
N LEU A 68 4.32 -6.90 1.08
CA LEU A 68 4.91 -6.80 -0.25
C LEU A 68 5.99 -7.88 -0.40
N GLY A 69 5.71 -8.83 -1.29
CA GLY A 69 6.65 -9.91 -1.53
C GLY A 69 7.34 -10.34 -0.25
N ALA A 70 6.53 -10.73 0.73
CA ALA A 70 7.05 -11.17 2.01
C ALA A 70 6.46 -12.54 2.35
N GLU A 71 5.14 -12.56 2.53
CA GLU A 71 4.44 -13.79 2.86
C GLU A 71 3.37 -14.08 1.82
N THR A 72 2.25 -13.39 1.94
CA THR A 72 1.15 -13.57 1.02
C THR A 72 0.97 -15.05 0.67
N THR A 73 1.07 -15.88 1.70
CA THR A 73 0.92 -17.31 1.51
C THR A 73 -0.22 -17.85 2.38
N ARG A 74 -0.32 -17.30 3.58
CA ARG A 74 -1.37 -17.72 4.51
C ARG A 74 -2.50 -16.68 4.53
N SER A 75 -2.14 -15.45 4.21
CA SER A 75 -3.11 -14.37 4.19
C SER A 75 -3.20 -13.77 2.78
N MET A 76 -2.64 -14.49 1.83
CA MET A 76 -2.64 -14.05 0.44
C MET A 76 -3.96 -13.34 0.10
N GLY A 77 -5.05 -14.07 0.30
CA GLY A 77 -6.37 -13.54 0.01
C GLY A 77 -7.12 -14.41 -0.99
N LEU A 78 -6.79 -15.70 -0.97
CA LEU A 78 -7.43 -16.64 -1.88
C LEU A 78 -8.27 -17.62 -1.07
N ALA A 79 -7.59 -18.40 -0.24
CA ALA A 79 -8.28 -19.38 0.59
C ALA A 79 -8.70 -18.72 1.91
N TYR A 80 -7.87 -17.80 2.36
CA TYR A 80 -8.14 -17.09 3.60
C TYR A 80 -9.63 -16.75 3.72
N SER A 1 10.04 1.50 4.76
CA SER A 1 9.06 1.63 3.70
C SER A 1 8.85 0.28 3.00
N HIS A 2 7.90 -0.47 3.52
CA HIS A 2 7.60 -1.79 2.97
C HIS A 2 6.11 -2.09 3.16
N SER A 3 5.67 -3.14 2.48
CA SER A 3 4.27 -3.54 2.57
C SER A 3 3.36 -2.39 2.15
N VAL A 4 2.13 -2.73 1.86
CA VAL A 4 1.15 -1.73 1.44
C VAL A 4 -0.23 -2.13 1.96
N LYS A 5 -0.28 -2.45 3.25
CA LYS A 5 -1.53 -2.86 3.87
C LYS A 5 -2.43 -1.62 4.03
N ILE A 6 -3.73 -1.86 3.91
CA ILE A 6 -4.70 -0.79 4.05
C ILE A 6 -4.53 -0.12 5.41
N TYR A 7 -4.23 1.18 5.35
CA TYR A 7 -4.04 1.95 6.56
C TYR A 7 -4.09 3.45 6.27
N ASP A 8 -4.20 4.23 7.34
CA ASP A 8 -4.26 5.67 7.21
C ASP A 8 -2.84 6.25 7.21
N THR A 9 -1.97 5.58 6.48
CA THR A 9 -0.58 6.00 6.39
C THR A 9 -0.41 7.05 5.28
N CYS A 10 -0.54 8.30 5.67
CA CYS A 10 -0.39 9.39 4.73
C CYS A 10 -0.10 10.67 5.51
N ILE A 11 1.00 11.32 5.15
CA ILE A 11 1.40 12.54 5.80
C ILE A 11 1.24 13.72 4.83
N GLY A 12 1.21 13.38 3.55
CA GLY A 12 1.07 14.39 2.51
C GLY A 12 1.85 14.01 1.26
N CYS A 13 3.00 13.37 1.49
CA CYS A 13 3.85 12.95 0.39
C CYS A 13 2.96 12.37 -0.71
N THR A 14 3.50 12.40 -1.93
CA THR A 14 2.76 11.89 -3.08
C THR A 14 3.42 10.61 -3.60
N GLN A 15 3.76 9.73 -2.68
CA GLN A 15 4.39 8.47 -3.02
C GLN A 15 3.49 7.29 -2.65
N CYS A 16 3.62 6.22 -3.41
CA CYS A 16 2.82 5.03 -3.17
C CYS A 16 1.52 5.15 -3.98
N VAL A 17 1.02 6.37 -4.04
CA VAL A 17 -0.22 6.62 -4.77
C VAL A 17 0.11 6.87 -6.24
N ARG A 18 1.40 6.93 -6.53
CA ARG A 18 1.86 7.16 -7.88
C ARG A 18 2.53 5.90 -8.44
N ALA A 19 3.56 5.46 -7.72
CA ALA A 19 4.30 4.27 -8.12
C ALA A 19 3.38 3.05 -8.00
N CYS A 20 2.59 2.84 -9.03
CA CYS A 20 1.67 1.71 -9.06
C CYS A 20 0.91 1.74 -10.39
N PRO A 21 1.47 1.00 -11.38
CA PRO A 21 0.85 0.94 -12.70
C PRO A 21 -0.38 0.03 -12.69
N LEU A 22 -0.48 -0.76 -11.62
CA LEU A 22 -1.60 -1.67 -11.48
C LEU A 22 -2.79 -0.92 -10.88
N ASP A 23 -2.59 0.39 -10.69
CA ASP A 23 -3.63 1.22 -10.14
C ASP A 23 -4.32 0.49 -8.97
N VAL A 24 -3.55 0.29 -7.91
CA VAL A 24 -4.05 -0.39 -6.73
C VAL A 24 -4.36 0.64 -5.64
N LEU A 25 -3.34 1.40 -5.29
CA LEU A 25 -3.49 2.42 -4.26
C LEU A 25 -4.46 3.50 -4.75
N GLU A 26 -5.64 3.49 -4.14
CA GLU A 26 -6.66 4.45 -4.51
C GLU A 26 -7.03 5.33 -3.30
N MET A 27 -8.07 6.12 -3.48
CA MET A 27 -8.54 7.00 -2.42
C MET A 27 -9.63 6.34 -1.59
N VAL A 28 -9.49 6.44 -0.28
CA VAL A 28 -10.45 5.85 0.63
C VAL A 28 -10.95 6.92 1.60
N PRO A 29 -12.04 6.57 2.34
CA PRO A 29 -12.62 7.50 3.30
C PRO A 29 -11.76 7.58 4.56
N TRP A 30 -11.19 8.77 4.77
CA TRP A 30 -10.34 9.00 5.92
C TRP A 30 -10.85 10.26 6.63
N ASP A 31 -10.24 10.53 7.78
CA ASP A 31 -10.62 11.71 8.56
C ASP A 31 -9.36 12.35 9.13
N GLY A 32 -8.48 12.77 8.23
CA GLY A 32 -7.24 13.40 8.63
C GLY A 32 -6.71 14.33 7.53
N CYS A 33 -6.98 13.94 6.29
CA CYS A 33 -6.55 14.72 5.14
C CYS A 33 -7.51 15.90 4.98
N LYS A 34 -7.11 16.84 4.13
CA LYS A 34 -7.94 18.01 3.87
C LYS A 34 -9.23 17.58 3.18
N ALA A 35 -9.18 16.41 2.55
CA ALA A 35 -10.33 15.87 1.86
C ALA A 35 -10.81 14.62 2.57
N GLY A 36 -10.42 14.50 3.84
CA GLY A 36 -10.81 13.36 4.64
C GLY A 36 -10.76 12.07 3.82
N GLN A 37 -9.62 11.89 3.15
CA GLN A 37 -9.42 10.70 2.33
C GLN A 37 -7.93 10.37 2.23
N ILE A 38 -7.60 9.15 2.67
CA ILE A 38 -6.22 8.71 2.63
C ILE A 38 -6.04 7.72 1.47
N ALA A 39 -4.86 7.77 0.88
CA ALA A 39 -4.54 6.91 -0.24
C ALA A 39 -4.18 5.51 0.28
N SER A 40 -5.10 4.59 0.08
CA SER A 40 -4.89 3.22 0.53
C SER A 40 -5.19 2.24 -0.61
N SER A 41 -5.28 0.97 -0.24
CA SER A 41 -5.56 -0.06 -1.22
C SER A 41 -6.87 -0.78 -0.88
N PRO A 42 -8.00 -0.18 -1.35
CA PRO A 42 -9.31 -0.74 -1.10
C PRO A 42 -9.55 -1.97 -1.98
N ARG A 43 -9.58 -1.74 -3.28
CA ARG A 43 -9.80 -2.81 -4.23
C ARG A 43 -8.48 -3.49 -4.58
N THR A 44 -8.07 -4.40 -3.71
CA THR A 44 -6.83 -5.14 -3.91
C THR A 44 -7.02 -6.24 -4.95
N GLU A 45 -8.20 -6.23 -5.56
CA GLU A 45 -8.52 -7.23 -6.58
C GLU A 45 -7.34 -7.41 -7.52
N ASP A 46 -6.54 -6.36 -7.64
CA ASP A 46 -5.39 -6.40 -8.52
C ASP A 46 -4.13 -6.62 -7.68
N CYS A 47 -2.98 -6.31 -8.29
CA CYS A 47 -1.71 -6.47 -7.61
C CYS A 47 -1.39 -7.96 -7.53
N VAL A 48 -0.12 -8.28 -7.76
CA VAL A 48 0.32 -9.66 -7.71
C VAL A 48 1.74 -9.72 -7.13
N GLY A 49 2.59 -8.84 -7.64
CA GLY A 49 3.97 -8.78 -7.18
C GLY A 49 4.82 -7.92 -8.10
N CYS A 50 4.43 -6.67 -8.22
CA CYS A 50 5.15 -5.73 -9.06
C CYS A 50 5.92 -4.76 -8.17
N LYS A 51 7.23 -4.75 -8.36
CA LYS A 51 8.10 -3.88 -7.57
C LYS A 51 8.02 -2.46 -8.14
N ARG A 52 7.13 -1.67 -7.55
CA ARG A 52 6.95 -0.29 -7.97
C ARG A 52 6.72 0.62 -6.75
N CYS A 53 5.78 0.19 -5.91
CA CYS A 53 5.46 0.94 -4.72
C CYS A 53 6.70 1.02 -3.84
N GLU A 54 6.99 -0.09 -3.18
CA GLU A 54 8.15 -0.18 -2.31
C GLU A 54 8.29 1.12 -1.49
N THR A 55 7.15 1.71 -1.18
CA THR A 55 7.13 2.94 -0.42
C THR A 55 6.11 2.85 0.72
N ALA A 56 4.86 3.15 0.39
CA ALA A 56 3.80 3.11 1.37
C ALA A 56 3.85 4.37 2.24
N CYS A 57 5.01 4.61 2.81
CA CYS A 57 5.20 5.77 3.67
C CYS A 57 6.59 5.69 4.29
N PRO A 58 7.22 6.88 4.45
CA PRO A 58 8.55 6.96 5.03
C PRO A 58 8.50 6.74 6.55
N THR A 59 7.86 5.64 6.93
CA THR A 59 7.75 5.31 8.35
C THR A 59 6.98 6.41 9.09
N ASP A 60 6.00 5.98 9.87
CA ASP A 60 5.19 6.91 10.64
C ASP A 60 3.86 6.27 10.98
N PHE A 61 3.47 5.31 10.15
CA PHE A 61 2.21 4.61 10.35
C PHE A 61 2.39 3.11 10.19
N LEU A 62 2.56 2.69 8.95
CA LEU A 62 2.74 1.28 8.63
C LEU A 62 3.75 0.68 9.63
N SER A 63 3.36 -0.46 10.19
CA SER A 63 4.21 -1.14 11.15
C SER A 63 3.41 -2.25 11.86
N ILE A 64 2.62 -2.96 11.07
CA ILE A 64 1.81 -4.05 11.60
C ILE A 64 1.99 -5.29 10.72
N ARG A 65 1.38 -5.23 9.55
CA ARG A 65 1.46 -6.35 8.62
C ARG A 65 2.61 -6.12 7.63
N VAL A 66 3.16 -7.23 7.14
CA VAL A 66 4.25 -7.17 6.19
C VAL A 66 3.84 -7.87 4.90
N TYR A 67 4.46 -7.45 3.81
CA TYR A 67 4.17 -8.04 2.51
C TYR A 67 5.43 -8.12 1.65
N LEU A 68 6.07 -6.97 1.47
CA LEU A 68 7.28 -6.91 0.68
C LEU A 68 8.15 -8.13 0.97
N GLY A 69 8.46 -8.31 2.25
CA GLY A 69 9.26 -9.44 2.68
C GLY A 69 8.50 -10.76 2.55
N ALA A 70 8.26 -11.15 1.30
CA ALA A 70 7.54 -12.37 1.02
C ALA A 70 8.32 -13.18 -0.02
N GLU A 71 8.13 -12.81 -1.27
CA GLU A 71 8.81 -13.49 -2.37
C GLU A 71 8.57 -15.00 -2.28
N THR A 72 9.58 -15.69 -1.78
CA THR A 72 9.50 -17.14 -1.63
C THR A 72 8.51 -17.50 -0.52
N THR A 73 8.02 -16.47 0.15
CA THR A 73 7.06 -16.68 1.24
C THR A 73 5.81 -17.39 0.72
N ARG A 74 5.22 -16.79 -0.31
CA ARG A 74 4.02 -17.34 -0.91
C ARG A 74 4.28 -18.77 -1.39
N SER A 75 5.56 -19.06 -1.62
CA SER A 75 5.95 -20.38 -2.08
C SER A 75 6.70 -21.12 -0.98
N MET A 76 6.60 -20.59 0.23
CA MET A 76 7.28 -21.18 1.38
C MET A 76 8.79 -21.09 1.22
N GLY A 77 9.31 -21.87 0.29
CA GLY A 77 10.75 -21.88 0.04
C GLY A 77 11.04 -22.32 -1.40
N LEU A 78 10.33 -23.35 -1.83
CA LEU A 78 10.51 -23.89 -3.17
C LEU A 78 9.22 -23.70 -3.96
N ALA A 79 8.11 -23.92 -3.27
CA ALA A 79 6.79 -23.79 -3.89
C ALA A 79 5.71 -23.97 -2.83
N TYR A 80 5.98 -24.89 -1.91
CA TYR A 80 5.04 -25.18 -0.85
C TYR A 80 4.31 -23.90 -0.40
N SER A 1 9.77 1.22 1.50
CA SER A 1 10.42 1.05 2.79
C SER A 1 10.25 -0.39 3.27
N HIS A 2 9.02 -0.72 3.62
CA HIS A 2 8.71 -2.07 4.10
C HIS A 2 7.21 -2.17 4.40
N SER A 3 6.64 -3.28 3.95
CA SER A 3 5.22 -3.52 4.17
C SER A 3 4.40 -2.39 3.52
N VAL A 4 3.11 -2.66 3.37
CA VAL A 4 2.21 -1.69 2.77
C VAL A 4 0.80 -1.90 3.33
N LYS A 5 0.22 -3.03 2.96
CA LYS A 5 -1.12 -3.36 3.42
C LYS A 5 -2.00 -2.11 3.35
N ILE A 6 -3.12 -2.18 4.05
CA ILE A 6 -4.05 -1.06 4.09
C ILE A 6 -3.94 -0.35 5.43
N TYR A 7 -3.48 0.89 5.37
CA TYR A 7 -3.31 1.70 6.57
C TYR A 7 -3.62 3.16 6.29
N ASP A 8 -3.99 3.87 7.35
CA ASP A 8 -4.32 5.28 7.23
C ASP A 8 -3.04 6.11 7.39
N THR A 9 -1.98 5.62 6.75
CA THR A 9 -0.70 6.30 6.80
C THR A 9 -0.52 7.20 5.58
N CYS A 10 -0.87 8.47 5.76
CA CYS A 10 -0.75 9.44 4.68
C CYS A 10 -0.61 10.83 5.29
N ILE A 11 0.35 11.58 4.76
CA ILE A 11 0.61 12.92 5.25
C ILE A 11 0.33 13.94 4.14
N GLY A 12 0.62 13.51 2.91
CA GLY A 12 0.40 14.37 1.76
C GLY A 12 1.64 14.39 0.86
N CYS A 13 2.22 13.23 0.67
CA CYS A 13 3.41 13.11 -0.16
C CYS A 13 3.00 12.55 -1.52
N THR A 14 3.98 12.37 -2.38
CA THR A 14 3.73 11.84 -3.71
C THR A 14 4.49 10.54 -3.93
N GLN A 15 4.01 9.49 -3.27
CA GLN A 15 4.63 8.18 -3.38
C GLN A 15 3.65 7.09 -2.94
N CYS A 16 3.79 5.93 -3.57
CA CYS A 16 2.93 4.80 -3.24
C CYS A 16 1.69 4.88 -4.14
N VAL A 17 1.14 6.08 -4.25
CA VAL A 17 -0.04 6.30 -5.06
C VAL A 17 0.38 6.49 -6.52
N ARG A 18 1.68 6.52 -6.73
CA ARG A 18 2.23 6.70 -8.06
C ARG A 18 3.18 5.56 -8.41
N ALA A 19 4.10 5.29 -7.49
CA ALA A 19 5.06 4.23 -7.68
C ALA A 19 4.38 3.03 -8.33
N CYS A 20 3.23 2.67 -7.77
CA CYS A 20 2.47 1.54 -8.30
C CYS A 20 2.50 1.61 -9.82
N PRO A 21 2.93 0.48 -10.44
CA PRO A 21 3.01 0.39 -11.89
C PRO A 21 1.62 0.24 -12.50
N LEU A 22 0.95 -0.82 -12.10
CA LEU A 22 -0.39 -1.10 -12.60
C LEU A 22 -1.23 0.17 -12.50
N ASP A 23 -2.01 0.25 -11.43
CA ASP A 23 -2.87 1.39 -11.20
C ASP A 23 -3.74 1.15 -9.97
N VAL A 24 -3.07 0.89 -8.86
CA VAL A 24 -3.77 0.63 -7.60
C VAL A 24 -3.51 1.79 -6.64
N LEU A 25 -3.92 1.57 -5.39
CA LEU A 25 -3.74 2.59 -4.36
C LEU A 25 -4.54 3.84 -4.75
N GLU A 26 -5.81 3.82 -4.38
CA GLU A 26 -6.70 4.95 -4.67
C GLU A 26 -7.15 5.61 -3.38
N MET A 27 -8.17 6.45 -3.51
CA MET A 27 -8.72 7.16 -2.37
C MET A 27 -9.69 6.27 -1.59
N VAL A 28 -9.52 6.27 -0.27
CA VAL A 28 -10.38 5.47 0.58
C VAL A 28 -10.99 6.37 1.66
N PRO A 29 -11.93 5.78 2.44
CA PRO A 29 -12.61 6.52 3.49
C PRO A 29 -11.68 6.70 4.70
N TRP A 30 -11.36 7.96 4.97
CA TRP A 30 -10.49 8.28 6.08
C TRP A 30 -11.04 9.55 6.76
N ASP A 31 -10.43 9.89 7.89
CA ASP A 31 -10.85 11.06 8.63
C ASP A 31 -9.62 11.78 9.17
N GLY A 32 -8.79 12.24 8.24
CA GLY A 32 -7.57 12.95 8.62
C GLY A 32 -7.11 13.86 7.47
N CYS A 33 -7.36 13.41 6.25
CA CYS A 33 -6.97 14.17 5.08
C CYS A 33 -7.88 15.39 4.97
N LYS A 34 -7.47 16.32 4.13
CA LYS A 34 -8.24 17.54 3.92
C LYS A 34 -9.62 17.18 3.37
N ALA A 35 -9.68 16.02 2.74
CA ALA A 35 -10.94 15.54 2.17
C ALA A 35 -11.37 14.26 2.88
N GLY A 36 -10.86 14.09 4.10
CA GLY A 36 -11.19 12.92 4.89
C GLY A 36 -11.10 11.64 4.03
N GLN A 37 -9.96 11.50 3.37
CA GLN A 37 -9.75 10.34 2.52
C GLN A 37 -8.25 10.03 2.41
N ILE A 38 -7.89 8.82 2.80
CA ILE A 38 -6.50 8.40 2.76
C ILE A 38 -6.27 7.57 1.48
N ALA A 39 -5.09 7.76 0.90
CA ALA A 39 -4.73 7.04 -0.31
C ALA A 39 -4.28 5.62 0.07
N SER A 40 -5.12 4.66 -0.27
CA SER A 40 -4.83 3.27 0.02
C SER A 40 -5.56 2.36 -0.98
N SER A 41 -5.30 1.07 -0.85
CA SER A 41 -5.93 0.09 -1.72
C SER A 41 -7.31 -0.28 -1.19
N PRO A 42 -8.33 -0.08 -2.07
CA PRO A 42 -9.71 -0.39 -1.70
C PRO A 42 -9.95 -1.90 -1.68
N ARG A 43 -9.66 -2.52 -2.81
CA ARG A 43 -9.84 -3.96 -2.95
C ARG A 43 -8.66 -4.57 -3.71
N THR A 44 -7.63 -3.75 -3.91
CA THR A 44 -6.45 -4.21 -4.62
C THR A 44 -6.85 -4.98 -5.88
N GLU A 45 -8.06 -4.73 -6.34
CA GLU A 45 -8.56 -5.39 -7.53
C GLU A 45 -7.67 -5.09 -8.73
N ASP A 46 -7.05 -3.92 -8.68
CA ASP A 46 -6.15 -3.50 -9.76
C ASP A 46 -4.71 -3.70 -9.32
N CYS A 47 -4.42 -4.92 -8.89
CA CYS A 47 -3.07 -5.25 -8.44
C CYS A 47 -2.96 -6.78 -8.37
N VAL A 48 -1.86 -7.29 -8.93
CA VAL A 48 -1.63 -8.72 -8.94
C VAL A 48 -0.30 -9.01 -8.22
N GLY A 49 -0.16 -8.40 -7.05
CA GLY A 49 1.05 -8.58 -6.26
C GLY A 49 2.29 -8.54 -7.14
N CYS A 50 2.81 -7.33 -7.33
CA CYS A 50 4.00 -7.14 -8.14
C CYS A 50 5.04 -6.40 -7.32
N LYS A 51 6.29 -6.75 -7.54
CA LYS A 51 7.39 -6.12 -6.83
C LYS A 51 7.42 -4.62 -7.16
N ARG A 52 6.80 -3.84 -6.28
CA ARG A 52 6.75 -2.40 -6.48
C ARG A 52 6.10 -1.73 -5.26
N CYS A 53 5.69 -0.48 -5.47
CA CYS A 53 5.05 0.27 -4.42
C CYS A 53 5.81 0.04 -3.11
N GLU A 54 7.14 0.09 -3.22
CA GLU A 54 7.99 -0.12 -2.07
C GLU A 54 8.16 1.18 -1.29
N THR A 55 7.03 1.84 -1.07
CA THR A 55 7.03 3.10 -0.33
C THR A 55 6.02 3.05 0.82
N ALA A 56 4.76 3.21 0.46
CA ALA A 56 3.69 3.18 1.45
C ALA A 56 3.69 4.49 2.23
N CYS A 57 4.84 4.78 2.84
CA CYS A 57 4.98 6.00 3.62
C CYS A 57 6.39 6.03 4.20
N PRO A 58 6.84 7.26 4.55
CA PRO A 58 8.17 7.45 5.12
C PRO A 58 8.21 6.98 6.58
N THR A 59 7.36 7.58 7.39
CA THR A 59 7.30 7.24 8.80
C THR A 59 5.85 7.33 9.30
N ASP A 60 5.73 7.54 10.61
CA ASP A 60 4.42 7.65 11.22
C ASP A 60 3.90 6.25 11.55
N PHE A 61 3.99 5.37 10.56
CA PHE A 61 3.53 4.00 10.73
C PHE A 61 4.68 3.01 10.51
N LEU A 62 4.72 2.46 9.31
CA LEU A 62 5.75 1.51 8.96
C LEU A 62 6.15 0.72 10.21
N SER A 63 5.22 -0.09 10.68
CA SER A 63 5.45 -0.89 11.87
C SER A 63 4.18 -1.67 12.23
N ILE A 64 3.75 -2.51 11.30
CA ILE A 64 2.56 -3.32 11.51
C ILE A 64 2.81 -4.74 10.99
N ARG A 65 2.42 -4.96 9.75
CA ARG A 65 2.59 -6.26 9.12
C ARG A 65 3.77 -6.23 8.16
N VAL A 66 4.16 -7.41 7.71
CA VAL A 66 5.27 -7.54 6.78
C VAL A 66 4.74 -8.01 5.43
N TYR A 67 4.49 -7.05 4.55
CA TYR A 67 4.00 -7.35 3.22
C TYR A 67 5.15 -7.57 2.24
N LEU A 68 5.79 -6.47 1.87
CA LEU A 68 6.91 -6.53 0.94
C LEU A 68 7.93 -7.55 1.44
N GLY A 69 8.20 -8.54 0.61
CA GLY A 69 9.15 -9.58 0.95
C GLY A 69 8.56 -10.55 1.97
N ALA A 70 7.40 -11.10 1.61
CA ALA A 70 6.71 -12.04 2.49
C ALA A 70 5.78 -12.92 1.65
N GLU A 71 5.05 -12.26 0.77
CA GLU A 71 4.12 -12.98 -0.10
C GLU A 71 4.75 -14.27 -0.61
N THR A 72 5.80 -14.11 -1.40
CA THR A 72 6.51 -15.25 -1.97
C THR A 72 7.98 -15.23 -1.56
N THR A 73 8.22 -14.79 -0.33
CA THR A 73 9.57 -14.69 0.19
C THR A 73 9.84 -15.84 1.17
N ARG A 74 8.96 -15.95 2.15
CA ARG A 74 9.09 -17.00 3.16
C ARG A 74 7.92 -17.97 3.06
N SER A 75 6.84 -17.50 2.47
CA SER A 75 5.65 -18.33 2.30
C SER A 75 5.60 -18.89 0.88
N MET A 76 6.72 -18.78 0.20
CA MET A 76 6.82 -19.27 -1.17
C MET A 76 6.01 -20.55 -1.35
N GLY A 77 6.20 -21.48 -0.42
CA GLY A 77 5.50 -22.74 -0.46
C GLY A 77 5.94 -23.66 0.68
N LEU A 78 5.96 -23.09 1.88
CA LEU A 78 6.36 -23.84 3.05
C LEU A 78 5.23 -23.82 4.08
N ALA A 79 4.86 -22.61 4.46
CA ALA A 79 3.79 -22.44 5.44
C ALA A 79 2.44 -22.48 4.72
N TYR A 80 2.44 -22.00 3.49
CA TYR A 80 1.23 -21.96 2.68
C TYR A 80 0.38 -23.21 2.94
N SER A 1 9.98 -2.39 5.00
CA SER A 1 8.92 -1.38 5.00
C SER A 1 7.92 -1.67 3.88
N HIS A 2 7.46 -2.91 3.85
CA HIS A 2 6.50 -3.33 2.84
C HIS A 2 5.10 -3.34 3.44
N SER A 3 4.15 -3.83 2.65
CA SER A 3 2.76 -3.89 3.10
C SER A 3 2.07 -2.55 2.85
N VAL A 4 0.82 -2.64 2.44
CA VAL A 4 0.03 -1.45 2.16
C VAL A 4 -1.41 -1.67 2.64
N LYS A 5 -1.57 -2.67 3.49
CA LYS A 5 -2.88 -2.99 4.02
C LYS A 5 -3.64 -1.70 4.33
N ILE A 6 -4.93 -1.72 4.02
CA ILE A 6 -5.77 -0.56 4.26
C ILE A 6 -5.42 0.05 5.63
N TYR A 7 -4.77 1.21 5.57
CA TYR A 7 -4.37 1.89 6.79
C TYR A 7 -4.39 3.41 6.59
N ASP A 8 -4.41 4.13 7.71
CA ASP A 8 -4.42 5.58 7.67
C ASP A 8 -2.98 6.10 7.66
N THR A 9 -2.16 5.44 6.85
CA THR A 9 -0.76 5.82 6.74
C THR A 9 -0.58 6.83 5.60
N CYS A 10 -0.66 8.10 5.97
CA CYS A 10 -0.50 9.17 5.00
C CYS A 10 -0.18 10.46 5.75
N ILE A 11 0.24 11.46 5.00
CA ILE A 11 0.58 12.75 5.58
C ILE A 11 0.38 13.85 4.54
N GLY A 12 0.87 13.58 3.34
CA GLY A 12 0.75 14.53 2.25
C GLY A 12 2.04 14.58 1.42
N CYS A 13 2.56 13.40 1.14
CA CYS A 13 3.78 13.29 0.35
C CYS A 13 3.42 12.79 -1.05
N THR A 14 4.44 12.64 -1.87
CA THR A 14 4.24 12.17 -3.23
C THR A 14 4.96 10.84 -3.45
N GLN A 15 4.30 9.76 -3.05
CA GLN A 15 4.87 8.44 -3.20
C GLN A 15 3.86 7.38 -2.74
N CYS A 16 3.92 6.24 -3.40
CA CYS A 16 3.02 5.14 -3.09
C CYS A 16 1.76 5.28 -3.94
N VAL A 17 1.30 6.52 -4.05
CA VAL A 17 0.11 6.81 -4.84
C VAL A 17 0.51 7.09 -6.28
N ARG A 18 1.77 6.82 -6.58
CA ARG A 18 2.29 7.04 -7.92
C ARG A 18 2.86 5.74 -8.49
N ALA A 19 3.68 5.10 -7.69
CA ALA A 19 4.30 3.83 -8.11
C ALA A 19 3.26 2.72 -8.02
N CYS A 20 2.46 2.61 -9.08
CA CYS A 20 1.43 1.60 -9.13
C CYS A 20 0.79 1.64 -10.53
N PRO A 21 1.31 0.75 -11.42
CA PRO A 21 0.79 0.69 -12.78
C PRO A 21 -0.56 -0.02 -12.83
N LEU A 22 -0.71 -1.02 -11.98
CA LEU A 22 -1.95 -1.77 -11.90
C LEU A 22 -3.06 -0.86 -11.37
N ASP A 23 -2.65 0.28 -10.82
CA ASP A 23 -3.59 1.23 -10.27
C ASP A 23 -4.35 0.59 -9.12
N VAL A 24 -3.73 0.61 -7.95
CA VAL A 24 -4.33 0.04 -6.76
C VAL A 24 -4.45 1.12 -5.69
N LEU A 25 -3.32 1.69 -5.32
CA LEU A 25 -3.29 2.73 -4.32
C LEU A 25 -4.25 3.85 -4.72
N GLU A 26 -5.45 3.78 -4.16
CA GLU A 26 -6.46 4.78 -4.44
C GLU A 26 -6.84 5.55 -3.16
N MET A 27 -7.89 6.34 -3.27
CA MET A 27 -8.36 7.13 -2.15
C MET A 27 -9.43 6.37 -1.37
N VAL A 28 -9.31 6.42 -0.05
CA VAL A 28 -10.27 5.75 0.81
C VAL A 28 -10.84 6.77 1.81
N PRO A 29 -11.85 6.30 2.59
CA PRO A 29 -12.50 7.15 3.57
C PRO A 29 -11.60 7.34 4.79
N TRP A 30 -11.21 8.60 5.01
CA TRP A 30 -10.36 8.93 6.14
C TRP A 30 -10.91 10.20 6.79
N ASP A 31 -10.31 10.56 7.90
CA ASP A 31 -10.72 11.75 8.64
C ASP A 31 -9.49 12.49 9.13
N GLY A 32 -8.65 12.90 8.18
CA GLY A 32 -7.43 13.63 8.52
C GLY A 32 -6.98 14.50 7.35
N CYS A 33 -7.22 13.99 6.15
CA CYS A 33 -6.85 14.71 4.94
C CYS A 33 -7.79 15.90 4.78
N LYS A 34 -7.40 16.81 3.90
CA LYS A 34 -8.21 17.99 3.63
C LYS A 34 -9.56 17.56 3.06
N ALA A 35 -9.57 16.37 2.49
CA ALA A 35 -10.78 15.83 1.89
C ALA A 35 -11.21 14.58 2.67
N GLY A 36 -10.70 14.46 3.87
CA GLY A 36 -11.01 13.32 4.72
C GLY A 36 -10.95 12.02 3.93
N GLN A 37 -9.82 11.83 3.26
CA GLN A 37 -9.62 10.63 2.46
C GLN A 37 -8.13 10.28 2.38
N ILE A 38 -7.80 9.10 2.87
CA ILE A 38 -6.42 8.64 2.87
C ILE A 38 -6.20 7.73 1.66
N ALA A 39 -5.05 7.92 1.01
CA ALA A 39 -4.72 7.12 -0.15
C ALA A 39 -4.24 5.73 0.30
N SER A 40 -5.08 4.75 0.06
CA SER A 40 -4.77 3.39 0.44
C SER A 40 -5.17 2.43 -0.68
N SER A 41 -5.01 1.15 -0.41
CA SER A 41 -5.34 0.12 -1.37
C SER A 41 -6.48 -0.76 -0.84
N PRO A 42 -7.73 -0.32 -1.13
CA PRO A 42 -8.91 -1.05 -0.69
C PRO A 42 -9.11 -2.31 -1.53
N ARG A 43 -9.33 -2.09 -2.82
CA ARG A 43 -9.54 -3.20 -3.74
C ARG A 43 -8.22 -3.60 -4.39
N THR A 44 -7.44 -4.38 -3.65
CA THR A 44 -6.16 -4.84 -4.13
C THR A 44 -6.32 -6.17 -4.87
N GLU A 45 -7.49 -6.34 -5.48
CA GLU A 45 -7.79 -7.56 -6.22
C GLU A 45 -6.85 -7.68 -7.40
N ASP A 46 -6.32 -6.55 -7.84
CA ASP A 46 -5.41 -6.53 -8.96
C ASP A 46 -4.04 -6.01 -8.50
N CYS A 47 -3.13 -6.95 -8.29
CA CYS A 47 -1.78 -6.60 -7.84
C CYS A 47 -1.10 -7.88 -7.37
N VAL A 48 0.00 -8.21 -8.03
CA VAL A 48 0.77 -9.39 -7.68
C VAL A 48 2.23 -9.01 -7.47
N GLY A 49 2.43 -7.99 -6.62
CA GLY A 49 3.77 -7.52 -6.33
C GLY A 49 4.55 -7.25 -7.61
N CYS A 50 4.31 -6.08 -8.17
CA CYS A 50 4.99 -5.69 -9.40
C CYS A 50 6.23 -4.88 -9.03
N LYS A 51 6.63 -5.02 -7.77
CA LYS A 51 7.80 -4.31 -7.28
C LYS A 51 7.75 -2.86 -7.77
N ARG A 52 6.79 -2.11 -7.24
CA ARG A 52 6.63 -0.72 -7.62
C ARG A 52 6.49 0.16 -6.38
N CYS A 53 5.47 -0.16 -5.59
CA CYS A 53 5.20 0.59 -4.37
C CYS A 53 6.47 0.57 -3.51
N GLU A 54 6.42 -0.26 -2.48
CA GLU A 54 7.55 -0.39 -1.58
C GLU A 54 7.58 0.78 -0.58
N THR A 55 7.44 1.97 -1.13
CA THR A 55 7.44 3.17 -0.31
C THR A 55 6.74 2.92 1.02
N ALA A 56 5.47 2.55 0.92
CA ALA A 56 4.68 2.27 2.10
C ALA A 56 4.94 3.35 3.16
N CYS A 57 4.94 4.59 2.70
CA CYS A 57 5.19 5.71 3.59
C CYS A 57 6.63 5.62 4.11
N PRO A 58 7.22 6.81 4.38
CA PRO A 58 8.59 6.87 4.88
C PRO A 58 8.65 6.46 6.36
N THR A 59 8.04 5.32 6.64
CA THR A 59 8.01 4.81 8.00
C THR A 59 7.08 5.66 8.88
N ASP A 60 6.52 6.69 8.27
CA ASP A 60 5.61 7.58 8.97
C ASP A 60 4.67 6.75 9.85
N PHE A 61 4.39 5.55 9.38
CA PHE A 61 3.51 4.65 10.11
C PHE A 61 4.00 3.21 10.02
N LEU A 62 3.69 2.57 8.90
CA LEU A 62 4.09 1.20 8.68
C LEU A 62 3.92 0.40 9.97
N SER A 63 2.71 -0.11 10.16
CA SER A 63 2.40 -0.89 11.34
C SER A 63 1.56 -2.11 10.96
N ILE A 64 2.08 -3.28 11.33
CA ILE A 64 1.39 -4.53 11.02
C ILE A 64 1.40 -4.76 9.52
N ARG A 65 1.45 -6.03 9.15
CA ARG A 65 1.46 -6.41 7.75
C ARG A 65 2.84 -6.14 7.14
N VAL A 66 3.41 -7.19 6.54
CA VAL A 66 4.72 -7.09 5.93
C VAL A 66 4.72 -7.85 4.61
N TYR A 67 4.18 -7.22 3.59
CA TYR A 67 4.12 -7.83 2.27
C TYR A 67 4.32 -6.79 1.16
N LEU A 68 5.23 -7.10 0.26
CA LEU A 68 5.54 -6.21 -0.84
C LEU A 68 4.23 -5.70 -1.44
N GLY A 69 3.19 -6.51 -1.30
CA GLY A 69 1.87 -6.15 -1.83
C GLY A 69 1.10 -7.39 -2.25
N ALA A 70 1.83 -8.48 -2.43
CA ALA A 70 1.22 -9.73 -2.84
C ALA A 70 2.24 -10.86 -2.70
N GLU A 71 3.27 -10.79 -3.53
CA GLU A 71 4.33 -11.79 -3.51
C GLU A 71 3.72 -13.19 -3.71
N THR A 72 4.58 -14.11 -4.11
CA THR A 72 4.16 -15.48 -4.34
C THR A 72 5.20 -16.47 -3.79
N THR A 73 5.68 -16.16 -2.60
CA THR A 73 6.67 -17.01 -1.95
C THR A 73 6.11 -17.62 -0.67
N ARG A 74 5.54 -16.76 0.15
CA ARG A 74 4.96 -17.21 1.41
C ARG A 74 3.44 -17.05 1.37
N SER A 75 2.98 -16.19 0.49
CA SER A 75 1.55 -15.94 0.35
C SER A 75 1.05 -16.51 -0.98
N MET A 76 1.83 -17.45 -1.52
CA MET A 76 1.48 -18.09 -2.77
C MET A 76 0.02 -18.57 -2.75
N GLY A 77 -0.31 -19.28 -1.69
CA GLY A 77 -1.66 -19.80 -1.53
C GLY A 77 -1.67 -21.33 -1.63
N LEU A 78 -0.57 -21.93 -1.20
CA LEU A 78 -0.43 -23.37 -1.25
C LEU A 78 -0.75 -23.95 0.14
N ALA A 79 -0.09 -23.40 1.15
CA ALA A 79 -0.29 -23.84 2.51
C ALA A 79 -0.43 -22.63 3.42
N TYR A 80 0.58 -21.76 3.36
CA TYR A 80 0.58 -20.56 4.18
C TYR A 80 -0.83 -19.97 4.29
N SER A 1 8.80 1.20 3.75
CA SER A 1 9.63 0.39 2.88
C SER A 1 8.77 -0.64 2.15
N HIS A 2 8.14 -1.50 2.93
CA HIS A 2 7.29 -2.54 2.37
C HIS A 2 5.94 -2.53 3.08
N SER A 3 5.13 -3.53 2.76
CA SER A 3 3.81 -3.64 3.36
C SER A 3 2.97 -2.42 3.00
N VAL A 4 1.83 -2.68 2.38
CA VAL A 4 0.93 -1.61 1.97
C VAL A 4 -0.50 -2.00 2.32
N LYS A 5 -0.71 -2.26 3.61
CA LYS A 5 -2.03 -2.64 4.08
C LYS A 5 -3.00 -1.47 3.90
N ILE A 6 -4.25 -1.71 4.26
CA ILE A 6 -5.27 -0.70 4.14
C ILE A 6 -5.23 0.22 5.37
N TYR A 7 -4.04 0.74 5.64
CA TYR A 7 -3.85 1.63 6.78
C TYR A 7 -3.96 3.09 6.35
N ASP A 8 -4.24 3.93 7.34
CA ASP A 8 -4.39 5.36 7.08
C ASP A 8 -3.01 6.03 7.19
N THR A 9 -2.01 5.34 6.66
CA THR A 9 -0.65 5.84 6.69
C THR A 9 -0.45 6.87 5.57
N CYS A 10 -0.78 8.12 5.89
CA CYS A 10 -0.64 9.20 4.93
C CYS A 10 -0.37 10.49 5.70
N ILE A 11 0.71 11.15 5.31
CA ILE A 11 1.10 12.40 5.95
C ILE A 11 0.77 13.57 5.03
N GLY A 12 0.66 13.25 3.75
CA GLY A 12 0.34 14.27 2.75
C GLY A 12 1.46 14.37 1.71
N CYS A 13 2.01 13.22 1.35
CA CYS A 13 3.08 13.17 0.37
C CYS A 13 2.50 12.63 -0.94
N THR A 14 3.29 12.74 -1.99
CA THR A 14 2.88 12.26 -3.30
C THR A 14 3.72 11.07 -3.74
N GLN A 15 3.78 10.07 -2.86
CA GLN A 15 4.54 8.87 -3.14
C GLN A 15 3.70 7.62 -2.86
N CYS A 16 3.99 6.58 -3.63
CA CYS A 16 3.26 5.33 -3.48
C CYS A 16 2.02 5.38 -4.38
N VAL A 17 1.31 6.49 -4.27
CA VAL A 17 0.10 6.68 -5.07
C VAL A 17 0.48 6.73 -6.55
N ARG A 18 1.76 6.92 -6.80
CA ARG A 18 2.26 6.98 -8.17
C ARG A 18 2.86 5.64 -8.58
N ALA A 19 3.92 5.27 -7.87
CA ALA A 19 4.60 4.00 -8.16
C ALA A 19 3.61 2.85 -8.00
N CYS A 20 2.85 2.62 -9.06
CA CYS A 20 1.86 1.55 -9.06
C CYS A 20 1.21 1.50 -10.44
N PRO A 21 1.77 0.62 -11.31
CA PRO A 21 1.25 0.46 -12.66
C PRO A 21 -0.05 -0.33 -12.66
N LEU A 22 -0.23 -1.12 -11.60
CA LEU A 22 -1.43 -1.94 -11.48
C LEU A 22 -2.55 -1.07 -10.88
N ASP A 23 -2.26 0.21 -10.74
CA ASP A 23 -3.23 1.15 -10.20
C ASP A 23 -3.99 0.46 -9.06
N VAL A 24 -3.38 0.51 -7.88
CA VAL A 24 -3.99 -0.10 -6.70
C VAL A 24 -4.14 0.97 -5.61
N LEU A 25 -3.02 1.61 -5.30
CA LEU A 25 -3.01 2.64 -4.28
C LEU A 25 -3.83 3.84 -4.76
N GLU A 26 -5.12 3.78 -4.49
CA GLU A 26 -6.02 4.85 -4.88
C GLU A 26 -6.65 5.51 -3.66
N MET A 27 -7.25 6.66 -3.88
CA MET A 27 -7.88 7.40 -2.80
C MET A 27 -8.97 6.55 -2.12
N VAL A 28 -8.93 6.56 -0.80
CA VAL A 28 -9.90 5.81 -0.02
C VAL A 28 -10.57 6.73 0.99
N PRO A 29 -11.70 6.24 1.57
CA PRO A 29 -12.43 7.02 2.55
C PRO A 29 -11.71 7.01 3.89
N TRP A 30 -11.25 8.20 4.28
CA TRP A 30 -10.54 8.35 5.54
C TRP A 30 -11.27 9.39 6.38
N ASP A 31 -10.56 10.46 6.69
CA ASP A 31 -11.13 11.54 7.48
C ASP A 31 -10.02 12.49 7.94
N GLY A 32 -8.96 11.90 8.47
CA GLY A 32 -7.83 12.67 8.94
C GLY A 32 -7.23 13.50 7.80
N CYS A 33 -7.64 13.18 6.59
CA CYS A 33 -7.16 13.90 5.42
C CYS A 33 -7.97 15.18 5.26
N LYS A 34 -7.38 16.14 4.56
CA LYS A 34 -8.04 17.41 4.34
C LYS A 34 -9.35 17.18 3.57
N ALA A 35 -9.37 16.09 2.81
CA ALA A 35 -10.55 15.74 2.03
C ALA A 35 -11.18 14.48 2.61
N GLY A 36 -10.72 14.11 3.79
CA GLY A 36 -11.23 12.93 4.47
C GLY A 36 -11.03 11.68 3.59
N GLN A 37 -9.97 11.70 2.81
CA GLN A 37 -9.67 10.59 1.92
C GLN A 37 -8.16 10.30 1.94
N ILE A 38 -7.83 9.09 2.36
CA ILE A 38 -6.43 8.67 2.41
C ILE A 38 -6.13 7.73 1.25
N ALA A 39 -4.96 7.92 0.66
CA ALA A 39 -4.55 7.10 -0.46
C ALA A 39 -4.13 5.71 0.06
N SER A 40 -4.79 4.70 -0.47
CA SER A 40 -4.50 3.34 -0.07
C SER A 40 -5.36 2.36 -0.89
N SER A 41 -5.10 1.08 -0.67
CA SER A 41 -5.84 0.05 -1.38
C SER A 41 -7.31 0.07 -0.97
N PRO A 42 -8.19 0.29 -1.99
CA PRO A 42 -9.62 0.35 -1.75
C PRO A 42 -10.19 -1.05 -1.50
N ARG A 43 -9.88 -1.95 -2.41
CA ARG A 43 -10.36 -3.32 -2.31
C ARG A 43 -9.28 -4.30 -2.80
N THR A 44 -8.07 -3.76 -2.95
CA THR A 44 -6.95 -4.57 -3.40
C THR A 44 -7.38 -5.48 -4.56
N GLU A 45 -8.44 -5.06 -5.24
CA GLU A 45 -8.95 -5.82 -6.36
C GLU A 45 -7.84 -6.12 -7.36
N ASP A 46 -6.90 -5.19 -7.46
CA ASP A 46 -5.78 -5.34 -8.37
C ASP A 46 -4.54 -5.76 -7.57
N CYS A 47 -3.39 -5.59 -8.21
CA CYS A 47 -2.13 -5.94 -7.57
C CYS A 47 -1.99 -7.47 -7.61
N VAL A 48 -0.80 -7.91 -7.97
CA VAL A 48 -0.52 -9.34 -8.06
C VAL A 48 0.95 -9.58 -7.69
N GLY A 49 1.39 -8.89 -6.64
CA GLY A 49 2.77 -9.03 -6.19
C GLY A 49 3.74 -8.39 -7.19
N CYS A 50 3.78 -7.07 -7.15
CA CYS A 50 4.65 -6.32 -8.03
C CYS A 50 5.49 -5.35 -7.18
N LYS A 51 6.79 -5.57 -7.21
CA LYS A 51 7.71 -4.73 -6.45
C LYS A 51 7.83 -3.37 -7.13
N ARG A 52 6.79 -2.56 -6.99
CA ARG A 52 6.79 -1.24 -7.59
C ARG A 52 6.09 -0.25 -6.66
N CYS A 53 6.45 -0.31 -5.39
CA CYS A 53 5.88 0.58 -4.40
C CYS A 53 6.62 0.37 -3.08
N GLU A 54 7.93 0.62 -3.12
CA GLU A 54 8.76 0.47 -1.95
C GLU A 54 8.76 1.77 -1.12
N THR A 55 7.70 2.54 -1.29
CA THR A 55 7.57 3.80 -0.58
C THR A 55 6.34 3.76 0.33
N ALA A 56 6.25 2.68 1.09
CA ALA A 56 5.12 2.52 2.01
C ALA A 56 5.25 3.54 3.14
N CYS A 57 5.23 4.81 2.75
CA CYS A 57 5.33 5.90 3.72
C CYS A 57 6.66 5.75 4.46
N PRO A 58 6.95 6.76 5.33
CA PRO A 58 8.18 6.75 6.10
C PRO A 58 8.11 5.73 7.24
N THR A 59 6.97 5.07 7.34
CA THR A 59 6.76 4.07 8.36
C THR A 59 6.29 4.74 9.66
N ASP A 60 6.48 6.05 9.72
CA ASP A 60 6.08 6.80 10.90
C ASP A 60 4.63 6.47 11.24
N PHE A 61 3.89 6.07 10.22
CA PHE A 61 2.48 5.72 10.40
C PHE A 61 2.33 4.20 10.58
N LEU A 62 2.48 3.49 9.49
CA LEU A 62 2.36 2.04 9.50
C LEU A 62 3.66 1.42 10.01
N SER A 63 3.52 0.51 10.96
CA SER A 63 4.68 -0.15 11.52
C SER A 63 5.39 -0.99 10.45
N ILE A 64 4.86 -2.18 10.22
CA ILE A 64 5.42 -3.07 9.23
C ILE A 64 4.53 -4.31 9.10
N ARG A 65 4.36 -4.74 7.85
CA ARG A 65 3.54 -5.91 7.57
C ARG A 65 4.21 -6.80 6.54
N VAL A 66 3.52 -7.88 6.19
CA VAL A 66 4.05 -8.81 5.20
C VAL A 66 3.06 -8.95 4.06
N TYR A 67 3.09 -7.98 3.16
CA TYR A 67 2.20 -7.98 2.01
C TYR A 67 3.00 -7.94 0.70
N LEU A 68 3.82 -6.91 0.59
CA LEU A 68 4.64 -6.74 -0.61
C LEU A 68 5.16 -8.10 -1.06
N GLY A 69 4.44 -8.70 -2.00
CA GLY A 69 4.80 -10.00 -2.52
C GLY A 69 5.46 -10.86 -1.44
N ALA A 70 4.63 -11.35 -0.53
CA ALA A 70 5.12 -12.19 0.55
C ALA A 70 4.10 -13.30 0.82
N GLU A 71 2.89 -12.89 1.20
CA GLU A 71 1.84 -13.84 1.48
C GLU A 71 1.82 -14.95 0.43
N THR A 72 1.40 -14.58 -0.77
CA THR A 72 1.32 -15.52 -1.87
C THR A 72 0.87 -16.89 -1.36
N THR A 73 -0.33 -16.92 -0.81
CA THR A 73 -0.89 -18.15 -0.28
C THR A 73 -2.41 -18.10 -0.29
N ARG A 74 -2.94 -16.96 0.14
CA ARG A 74 -4.38 -16.76 0.18
C ARG A 74 -4.85 -16.05 -1.09
N SER A 75 -3.94 -15.33 -1.70
CA SER A 75 -4.24 -14.60 -2.93
C SER A 75 -3.47 -15.19 -4.10
N MET A 76 -2.59 -16.13 -3.77
CA MET A 76 -1.78 -16.78 -4.79
C MET A 76 -1.41 -15.80 -5.91
N GLY A 77 -2.21 -15.82 -6.96
CA GLY A 77 -1.99 -14.94 -8.09
C GLY A 77 -3.30 -14.37 -8.62
N LEU A 78 -4.30 -15.22 -8.69
CA LEU A 78 -5.61 -14.82 -9.17
C LEU A 78 -6.60 -14.81 -7.99
N ALA A 79 -6.48 -15.83 -7.16
CA ALA A 79 -7.36 -15.94 -6.00
C ALA A 79 -7.65 -14.56 -5.44
N TYR A 80 -6.65 -13.69 -5.56
CA TYR A 80 -6.79 -12.33 -5.07
C TYR A 80 -7.93 -11.60 -5.79
N SER A 1 9.86 0.20 7.22
CA SER A 1 8.57 0.62 6.69
C SER A 1 7.89 -0.56 5.98
N HIS A 2 8.07 -0.62 4.68
CA HIS A 2 7.49 -1.69 3.88
C HIS A 2 5.99 -1.79 4.19
N SER A 3 5.37 -2.81 3.60
CA SER A 3 3.94 -3.03 3.81
C SER A 3 3.14 -1.85 3.26
N VAL A 4 1.84 -2.07 3.13
CA VAL A 4 0.95 -1.04 2.62
C VAL A 4 -0.50 -1.50 2.79
N LYS A 5 -0.76 -2.10 3.94
CA LYS A 5 -2.11 -2.59 4.23
C LYS A 5 -3.10 -1.45 4.06
N ILE A 6 -4.35 -1.72 4.44
CA ILE A 6 -5.40 -0.73 4.34
C ILE A 6 -5.39 0.15 5.59
N TYR A 7 -4.21 0.66 5.91
CA TYR A 7 -4.06 1.51 7.08
C TYR A 7 -4.13 3.00 6.68
N ASP A 8 -4.38 3.82 7.69
CA ASP A 8 -4.47 5.26 7.46
C ASP A 8 -3.07 5.88 7.53
N THR A 9 -2.13 5.21 6.88
CA THR A 9 -0.76 5.68 6.86
C THR A 9 -0.55 6.70 5.75
N CYS A 10 -0.69 7.97 6.12
CA CYS A 10 -0.53 9.05 5.16
C CYS A 10 -0.29 10.35 5.94
N ILE A 11 0.31 11.31 5.27
CA ILE A 11 0.60 12.59 5.87
C ILE A 11 0.07 13.71 4.98
N GLY A 12 0.25 13.53 3.68
CA GLY A 12 -0.20 14.50 2.71
C GLY A 12 0.81 14.67 1.57
N CYS A 13 1.37 13.55 1.16
CA CYS A 13 2.36 13.55 0.09
C CYS A 13 1.83 12.68 -1.06
N THR A 14 2.62 12.61 -2.12
CA THR A 14 2.25 11.81 -3.27
C THR A 14 3.45 10.99 -3.77
N GLN A 15 3.69 9.88 -3.09
CA GLN A 15 4.79 9.02 -3.45
C GLN A 15 4.29 7.59 -3.69
N CYS A 16 3.46 7.12 -2.78
CA CYS A 16 2.90 5.79 -2.88
C CYS A 16 1.70 5.84 -3.83
N VAL A 17 1.58 6.97 -4.52
CA VAL A 17 0.49 7.16 -5.46
C VAL A 17 1.06 7.32 -6.86
N ARG A 18 2.32 6.93 -7.01
CA ARG A 18 2.99 7.02 -8.29
C ARG A 18 3.53 5.66 -8.71
N ALA A 19 4.22 5.01 -7.77
CA ALA A 19 4.79 3.70 -8.02
C ALA A 19 3.66 2.67 -8.15
N CYS A 20 3.02 2.69 -9.31
CA CYS A 20 1.93 1.76 -9.56
C CYS A 20 1.42 2.02 -10.99
N PRO A 21 1.65 1.00 -11.87
CA PRO A 21 1.23 1.10 -13.26
C PRO A 21 -0.28 0.91 -13.38
N LEU A 22 -0.70 -0.34 -13.21
CA LEU A 22 -2.12 -0.68 -13.29
C LEU A 22 -2.93 0.38 -12.55
N ASP A 23 -3.06 0.17 -11.25
CA ASP A 23 -3.81 1.10 -10.41
C ASP A 23 -4.22 0.38 -9.11
N VAL A 24 -3.48 0.68 -8.06
CA VAL A 24 -3.75 0.08 -6.76
C VAL A 24 -3.93 1.20 -5.72
N LEU A 25 -2.84 1.86 -5.41
CA LEU A 25 -2.86 2.94 -4.44
C LEU A 25 -3.85 4.01 -4.89
N GLU A 26 -5.03 3.97 -4.28
CA GLU A 26 -6.07 4.92 -4.60
C GLU A 26 -6.54 5.66 -3.34
N MET A 27 -7.62 6.39 -3.49
CA MET A 27 -8.19 7.15 -2.38
C MET A 27 -9.28 6.34 -1.66
N VAL A 28 -9.22 6.37 -0.34
CA VAL A 28 -10.19 5.65 0.46
C VAL A 28 -10.83 6.61 1.46
N PRO A 29 -11.87 6.09 2.17
CA PRO A 29 -12.57 6.90 3.16
C PRO A 29 -11.74 7.06 4.43
N TRP A 30 -11.32 8.29 4.67
CA TRP A 30 -10.52 8.58 5.84
C TRP A 30 -11.06 9.88 6.47
N ASP A 31 -10.50 10.21 7.62
CA ASP A 31 -10.91 11.41 8.33
C ASP A 31 -9.69 12.07 8.98
N GLY A 32 -8.75 12.45 8.12
CA GLY A 32 -7.53 13.09 8.59
C GLY A 32 -6.90 13.95 7.49
N CYS A 33 -7.12 13.51 6.26
CA CYS A 33 -6.58 14.22 5.10
C CYS A 33 -7.43 15.47 4.88
N LYS A 34 -7.00 16.27 3.91
CA LYS A 34 -7.71 17.49 3.58
C LYS A 34 -9.06 17.14 2.96
N ALA A 35 -9.10 15.98 2.32
CA ALA A 35 -10.32 15.52 1.69
C ALA A 35 -10.80 14.26 2.39
N GLY A 36 -10.47 14.16 3.67
CA GLY A 36 -10.87 13.01 4.47
C GLY A 36 -10.75 11.71 3.66
N GLN A 37 -9.58 11.54 3.06
CA GLN A 37 -9.32 10.35 2.26
C GLN A 37 -7.85 9.98 2.32
N ILE A 38 -7.58 8.77 2.78
CA ILE A 38 -6.22 8.29 2.88
C ILE A 38 -5.89 7.42 1.67
N ALA A 39 -4.73 7.70 1.07
CA ALA A 39 -4.30 6.95 -0.10
C ALA A 39 -3.96 5.52 0.32
N SER A 40 -4.89 4.62 0.05
CA SER A 40 -4.71 3.22 0.39
C SER A 40 -5.11 2.34 -0.80
N SER A 41 -5.08 1.03 -0.56
CA SER A 41 -5.44 0.08 -1.59
C SER A 41 -6.64 -0.75 -1.15
N PRO A 42 -7.85 -0.19 -1.41
CA PRO A 42 -9.09 -0.87 -1.04
C PRO A 42 -9.38 -2.04 -1.98
N ARG A 43 -9.61 -1.70 -3.24
CA ARG A 43 -9.89 -2.70 -4.25
C ARG A 43 -8.60 -3.17 -4.94
N THR A 44 -7.91 -4.07 -4.25
CA THR A 44 -6.66 -4.59 -4.78
C THR A 44 -6.93 -5.78 -5.71
N GLU A 45 -8.17 -5.87 -6.15
CA GLU A 45 -8.57 -6.95 -7.05
C GLU A 45 -7.61 -7.05 -8.23
N ASP A 46 -7.03 -5.91 -8.58
CA ASP A 46 -6.10 -5.86 -9.69
C ASP A 46 -4.70 -5.53 -9.15
N CYS A 47 -3.84 -6.54 -9.17
CA CYS A 47 -2.48 -6.37 -8.69
C CYS A 47 -1.88 -7.75 -8.47
N VAL A 48 -1.23 -8.26 -9.51
CA VAL A 48 -0.61 -9.57 -9.43
C VAL A 48 0.76 -9.45 -8.77
N GLY A 49 0.77 -8.81 -7.61
CA GLY A 49 2.00 -8.62 -6.87
C GLY A 49 3.15 -8.29 -7.81
N CYS A 50 3.14 -7.07 -8.33
CA CYS A 50 4.17 -6.63 -9.23
C CYS A 50 5.25 -5.90 -8.42
N LYS A 51 5.22 -6.15 -7.12
CA LYS A 51 6.19 -5.54 -6.22
C LYS A 51 5.94 -4.03 -6.17
N ARG A 52 6.86 -3.29 -6.77
CA ARG A 52 6.75 -1.84 -6.79
C ARG A 52 6.21 -1.32 -5.46
N CYS A 53 5.64 -0.13 -5.51
CA CYS A 53 5.08 0.49 -4.32
C CYS A 53 6.01 0.18 -3.14
N GLU A 54 7.28 0.55 -3.32
CA GLU A 54 8.26 0.32 -2.28
C GLU A 54 8.63 1.64 -1.60
N THR A 55 7.61 2.44 -1.34
CA THR A 55 7.80 3.73 -0.69
C THR A 55 6.90 3.85 0.53
N ALA A 56 5.62 3.57 0.32
CA ALA A 56 4.65 3.65 1.40
C ALA A 56 4.89 4.93 2.20
N CYS A 57 5.63 4.77 3.30
CA CYS A 57 5.94 5.90 4.15
C CYS A 57 7.16 5.53 5.00
N PRO A 58 7.79 6.59 5.59
CA PRO A 58 8.97 6.39 6.42
C PRO A 58 8.58 5.83 7.78
N THR A 59 7.81 4.74 7.75
CA THR A 59 7.37 4.10 8.96
C THR A 59 6.41 5.01 9.74
N ASP A 60 6.12 6.14 9.14
CA ASP A 60 5.23 7.11 9.75
C ASP A 60 4.08 6.36 10.44
N PHE A 61 3.74 5.21 9.88
CA PHE A 61 2.68 4.40 10.44
C PHE A 61 2.97 2.90 10.24
N LEU A 62 3.40 2.57 9.03
CA LEU A 62 3.72 1.19 8.71
C LEU A 62 4.62 0.61 9.79
N SER A 63 4.98 -0.65 9.61
CA SER A 63 5.84 -1.34 10.56
C SER A 63 5.00 -1.95 11.67
N ILE A 64 3.75 -2.26 11.33
CA ILE A 64 2.84 -2.86 12.30
C ILE A 64 2.51 -4.29 11.86
N ARG A 65 2.41 -4.47 10.55
CA ARG A 65 2.10 -5.77 10.00
C ARG A 65 3.28 -6.29 9.17
N VAL A 66 3.87 -5.39 8.41
CA VAL A 66 5.00 -5.73 7.56
C VAL A 66 4.56 -6.76 6.51
N TYR A 67 5.01 -6.55 5.30
CA TYR A 67 4.68 -7.43 4.20
C TYR A 67 5.84 -7.56 3.22
N LEU A 68 6.09 -6.49 2.49
CA LEU A 68 7.17 -6.46 1.51
C LEU A 68 8.37 -7.20 2.09
N GLY A 69 9.14 -7.80 1.18
CA GLY A 69 10.33 -8.54 1.58
C GLY A 69 9.96 -9.73 2.46
N ALA A 70 9.05 -10.55 1.94
CA ALA A 70 8.60 -11.73 2.67
C ALA A 70 8.41 -12.89 1.68
N GLU A 71 7.67 -12.61 0.62
CA GLU A 71 7.41 -13.61 -0.39
C GLU A 71 6.63 -12.99 -1.56
N THR A 72 5.33 -12.89 -1.36
CA THR A 72 4.46 -12.33 -2.38
C THR A 72 4.95 -12.73 -3.77
N THR A 73 5.40 -13.97 -3.88
CA THR A 73 5.89 -14.48 -5.15
C THR A 73 5.02 -15.63 -5.64
N ARG A 74 4.77 -16.57 -4.73
CA ARG A 74 3.95 -17.73 -5.05
C ARG A 74 2.83 -17.89 -4.02
N SER A 75 3.16 -17.59 -2.78
CA SER A 75 2.19 -17.69 -1.70
C SER A 75 1.54 -16.34 -1.45
N MET A 76 1.49 -15.53 -2.50
CA MET A 76 0.90 -14.21 -2.41
C MET A 76 -0.31 -14.21 -1.48
N GLY A 77 -1.10 -15.27 -1.60
CA GLY A 77 -2.30 -15.40 -0.78
C GLY A 77 -3.56 -15.29 -1.64
N LEU A 78 -3.44 -15.73 -2.88
CA LEU A 78 -4.57 -15.69 -3.80
C LEU A 78 -5.24 -17.06 -3.85
N ALA A 79 -4.40 -18.08 -4.08
CA ALA A 79 -4.89 -19.44 -4.15
C ALA A 79 -3.86 -20.39 -3.54
N TYR A 80 -2.63 -20.22 -3.98
CA TYR A 80 -1.54 -21.06 -3.48
C TYR A 80 -0.45 -20.20 -2.84
N SER A 1 11.10 1.83 3.36
CA SER A 1 9.76 1.48 3.81
C SER A 1 9.31 0.18 3.13
N HIS A 2 9.17 -0.85 3.94
CA HIS A 2 8.75 -2.14 3.44
C HIS A 2 7.25 -2.33 3.70
N SER A 3 6.78 -3.53 3.40
CA SER A 3 5.37 -3.85 3.60
C SER A 3 4.50 -2.92 2.76
N VAL A 4 3.25 -3.32 2.58
CA VAL A 4 2.31 -2.54 1.81
C VAL A 4 0.88 -2.90 2.23
N LYS A 5 0.69 -2.99 3.54
CA LYS A 5 -0.62 -3.32 4.07
C LYS A 5 -1.53 -2.11 3.98
N ILE A 6 -2.83 -2.38 3.92
CA ILE A 6 -3.81 -1.31 3.84
C ILE A 6 -3.94 -0.63 5.19
N TYR A 7 -3.86 0.69 5.18
CA TYR A 7 -3.96 1.47 6.39
C TYR A 7 -4.10 2.96 6.09
N ASP A 8 -4.36 3.73 7.13
CA ASP A 8 -4.51 5.17 6.99
C ASP A 8 -3.14 5.84 7.08
N THR A 9 -2.16 5.23 6.42
CA THR A 9 -0.81 5.75 6.43
C THR A 9 -0.61 6.76 5.30
N CYS A 10 -0.79 8.03 5.66
CA CYS A 10 -0.64 9.10 4.69
C CYS A 10 -0.42 10.41 5.45
N ILE A 11 0.07 11.41 4.73
CA ILE A 11 0.33 12.70 5.32
C ILE A 11 0.16 13.80 4.26
N GLY A 12 0.72 13.53 3.09
CA GLY A 12 0.63 14.47 1.99
C GLY A 12 1.93 14.50 1.18
N CYS A 13 2.47 13.32 0.95
CA CYS A 13 3.70 13.19 0.19
C CYS A 13 3.37 12.63 -1.19
N THR A 14 4.42 12.44 -1.99
CA THR A 14 4.25 11.90 -3.33
C THR A 14 4.97 10.57 -3.46
N GLN A 15 4.29 9.52 -3.03
CA GLN A 15 4.85 8.18 -3.10
C GLN A 15 3.81 7.14 -2.68
N CYS A 16 3.85 6.00 -3.35
CA CYS A 16 2.93 4.93 -3.05
C CYS A 16 1.65 5.14 -3.87
N VAL A 17 1.16 6.37 -3.83
CA VAL A 17 -0.04 6.71 -4.57
C VAL A 17 0.33 7.02 -6.03
N ARG A 18 1.63 7.05 -6.27
CA ARG A 18 2.13 7.33 -7.61
C ARG A 18 2.92 6.13 -8.13
N ALA A 19 3.73 5.56 -7.25
CA ALA A 19 4.55 4.41 -7.62
C ALA A 19 3.65 3.17 -7.72
N CYS A 20 2.98 3.05 -8.86
CA CYS A 20 2.10 1.92 -9.08
C CYS A 20 1.60 1.99 -10.53
N PRO A 21 1.93 0.93 -11.31
CA PRO A 21 1.52 0.87 -12.70
C PRO A 21 0.03 0.54 -12.82
N LEU A 22 -0.33 -0.64 -12.32
CA LEU A 22 -1.70 -1.10 -12.35
C LEU A 22 -2.60 -0.04 -11.70
N ASP A 23 -1.97 0.80 -10.90
CA ASP A 23 -2.70 1.86 -10.22
C ASP A 23 -3.76 1.23 -9.30
N VAL A 24 -3.33 0.92 -8.08
CA VAL A 24 -4.23 0.32 -7.12
C VAL A 24 -4.50 1.31 -5.98
N LEU A 25 -3.42 1.81 -5.41
CA LEU A 25 -3.52 2.77 -4.32
C LEU A 25 -4.44 3.92 -4.75
N GLU A 26 -5.68 3.85 -4.29
CA GLU A 26 -6.66 4.87 -4.63
C GLU A 26 -7.06 5.64 -3.36
N MET A 27 -7.99 6.57 -3.55
CA MET A 27 -8.47 7.38 -2.44
C MET A 27 -9.61 6.67 -1.70
N VAL A 28 -9.50 6.68 -0.38
CA VAL A 28 -10.52 6.04 0.44
C VAL A 28 -11.02 7.05 1.49
N PRO A 29 -12.08 6.63 2.23
CA PRO A 29 -12.65 7.48 3.26
C PRO A 29 -11.76 7.52 4.50
N TRP A 30 -11.22 8.70 4.76
CA TRP A 30 -10.36 8.89 5.90
C TRP A 30 -10.81 10.15 6.64
N ASP A 31 -10.20 10.38 7.79
CA ASP A 31 -10.53 11.55 8.60
C ASP A 31 -9.24 12.16 9.16
N GLY A 32 -8.38 12.58 8.25
CA GLY A 32 -7.12 13.18 8.63
C GLY A 32 -6.60 14.12 7.54
N CYS A 33 -6.87 13.74 6.30
CA CYS A 33 -6.44 14.52 5.16
C CYS A 33 -7.37 15.74 5.05
N LYS A 34 -6.91 16.72 4.28
CA LYS A 34 -7.68 17.94 4.08
C LYS A 34 -9.01 17.59 3.43
N ALA A 35 -9.03 16.46 2.74
CA ALA A 35 -10.23 16.00 2.06
C ALA A 35 -10.75 14.73 2.75
N GLY A 36 -10.28 14.53 3.98
CA GLY A 36 -10.69 13.37 4.75
C GLY A 36 -10.69 12.11 3.88
N GLN A 37 -9.58 11.89 3.21
CA GLN A 37 -9.45 10.73 2.34
C GLN A 37 -8.00 10.25 2.29
N ILE A 38 -7.79 9.02 2.70
CA ILE A 38 -6.46 8.45 2.70
C ILE A 38 -6.27 7.59 1.44
N ALA A 39 -5.06 7.64 0.91
CA ALA A 39 -4.74 6.89 -0.29
C ALA A 39 -4.34 5.46 0.11
N SER A 40 -5.28 4.54 -0.09
CA SER A 40 -5.04 3.16 0.24
C SER A 40 -5.49 2.25 -0.92
N SER A 41 -5.46 0.95 -0.67
CA SER A 41 -5.85 -0.01 -1.68
C SER A 41 -6.88 -0.98 -1.10
N PRO A 42 -8.17 -0.60 -1.25
CA PRO A 42 -9.27 -1.42 -0.75
C PRO A 42 -9.49 -2.64 -1.64
N ARG A 43 -9.79 -2.37 -2.91
CA ARG A 43 -10.02 -3.44 -3.86
C ARG A 43 -8.74 -3.76 -4.62
N THR A 44 -7.87 -4.53 -3.97
CA THR A 44 -6.61 -4.91 -4.57
C THR A 44 -6.77 -6.21 -5.35
N GLU A 45 -7.99 -6.45 -5.81
CA GLU A 45 -8.29 -7.64 -6.58
C GLU A 45 -7.32 -7.78 -7.74
N ASP A 46 -6.87 -6.64 -8.24
CA ASP A 46 -5.93 -6.62 -9.35
C ASP A 46 -4.58 -6.08 -8.86
N CYS A 47 -3.62 -6.99 -8.77
CA CYS A 47 -2.29 -6.62 -8.32
C CYS A 47 -1.51 -7.91 -8.03
N VAL A 48 -0.73 -8.33 -9.01
CA VAL A 48 0.06 -9.54 -8.88
C VAL A 48 1.47 -9.16 -8.40
N GLY A 49 1.51 -8.19 -7.50
CA GLY A 49 2.79 -7.73 -6.95
C GLY A 49 3.80 -7.48 -8.08
N CYS A 50 3.66 -6.32 -8.70
CA CYS A 50 4.56 -5.95 -9.78
C CYS A 50 5.90 -5.54 -9.18
N LYS A 51 5.83 -5.02 -7.96
CA LYS A 51 7.03 -4.59 -7.26
C LYS A 51 7.36 -3.15 -7.67
N ARG A 52 6.39 -2.27 -7.43
CA ARG A 52 6.56 -0.86 -7.76
C ARG A 52 6.35 0.00 -6.52
N CYS A 53 5.25 -0.26 -5.83
CA CYS A 53 4.92 0.49 -4.63
C CYS A 53 6.16 0.53 -3.74
N GLU A 54 6.21 -0.41 -2.81
CA GLU A 54 7.33 -0.50 -1.89
C GLU A 54 7.59 0.87 -1.24
N THR A 55 6.51 1.64 -1.10
CA THR A 55 6.60 2.96 -0.51
C THR A 55 5.46 3.18 0.47
N ALA A 56 5.28 2.23 1.36
CA ALA A 56 4.23 2.30 2.35
C ALA A 56 4.58 3.39 3.38
N CYS A 57 4.54 4.63 2.91
CA CYS A 57 4.85 5.76 3.77
C CYS A 57 6.27 5.59 4.29
N PRO A 58 6.90 6.75 4.64
CA PRO A 58 8.26 6.74 5.15
C PRO A 58 8.30 6.23 6.59
N THR A 59 7.46 5.26 6.86
CA THR A 59 7.39 4.67 8.20
C THR A 59 7.09 5.75 9.23
N ASP A 60 6.04 5.51 10.01
CA ASP A 60 5.64 6.44 11.05
C ASP A 60 4.15 6.25 11.35
N PHE A 61 3.44 5.70 10.37
CA PHE A 61 2.03 5.45 10.52
C PHE A 61 1.74 3.95 10.64
N LEU A 62 1.93 3.25 9.54
CA LEU A 62 1.70 1.81 9.51
C LEU A 62 2.45 1.16 10.67
N SER A 63 1.81 0.14 11.24
CA SER A 63 2.41 -0.58 12.36
C SER A 63 3.27 -1.73 11.84
N ILE A 64 4.04 -1.43 10.81
CA ILE A 64 4.92 -2.42 10.21
C ILE A 64 4.27 -3.80 10.32
N ARG A 65 3.42 -4.11 9.34
CA ARG A 65 2.73 -5.38 9.31
C ARG A 65 3.58 -6.44 8.60
N VAL A 66 4.51 -5.94 7.79
CA VAL A 66 5.38 -6.83 7.04
C VAL A 66 4.54 -7.69 6.09
N TYR A 67 4.74 -7.46 4.80
CA TYR A 67 4.02 -8.21 3.78
C TYR A 67 4.91 -8.53 2.59
N LEU A 68 5.42 -7.47 1.97
CA LEU A 68 6.28 -7.62 0.81
C LEU A 68 7.23 -8.79 1.05
N GLY A 69 7.55 -9.47 -0.05
CA GLY A 69 8.45 -10.62 0.02
C GLY A 69 7.73 -11.84 0.59
N ALA A 70 6.57 -12.13 0.02
CA ALA A 70 5.78 -13.27 0.45
C ALA A 70 5.00 -13.82 -0.73
N GLU A 71 4.20 -12.95 -1.33
CA GLU A 71 3.39 -13.34 -2.47
C GLU A 71 4.29 -13.74 -3.65
N THR A 72 4.11 -14.97 -4.10
CA THR A 72 4.90 -15.48 -5.21
C THR A 72 4.44 -16.89 -5.58
N THR A 73 3.18 -17.00 -5.95
CA THR A 73 2.62 -18.29 -6.32
C THR A 73 2.16 -19.05 -5.07
N ARG A 74 3.01 -19.03 -4.06
CA ARG A 74 2.70 -19.71 -2.82
C ARG A 74 1.83 -18.82 -1.92
N SER A 75 2.04 -17.52 -2.05
CA SER A 75 1.29 -16.57 -1.27
C SER A 75 0.77 -15.44 -2.17
N MET A 76 0.66 -15.76 -3.46
CA MET A 76 0.18 -14.79 -4.43
C MET A 76 -0.95 -13.94 -3.84
N GLY A 77 -2.03 -14.61 -3.48
CA GLY A 77 -3.18 -13.93 -2.90
C GLY A 77 -4.24 -14.94 -2.44
N LEU A 78 -4.42 -15.97 -3.25
CA LEU A 78 -5.39 -17.00 -2.94
C LEU A 78 -4.67 -18.26 -2.45
N ALA A 79 -3.65 -18.63 -3.21
CA ALA A 79 -2.86 -19.81 -2.86
C ALA A 79 -2.67 -19.86 -1.34
N TYR A 80 -2.62 -18.69 -0.74
CA TYR A 80 -2.44 -18.59 0.70
C TYR A 80 -3.66 -19.15 1.44
N SER A 1 11.54 -4.87 -0.35
CA SER A 1 10.79 -3.64 -0.17
C SER A 1 10.27 -3.55 1.27
N HIS A 2 9.82 -4.69 1.77
CA HIS A 2 9.29 -4.76 3.13
C HIS A 2 7.96 -4.02 3.20
N SER A 3 6.94 -4.75 3.63
CA SER A 3 5.60 -4.18 3.75
C SER A 3 5.19 -3.55 2.42
N VAL A 4 4.03 -2.91 2.44
CA VAL A 4 3.50 -2.26 1.26
C VAL A 4 2.15 -1.63 1.58
N LYS A 5 1.39 -2.34 2.40
CA LYS A 5 0.07 -1.85 2.80
C LYS A 5 0.13 -0.34 3.04
N ILE A 6 -0.97 0.31 2.72
CA ILE A 6 -1.06 1.76 2.89
C ILE A 6 -2.16 2.08 3.89
N TYR A 7 -1.74 2.33 5.13
CA TYR A 7 -2.69 2.66 6.18
C TYR A 7 -3.03 4.14 6.17
N ASP A 8 -3.92 4.53 7.08
CA ASP A 8 -4.34 5.91 7.18
C ASP A 8 -3.12 6.82 7.07
N THR A 9 -1.97 6.26 7.42
CA THR A 9 -0.73 7.01 7.37
C THR A 9 -0.61 7.73 6.02
N CYS A 10 -1.06 8.97 6.00
CA CYS A 10 -1.00 9.77 4.79
C CYS A 10 -0.93 11.24 5.19
N ILE A 11 0.08 11.92 4.67
CA ILE A 11 0.27 13.33 4.96
C ILE A 11 0.12 14.14 3.67
N GLY A 12 0.52 13.52 2.57
CA GLY A 12 0.43 14.17 1.28
C GLY A 12 1.74 14.02 0.49
N CYS A 13 2.24 12.79 0.47
CA CYS A 13 3.49 12.51 -0.23
C CYS A 13 3.14 11.74 -1.50
N THR A 14 3.82 12.10 -2.58
CA THR A 14 3.61 11.46 -3.86
C THR A 14 4.36 10.13 -3.93
N GLN A 15 3.96 9.21 -3.07
CA GLN A 15 4.59 7.91 -3.02
C GLN A 15 3.58 6.84 -2.62
N CYS A 16 3.65 5.71 -3.32
CA CYS A 16 2.74 4.61 -3.05
C CYS A 16 1.48 4.81 -3.90
N VAL A 17 1.06 6.05 -3.98
CA VAL A 17 -0.14 6.39 -4.75
C VAL A 17 0.28 6.82 -6.16
N ARG A 18 1.56 6.61 -6.46
CA ARG A 18 2.09 6.95 -7.76
C ARG A 18 2.95 5.81 -8.30
N ALA A 19 3.86 5.35 -7.46
CA ALA A 19 4.75 4.26 -7.85
C ALA A 19 3.97 3.23 -8.66
N CYS A 20 2.87 2.76 -8.08
CA CYS A 20 2.04 1.78 -8.74
C CYS A 20 1.92 2.16 -10.22
N PRO A 21 2.40 1.23 -11.09
CA PRO A 21 2.36 1.46 -12.52
C PRO A 21 0.94 1.28 -13.07
N LEU A 22 0.36 0.13 -12.77
CA LEU A 22 -0.99 -0.16 -13.22
C LEU A 22 -1.98 0.74 -12.49
N ASP A 23 -1.46 1.46 -11.51
CA ASP A 23 -2.28 2.37 -10.72
C ASP A 23 -3.37 1.57 -10.00
N VAL A 24 -3.10 1.29 -8.73
CA VAL A 24 -4.04 0.54 -7.92
C VAL A 24 -4.48 1.40 -6.73
N LEU A 25 -3.50 1.85 -5.98
CA LEU A 25 -3.77 2.68 -4.81
C LEU A 25 -4.73 3.81 -5.21
N GLU A 26 -5.76 3.98 -4.39
CA GLU A 26 -6.75 5.00 -4.64
C GLU A 26 -7.14 5.69 -3.33
N MET A 27 -8.19 6.51 -3.42
CA MET A 27 -8.68 7.23 -2.26
C MET A 27 -9.67 6.38 -1.46
N VAL A 28 -9.49 6.37 -0.16
CA VAL A 28 -10.36 5.61 0.72
C VAL A 28 -11.04 6.57 1.71
N PRO A 29 -12.06 6.02 2.43
CA PRO A 29 -12.80 6.80 3.40
C PRO A 29 -11.97 7.01 4.67
N TRP A 30 -11.58 8.26 4.87
CA TRP A 30 -10.78 8.62 6.04
C TRP A 30 -11.56 9.66 6.85
N ASP A 31 -10.91 10.80 7.06
CA ASP A 31 -11.52 11.88 7.82
C ASP A 31 -10.46 12.92 8.16
N GLY A 32 -9.29 12.43 8.57
CA GLY A 32 -8.19 13.29 8.94
C GLY A 32 -7.79 14.19 7.76
N CYS A 33 -8.23 13.79 6.57
CA CYS A 33 -7.93 14.55 5.37
C CYS A 33 -8.93 15.70 5.26
N LYS A 34 -8.61 16.64 4.39
CA LYS A 34 -9.46 17.79 4.18
C LYS A 34 -10.78 17.33 3.55
N ALA A 35 -10.70 16.23 2.82
CA ALA A 35 -11.87 15.67 2.17
C ALA A 35 -12.26 14.37 2.85
N GLY A 36 -11.64 14.12 4.00
CA GLY A 36 -11.92 12.91 4.75
C GLY A 36 -11.66 11.66 3.91
N GLN A 37 -10.63 11.75 3.08
CA GLN A 37 -10.27 10.64 2.21
C GLN A 37 -8.75 10.46 2.17
N ILE A 38 -8.31 9.30 2.60
CA ILE A 38 -6.88 8.99 2.63
C ILE A 38 -6.55 8.08 1.44
N ALA A 39 -5.49 8.45 0.74
CA ALA A 39 -5.05 7.68 -0.40
C ALA A 39 -4.39 6.38 0.08
N SER A 40 -5.13 5.29 -0.05
CA SER A 40 -4.64 3.99 0.35
C SER A 40 -5.10 2.92 -0.64
N SER A 41 -4.66 1.69 -0.37
CA SER A 41 -5.01 0.57 -1.23
C SER A 41 -5.75 -0.49 -0.43
N PRO A 42 -7.06 -0.24 -0.20
CA PRO A 42 -7.89 -1.18 0.55
C PRO A 42 -8.23 -2.41 -0.29
N ARG A 43 -8.95 -2.17 -1.37
CA ARG A 43 -9.34 -3.25 -2.26
C ARG A 43 -8.24 -3.51 -3.30
N THR A 44 -7.27 -4.32 -2.89
CA THR A 44 -6.17 -4.66 -3.76
C THR A 44 -6.56 -5.81 -4.69
N GLU A 45 -7.87 -6.01 -4.82
CA GLU A 45 -8.38 -7.07 -5.67
C GLU A 45 -7.68 -7.04 -7.02
N ASP A 46 -7.22 -5.86 -7.40
CA ASP A 46 -6.53 -5.68 -8.67
C ASP A 46 -5.05 -5.39 -8.40
N CYS A 47 -4.28 -6.46 -8.30
CA CYS A 47 -2.85 -6.33 -8.04
C CYS A 47 -2.28 -7.72 -7.77
N VAL A 48 -1.03 -7.90 -8.15
CA VAL A 48 -0.36 -9.18 -7.96
C VAL A 48 1.11 -8.92 -7.62
N GLY A 49 1.33 -8.02 -6.69
CA GLY A 49 2.67 -7.68 -6.27
C GLY A 49 3.63 -7.69 -7.45
N CYS A 50 3.66 -6.58 -8.17
CA CYS A 50 4.52 -6.46 -9.33
C CYS A 50 5.85 -5.86 -8.87
N LYS A 51 6.34 -6.40 -7.76
CA LYS A 51 7.61 -5.94 -7.20
C LYS A 51 7.69 -4.41 -7.34
N ARG A 52 6.77 -3.74 -6.66
CA ARG A 52 6.72 -2.29 -6.69
C ARG A 52 6.15 -1.75 -5.38
N CYS A 53 5.62 -0.54 -5.47
CA CYS A 53 5.03 0.10 -4.30
C CYS A 53 5.98 -0.11 -3.11
N GLU A 54 7.26 -0.05 -3.40
CA GLU A 54 8.27 -0.23 -2.37
C GLU A 54 8.45 1.05 -1.56
N THR A 55 7.32 1.58 -1.09
CA THR A 55 7.33 2.80 -0.31
C THR A 55 6.47 2.63 0.95
N ALA A 56 5.19 2.38 0.72
CA ALA A 56 4.25 2.20 1.82
C ALA A 56 4.20 3.48 2.65
N CYS A 57 5.02 3.52 3.69
CA CYS A 57 5.08 4.67 4.57
C CYS A 57 6.08 4.38 5.69
N PRO A 58 7.39 4.60 5.36
CA PRO A 58 8.44 4.36 6.33
C PRO A 58 8.47 5.46 7.40
N THR A 59 8.76 5.05 8.62
CA THR A 59 8.83 5.99 9.73
C THR A 59 7.44 6.54 10.04
N ASP A 60 6.85 7.19 9.06
CA ASP A 60 5.53 7.77 9.21
C ASP A 60 4.68 6.87 10.12
N PHE A 61 4.75 5.57 9.85
CA PHE A 61 4.01 4.61 10.63
C PHE A 61 4.46 3.18 10.31
N LEU A 62 3.96 2.67 9.20
CA LEU A 62 4.30 1.32 8.77
C LEU A 62 4.21 0.38 9.96
N SER A 63 3.02 -0.15 10.17
CA SER A 63 2.78 -1.07 11.27
C SER A 63 3.63 -2.32 11.09
N ILE A 64 2.98 -3.39 10.68
CA ILE A 64 3.67 -4.66 10.47
C ILE A 64 2.69 -5.67 9.88
N ARG A 65 2.40 -5.49 8.60
CA ARG A 65 1.49 -6.39 7.91
C ARG A 65 2.23 -7.21 6.85
N VAL A 66 2.17 -8.52 7.02
CA VAL A 66 2.83 -9.43 6.09
C VAL A 66 2.58 -8.95 4.66
N TYR A 67 3.61 -8.36 4.08
CA TYR A 67 3.52 -7.86 2.71
C TYR A 67 4.87 -7.92 2.02
N LEU A 68 4.96 -7.19 0.91
CA LEU A 68 6.19 -7.14 0.14
C LEU A 68 7.39 -7.31 1.08
N GLY A 69 8.21 -8.30 0.77
CA GLY A 69 9.39 -8.58 1.58
C GLY A 69 8.99 -9.24 2.89
N ALA A 70 8.06 -10.17 2.80
CA ALA A 70 7.59 -10.90 3.97
C ALA A 70 6.63 -12.00 3.54
N GLU A 71 5.62 -11.60 2.78
CA GLU A 71 4.63 -12.54 2.29
C GLU A 71 5.27 -13.53 1.32
N THR A 72 4.40 -14.31 0.67
CA THR A 72 4.88 -15.29 -0.28
C THR A 72 6.19 -15.90 0.18
N THR A 73 6.25 -16.21 1.46
CA THR A 73 7.45 -16.80 2.04
C THR A 73 7.20 -18.26 2.42
N ARG A 74 6.06 -18.49 3.08
CA ARG A 74 5.70 -19.82 3.51
C ARG A 74 4.47 -20.30 2.73
N SER A 75 3.71 -19.34 2.23
CA SER A 75 2.50 -19.65 1.48
C SER A 75 2.68 -19.21 0.03
N MET A 76 3.92 -19.03 -0.36
CA MET A 76 4.24 -18.61 -1.72
C MET A 76 3.27 -19.24 -2.72
N GLY A 77 3.12 -20.56 -2.61
CA GLY A 77 2.23 -21.28 -3.50
C GLY A 77 2.33 -22.79 -3.26
N LEU A 78 3.55 -23.23 -2.96
CA LEU A 78 3.79 -24.65 -2.71
C LEU A 78 4.06 -24.84 -1.21
N ALA A 79 5.09 -24.16 -0.73
CA ALA A 79 5.47 -24.26 0.67
C ALA A 79 4.20 -24.29 1.53
N TYR A 80 3.17 -23.61 1.04
CA TYR A 80 1.91 -23.56 1.76
C TYR A 80 1.60 -24.89 2.45
N SER A 1 -2.57 -6.48 -0.15
CA SER A 1 -1.57 -7.48 -0.45
C SER A 1 -0.19 -7.02 0.03
N HIS A 2 0.84 -7.60 -0.57
CA HIS A 2 2.21 -7.25 -0.22
C HIS A 2 2.31 -5.74 -0.03
N SER A 3 2.98 -5.36 1.05
CA SER A 3 3.16 -3.95 1.36
C SER A 3 1.85 -3.19 1.15
N VAL A 4 1.98 -1.90 0.88
CA VAL A 4 0.82 -1.06 0.66
C VAL A 4 -0.36 -1.60 1.47
N LYS A 5 -0.14 -1.68 2.78
CA LYS A 5 -1.18 -2.18 3.67
C LYS A 5 -2.40 -1.26 3.59
N ILE A 6 -3.45 -1.67 4.29
CA ILE A 6 -4.68 -0.89 4.30
C ILE A 6 -4.79 -0.15 5.63
N TYR A 7 -3.97 0.87 5.78
CA TYR A 7 -3.97 1.68 6.99
C TYR A 7 -4.06 3.16 6.67
N ASP A 8 -4.33 3.94 7.71
CA ASP A 8 -4.44 5.39 7.55
C ASP A 8 -3.06 6.02 7.72
N THR A 9 -2.07 5.39 7.12
CA THR A 9 -0.70 5.88 7.19
C THR A 9 -0.40 6.81 6.02
N CYS A 10 -0.62 8.10 6.25
CA CYS A 10 -0.39 9.09 5.21
C CYS A 10 -0.14 10.44 5.90
N ILE A 11 0.68 11.25 5.25
CA ILE A 11 0.99 12.57 5.78
C ILE A 11 0.34 13.64 4.89
N GLY A 12 0.03 13.24 3.67
CA GLY A 12 -0.59 14.15 2.72
C GLY A 12 0.28 14.32 1.48
N CYS A 13 0.95 13.24 1.12
CA CYS A 13 1.83 13.27 -0.05
C CYS A 13 1.23 12.33 -1.11
N THR A 14 1.82 12.38 -2.30
CA THR A 14 1.36 11.55 -3.39
C THR A 14 2.54 10.82 -4.03
N GLN A 15 3.06 9.84 -3.30
CA GLN A 15 4.18 9.06 -3.78
C GLN A 15 3.74 7.61 -4.05
N CYS A 16 3.04 7.04 -3.08
CA CYS A 16 2.56 5.68 -3.20
C CYS A 16 1.27 5.70 -4.03
N VAL A 17 1.02 6.84 -4.65
CA VAL A 17 -0.17 7.00 -5.46
C VAL A 17 0.25 7.23 -6.92
N ARG A 18 1.55 7.11 -7.15
CA ARG A 18 2.09 7.29 -8.48
C ARG A 18 2.77 6.01 -8.97
N ALA A 19 3.69 5.52 -8.15
CA ALA A 19 4.41 4.31 -8.47
C ALA A 19 3.47 3.11 -8.37
N CYS A 20 2.84 2.79 -9.48
CA CYS A 20 1.91 1.68 -9.53
C CYS A 20 1.36 1.56 -10.95
N PRO A 21 1.89 0.55 -11.69
CA PRO A 21 1.46 0.32 -13.06
C PRO A 21 0.08 -0.33 -13.10
N LEU A 22 -0.06 -1.40 -12.34
CA LEU A 22 -1.33 -2.12 -12.27
C LEU A 22 -2.42 -1.18 -11.75
N ASP A 23 -1.97 -0.12 -11.09
CA ASP A 23 -2.90 0.85 -10.53
C ASP A 23 -3.83 0.16 -9.52
N VAL A 24 -3.29 -0.06 -8.34
CA VAL A 24 -4.06 -0.71 -7.28
C VAL A 24 -4.33 0.30 -6.17
N LEU A 25 -3.34 1.15 -5.93
CA LEU A 25 -3.47 2.16 -4.89
C LEU A 25 -4.53 3.18 -5.29
N GLU A 26 -5.48 3.40 -4.40
CA GLU A 26 -6.55 4.34 -4.65
C GLU A 26 -6.79 5.22 -3.42
N MET A 27 -7.88 5.98 -3.48
CA MET A 27 -8.23 6.86 -2.38
C MET A 27 -9.36 6.26 -1.54
N VAL A 28 -9.16 6.30 -0.23
CA VAL A 28 -10.14 5.76 0.70
C VAL A 28 -10.64 6.88 1.62
N PRO A 29 -11.78 6.61 2.30
CA PRO A 29 -12.37 7.58 3.21
C PRO A 29 -11.57 7.66 4.51
N TRP A 30 -10.91 8.79 4.70
CA TRP A 30 -10.11 9.00 5.89
C TRP A 30 -10.55 10.33 6.52
N ASP A 31 -9.99 10.60 7.70
CA ASP A 31 -10.32 11.82 8.41
C ASP A 31 -9.04 12.40 9.01
N GLY A 32 -8.11 12.75 8.13
CA GLY A 32 -6.85 13.33 8.55
C GLY A 32 -6.22 14.16 7.43
N CYS A 33 -6.43 13.71 6.20
CA CYS A 33 -5.91 14.41 5.05
C CYS A 33 -6.72 15.69 4.84
N LYS A 34 -6.23 16.52 3.94
CA LYS A 34 -6.91 17.78 3.64
C LYS A 34 -8.25 17.48 2.99
N ALA A 35 -8.34 16.29 2.40
CA ALA A 35 -9.56 15.88 1.73
C ALA A 35 -10.14 14.66 2.44
N GLY A 36 -9.70 14.48 3.69
CA GLY A 36 -10.16 13.36 4.49
C GLY A 36 -10.17 12.06 3.67
N GLN A 37 -9.02 11.77 3.08
CA GLN A 37 -8.88 10.57 2.28
C GLN A 37 -7.43 10.07 2.32
N ILE A 38 -7.27 8.85 2.82
CA ILE A 38 -5.95 8.25 2.91
C ILE A 38 -5.69 7.39 1.68
N ALA A 39 -4.50 7.52 1.14
CA ALA A 39 -4.11 6.75 -0.04
C ALA A 39 -3.77 5.32 0.38
N SER A 40 -4.71 4.43 0.14
CA SER A 40 -4.53 3.03 0.48
C SER A 40 -4.95 2.14 -0.69
N SER A 41 -5.04 0.85 -0.42
CA SER A 41 -5.42 -0.11 -1.43
C SER A 41 -6.68 -0.87 -0.99
N PRO A 42 -7.86 -0.30 -1.34
CA PRO A 42 -9.13 -0.91 -0.97
C PRO A 42 -9.41 -2.13 -1.85
N ARG A 43 -9.60 -1.87 -3.13
CA ARG A 43 -9.88 -2.94 -4.08
C ARG A 43 -8.58 -3.42 -4.73
N THR A 44 -7.87 -4.28 -4.00
CA THR A 44 -6.63 -4.83 -4.49
C THR A 44 -6.88 -6.10 -5.30
N GLU A 45 -8.05 -6.14 -5.92
CA GLU A 45 -8.42 -7.30 -6.72
C GLU A 45 -7.44 -7.49 -7.87
N ASP A 46 -6.76 -6.40 -8.22
CA ASP A 46 -5.79 -6.45 -9.30
C ASP A 46 -4.46 -5.90 -8.79
N CYS A 47 -3.54 -6.82 -8.53
CA CYS A 47 -2.23 -6.44 -8.04
C CYS A 47 -1.49 -7.71 -7.60
N VAL A 48 -0.73 -8.27 -8.52
CA VAL A 48 0.02 -9.48 -8.25
C VAL A 48 1.45 -9.10 -7.84
N GLY A 49 1.53 -8.18 -6.90
CA GLY A 49 2.82 -7.73 -6.41
C GLY A 49 3.81 -7.53 -7.56
N CYS A 50 3.65 -6.42 -8.26
CA CYS A 50 4.51 -6.10 -9.38
C CYS A 50 5.85 -5.60 -8.83
N LYS A 51 5.78 -5.00 -7.65
CA LYS A 51 6.97 -4.48 -7.00
C LYS A 51 7.32 -3.12 -7.61
N ARG A 52 6.35 -2.21 -7.53
CA ARG A 52 6.53 -0.88 -8.07
C ARG A 52 6.33 0.17 -6.97
N CYS A 53 5.30 -0.07 -6.16
CA CYS A 53 4.99 0.83 -5.07
C CYS A 53 6.28 1.14 -4.31
N GLU A 54 6.60 0.24 -3.39
CA GLU A 54 7.80 0.40 -2.58
C GLU A 54 8.01 1.87 -2.21
N THR A 55 6.95 2.46 -1.68
CA THR A 55 7.00 3.86 -1.28
C THR A 55 5.77 4.21 -0.43
N ALA A 56 5.29 3.21 0.29
CA ALA A 56 4.13 3.41 1.15
C ALA A 56 4.40 4.56 2.11
N CYS A 57 5.25 4.29 3.09
CA CYS A 57 5.60 5.29 4.08
C CYS A 57 6.43 4.63 5.17
N PRO A 58 7.00 5.47 6.06
CA PRO A 58 7.83 4.97 7.15
C PRO A 58 6.95 4.36 8.25
N THR A 59 7.62 3.74 9.21
CA THR A 59 6.93 3.11 10.32
C THR A 59 6.30 4.17 11.22
N ASP A 60 6.65 5.42 10.96
CA ASP A 60 6.13 6.53 11.74
C ASP A 60 4.63 6.33 11.94
N PHE A 61 4.02 5.61 11.01
CA PHE A 61 2.60 5.36 11.07
C PHE A 61 2.31 3.85 11.06
N LEU A 62 2.50 3.25 9.90
CA LEU A 62 2.27 1.82 9.75
C LEU A 62 2.98 1.08 10.88
N SER A 63 2.23 0.24 11.56
CA SER A 63 2.78 -0.54 12.66
C SER A 63 3.71 -1.63 12.11
N ILE A 64 3.09 -2.68 11.59
CA ILE A 64 3.86 -3.79 11.03
C ILE A 64 2.89 -4.87 10.55
N ARG A 65 2.55 -4.78 9.27
CA ARG A 65 1.63 -5.74 8.67
C ARG A 65 2.35 -6.56 7.60
N VAL A 66 2.81 -5.86 6.57
CA VAL A 66 3.52 -6.51 5.48
C VAL A 66 4.20 -5.45 4.62
N TYR A 67 5.31 -5.85 4.02
CA TYR A 67 6.07 -4.95 3.16
C TYR A 67 7.04 -5.72 2.27
N LEU A 68 7.34 -5.12 1.13
CA LEU A 68 8.25 -5.74 0.18
C LEU A 68 9.40 -6.42 0.94
N GLY A 69 9.83 -5.75 2.00
CA GLY A 69 10.92 -6.27 2.82
C GLY A 69 10.45 -7.47 3.65
N ALA A 70 9.98 -8.48 2.93
CA ALA A 70 9.50 -9.70 3.58
C ALA A 70 9.62 -10.87 2.61
N GLU A 71 9.17 -10.63 1.39
CA GLU A 71 9.23 -11.66 0.36
C GLU A 71 10.65 -11.78 -0.20
N THR A 72 11.18 -10.65 -0.64
CA THR A 72 12.52 -10.62 -1.20
C THR A 72 13.56 -10.66 -0.08
N THR A 73 13.05 -10.70 1.15
CA THR A 73 13.93 -10.74 2.31
C THR A 73 14.82 -11.98 2.27
N ARG A 74 14.18 -13.13 2.23
CA ARG A 74 14.90 -14.39 2.18
C ARG A 74 14.67 -15.09 0.84
N SER A 75 13.53 -14.78 0.23
CA SER A 75 13.18 -15.37 -1.04
C SER A 75 13.90 -14.64 -2.18
N MET A 76 14.45 -13.48 -1.84
CA MET A 76 15.18 -12.68 -2.81
C MET A 76 14.28 -12.31 -3.99
N GLY A 77 14.10 -13.29 -4.88
CA GLY A 77 13.27 -13.09 -6.05
C GLY A 77 13.03 -14.41 -6.78
N LEU A 78 14.06 -15.25 -6.79
CA LEU A 78 13.97 -16.54 -7.45
C LEU A 78 13.74 -17.63 -6.40
N ALA A 79 14.52 -17.54 -5.31
CA ALA A 79 14.40 -18.50 -4.23
C ALA A 79 12.92 -18.78 -3.96
N TYR A 80 12.10 -17.77 -4.20
CA TYR A 80 10.68 -17.88 -3.98
C TYR A 80 10.03 -18.79 -5.02
N SER A 1 12.11 -0.35 3.23
CA SER A 1 11.81 -1.44 4.16
C SER A 1 11.10 -2.58 3.41
N HIS A 2 9.78 -2.54 3.44
CA HIS A 2 8.98 -3.55 2.78
C HIS A 2 7.51 -3.39 3.18
N SER A 3 6.71 -4.36 2.75
CA SER A 3 5.29 -4.34 3.06
C SER A 3 4.64 -3.06 2.50
N VAL A 4 3.34 -3.12 2.34
CA VAL A 4 2.60 -1.98 1.82
C VAL A 4 1.11 -2.16 2.14
N LYS A 5 0.85 -2.82 3.25
CA LYS A 5 -0.51 -3.06 3.68
C LYS A 5 -1.27 -1.73 3.72
N ILE A 6 -2.39 -1.71 3.01
CA ILE A 6 -3.21 -0.51 2.96
C ILE A 6 -3.53 -0.05 4.38
N TYR A 7 -3.34 1.25 4.60
CA TYR A 7 -3.60 1.82 5.91
C TYR A 7 -3.81 3.34 5.81
N ASP A 8 -4.14 3.93 6.95
CA ASP A 8 -4.38 5.37 7.00
C ASP A 8 -3.04 6.08 7.23
N THR A 9 -2.03 5.63 6.51
CA THR A 9 -0.71 6.22 6.62
C THR A 9 -0.44 7.18 5.46
N CYS A 10 -0.81 8.43 5.68
CA CYS A 10 -0.61 9.45 4.66
C CYS A 10 -0.49 10.80 5.35
N ILE A 11 0.60 11.48 5.07
CA ILE A 11 0.86 12.79 5.66
C ILE A 11 0.69 13.87 4.58
N GLY A 12 0.82 13.44 3.34
CA GLY A 12 0.70 14.36 2.22
C GLY A 12 1.96 14.37 1.36
N CYS A 13 2.41 13.17 1.01
CA CYS A 13 3.59 13.03 0.19
C CYS A 13 3.20 12.43 -1.15
N THR A 14 4.17 12.37 -2.06
CA THR A 14 3.92 11.82 -3.38
C THR A 14 4.72 10.53 -3.58
N GLN A 15 4.36 9.53 -2.79
CA GLN A 15 5.03 8.24 -2.88
C GLN A 15 4.05 7.11 -2.58
N CYS A 16 4.21 6.02 -3.32
CA CYS A 16 3.34 4.87 -3.15
C CYS A 16 2.14 5.04 -4.07
N VAL A 17 1.83 6.29 -4.37
CA VAL A 17 0.70 6.61 -5.23
C VAL A 17 1.21 7.01 -6.61
N ARG A 18 2.46 6.63 -6.88
CA ARG A 18 3.09 6.95 -8.15
C ARG A 18 3.51 5.67 -8.87
N ALA A 19 4.21 4.81 -8.12
CA ALA A 19 4.68 3.56 -8.67
C ALA A 19 3.54 2.53 -8.63
N CYS A 20 2.58 2.73 -9.52
CA CYS A 20 1.44 1.84 -9.59
C CYS A 20 0.88 1.88 -11.01
N PRO A 21 1.36 0.93 -11.86
CA PRO A 21 0.92 0.86 -13.23
C PRO A 21 -0.50 0.27 -13.33
N LEU A 22 -0.75 -0.73 -12.51
CA LEU A 22 -2.05 -1.38 -12.48
C LEU A 22 -3.11 -0.37 -12.07
N ASP A 23 -2.65 0.72 -11.48
CA ASP A 23 -3.55 1.77 -11.03
C ASP A 23 -4.52 1.21 -9.99
N VAL A 24 -3.96 0.90 -8.83
CA VAL A 24 -4.76 0.35 -7.74
C VAL A 24 -4.76 1.34 -6.56
N LEU A 25 -3.56 1.72 -6.16
CA LEU A 25 -3.41 2.66 -5.06
C LEU A 25 -4.15 3.96 -5.39
N GLU A 26 -5.29 4.13 -4.74
CA GLU A 26 -6.11 5.31 -4.95
C GLU A 26 -6.53 5.92 -3.62
N MET A 27 -7.52 6.78 -3.69
CA MET A 27 -8.03 7.43 -2.49
C MET A 27 -9.15 6.61 -1.84
N VAL A 28 -9.10 6.53 -0.53
CA VAL A 28 -10.10 5.79 0.22
C VAL A 28 -10.75 6.70 1.26
N PRO A 29 -11.75 6.13 1.98
CA PRO A 29 -12.46 6.89 3.01
C PRO A 29 -11.59 7.04 4.26
N TRP A 30 -11.22 8.28 4.54
CA TRP A 30 -10.40 8.57 5.70
C TRP A 30 -10.97 9.82 6.38
N ASP A 31 -10.39 10.15 7.52
CA ASP A 31 -10.84 11.31 8.27
C ASP A 31 -9.62 12.01 8.88
N GLY A 32 -8.71 12.43 8.01
CA GLY A 32 -7.51 13.11 8.45
C GLY A 32 -6.98 14.05 7.36
N CYS A 33 -7.18 13.63 6.12
CA CYS A 33 -6.73 14.43 4.98
C CYS A 33 -7.70 15.59 4.80
N LYS A 34 -7.27 16.56 4.00
CA LYS A 34 -8.08 17.74 3.74
C LYS A 34 -9.39 17.30 3.09
N ALA A 35 -9.34 16.14 2.45
CA ALA A 35 -10.52 15.60 1.77
C ALA A 35 -10.93 14.30 2.45
N GLY A 36 -10.55 14.18 3.71
CA GLY A 36 -10.88 12.98 4.48
C GLY A 36 -10.72 11.72 3.62
N GLN A 37 -9.56 11.61 2.99
CA GLN A 37 -9.29 10.46 2.15
C GLN A 37 -7.80 10.10 2.21
N ILE A 38 -7.53 8.87 2.62
CA ILE A 38 -6.16 8.40 2.73
C ILE A 38 -5.83 7.53 1.51
N ALA A 39 -4.83 7.99 0.77
CA ALA A 39 -4.41 7.27 -0.42
C ALA A 39 -4.04 5.83 -0.04
N SER A 40 -4.94 4.92 -0.39
CA SER A 40 -4.73 3.51 -0.08
C SER A 40 -5.40 2.64 -1.15
N SER A 41 -5.32 1.33 -0.95
CA SER A 41 -5.91 0.40 -1.88
C SER A 41 -7.00 -0.42 -1.17
N PRO A 42 -8.26 0.05 -1.33
CA PRO A 42 -9.40 -0.63 -0.72
C PRO A 42 -9.74 -1.91 -1.47
N ARG A 43 -9.93 -1.75 -2.78
CA ARG A 43 -10.27 -2.89 -3.62
C ARG A 43 -9.00 -3.48 -4.26
N THR A 44 -8.30 -4.27 -3.47
CA THR A 44 -7.07 -4.89 -3.95
C THR A 44 -7.38 -6.24 -4.61
N GLU A 45 -8.61 -6.36 -5.09
CA GLU A 45 -9.04 -7.58 -5.75
C GLU A 45 -7.98 -8.05 -6.75
N ASP A 46 -7.20 -7.08 -7.24
CA ASP A 46 -6.16 -7.38 -8.20
C ASP A 46 -4.96 -6.45 -7.94
N CYS A 47 -4.00 -6.97 -7.22
CA CYS A 47 -2.80 -6.21 -6.90
C CYS A 47 -2.01 -6.96 -5.83
N VAL A 48 -0.71 -7.06 -6.05
CA VAL A 48 0.16 -7.75 -5.12
C VAL A 48 1.61 -7.58 -5.57
N GLY A 49 2.02 -6.32 -5.69
CA GLY A 49 3.37 -6.01 -6.11
C GLY A 49 3.60 -6.37 -7.58
N CYS A 50 3.63 -5.35 -8.41
CA CYS A 50 3.83 -5.55 -9.84
C CYS A 50 5.04 -4.72 -10.27
N LYS A 51 5.02 -3.46 -9.89
CA LYS A 51 6.11 -2.56 -10.22
C LYS A 51 6.63 -1.88 -8.96
N ARG A 52 6.81 -2.69 -7.92
CA ARG A 52 7.31 -2.19 -6.65
C ARG A 52 6.26 -1.26 -6.01
N CYS A 53 6.41 -1.06 -4.72
CA CYS A 53 5.50 -0.20 -3.99
C CYS A 53 5.73 -0.42 -2.48
N GLU A 54 7.00 -0.51 -2.12
CA GLU A 54 7.36 -0.72 -0.72
C GLU A 54 7.69 0.62 -0.06
N THR A 55 6.84 1.60 -0.33
CA THR A 55 7.03 2.92 0.24
C THR A 55 5.68 3.50 0.70
N ALA A 56 4.87 2.63 1.27
CA ALA A 56 3.56 3.04 1.75
C ALA A 56 3.70 4.32 2.56
N CYS A 57 4.68 4.32 3.46
CA CYS A 57 4.91 5.47 4.30
C CYS A 57 6.12 5.17 5.20
N PRO A 58 6.81 6.25 5.62
CA PRO A 58 7.97 6.12 6.48
C PRO A 58 7.56 5.78 7.91
N THR A 59 6.76 4.73 8.04
CA THR A 59 6.28 4.30 9.34
C THR A 59 5.39 5.37 9.97
N ASP A 60 5.41 5.43 11.29
CA ASP A 60 4.61 6.39 12.00
C ASP A 60 3.19 5.85 12.19
N PHE A 61 2.67 5.28 11.10
CA PHE A 61 1.33 4.72 11.12
C PHE A 61 1.38 3.19 11.05
N LEU A 62 1.91 2.70 9.94
CA LEU A 62 2.02 1.27 9.73
C LEU A 62 3.23 0.74 10.50
N SER A 63 3.02 -0.37 11.19
CA SER A 63 4.08 -0.99 11.96
C SER A 63 4.76 -2.09 11.13
N ILE A 64 4.91 -1.81 9.84
CA ILE A 64 5.53 -2.77 8.94
C ILE A 64 4.98 -4.16 9.22
N ARG A 65 3.91 -4.50 8.51
CA ARG A 65 3.27 -5.80 8.67
C ARG A 65 4.05 -6.87 7.89
N VAL A 66 5.04 -6.41 7.14
CA VAL A 66 5.87 -7.31 6.35
C VAL A 66 4.98 -8.08 5.39
N TYR A 67 5.06 -7.71 4.12
CA TYR A 67 4.27 -8.36 3.09
C TYR A 67 5.14 -8.71 1.88
N LEU A 68 5.55 -7.67 1.17
CA LEU A 68 6.38 -7.86 -0.02
C LEU A 68 7.46 -8.91 0.29
N GLY A 69 7.50 -9.92 -0.57
CA GLY A 69 8.47 -10.98 -0.40
C GLY A 69 8.67 -11.33 1.07
N ALA A 70 7.68 -12.00 1.64
CA ALA A 70 7.73 -12.39 3.03
C ALA A 70 6.84 -13.61 3.25
N GLU A 71 5.61 -13.51 2.77
CA GLU A 71 4.65 -14.59 2.91
C GLU A 71 5.17 -15.86 2.23
N THR A 72 5.21 -15.80 0.90
CA THR A 72 5.69 -16.93 0.12
C THR A 72 5.20 -18.24 0.72
N THR A 73 3.90 -18.49 0.55
CA THR A 73 3.29 -19.69 1.07
C THR A 73 1.91 -19.91 0.43
N ARG A 74 1.13 -18.83 0.41
CA ARG A 74 -0.20 -18.89 -0.17
C ARG A 74 -0.26 -18.07 -1.46
N SER A 75 0.60 -17.06 -1.52
CA SER A 75 0.66 -16.20 -2.69
C SER A 75 2.05 -16.27 -3.33
N MET A 76 2.85 -17.20 -2.83
CA MET A 76 4.20 -17.38 -3.33
C MET A 76 4.24 -17.16 -4.85
N GLY A 77 3.54 -18.02 -5.56
CA GLY A 77 3.49 -17.93 -7.01
C GLY A 77 3.33 -19.31 -7.64
N LEU A 78 2.45 -20.10 -7.03
CA LEU A 78 2.19 -21.44 -7.52
C LEU A 78 0.71 -21.57 -7.89
N ALA A 79 -0.13 -21.36 -6.89
CA ALA A 79 -1.57 -21.45 -7.09
C ALA A 79 -2.08 -20.13 -7.68
N TYR A 80 -1.41 -19.05 -7.30
CA TYR A 80 -1.78 -17.74 -7.78
C TYR A 80 -2.22 -17.78 -9.25
N SER A 1 8.42 1.74 3.87
CA SER A 1 9.63 0.93 3.87
C SER A 1 9.28 -0.54 3.62
N HIS A 2 8.47 -1.08 4.51
CA HIS A 2 8.06 -2.47 4.40
C HIS A 2 6.54 -2.57 4.55
N SER A 3 5.96 -3.53 3.84
CA SER A 3 4.53 -3.74 3.90
C SER A 3 3.79 -2.47 3.46
N VAL A 4 2.56 -2.66 3.03
CA VAL A 4 1.75 -1.54 2.58
C VAL A 4 0.26 -1.91 2.70
N LYS A 5 -0.10 -2.39 3.87
CA LYS A 5 -1.47 -2.79 4.14
C LYS A 5 -2.39 -1.59 3.89
N ILE A 6 -3.64 -1.74 4.33
CA ILE A 6 -4.62 -0.69 4.16
C ILE A 6 -4.72 0.12 5.46
N TYR A 7 -3.70 0.93 5.71
CA TYR A 7 -3.66 1.76 6.90
C TYR A 7 -3.81 3.24 6.54
N ASP A 8 -4.06 4.04 7.57
CA ASP A 8 -4.23 5.47 7.37
C ASP A 8 -2.85 6.14 7.40
N THR A 9 -1.93 5.54 6.67
CA THR A 9 -0.58 6.06 6.58
C THR A 9 -0.45 7.02 5.40
N CYS A 10 -0.63 8.30 5.69
CA CYS A 10 -0.54 9.32 4.66
C CYS A 10 -0.29 10.66 5.33
N ILE A 11 0.90 11.20 5.09
CA ILE A 11 1.27 12.48 5.67
C ILE A 11 1.10 13.58 4.63
N GLY A 12 0.51 13.20 3.50
CA GLY A 12 0.27 14.14 2.42
C GLY A 12 1.48 14.22 1.49
N CYS A 13 1.91 13.06 1.02
CA CYS A 13 3.05 12.97 0.13
C CYS A 13 2.59 12.34 -1.18
N THR A 14 3.26 12.73 -2.26
CA THR A 14 2.94 12.20 -3.57
C THR A 14 3.77 10.96 -3.88
N GLN A 15 3.54 9.92 -3.09
CA GLN A 15 4.26 8.67 -3.27
C GLN A 15 3.36 7.48 -2.93
N CYS A 16 3.54 6.42 -3.68
CA CYS A 16 2.75 5.20 -3.47
C CYS A 16 1.45 5.34 -4.27
N VAL A 17 1.10 6.58 -4.57
CA VAL A 17 -0.11 6.85 -5.32
C VAL A 17 0.26 7.16 -6.77
N ARG A 18 1.53 6.96 -7.09
CA ARG A 18 2.02 7.21 -8.44
C ARG A 18 2.67 5.95 -9.01
N ALA A 19 3.66 5.46 -8.30
CA ALA A 19 4.37 4.27 -8.73
C ALA A 19 3.45 3.06 -8.63
N CYS A 20 2.64 2.87 -9.67
CA CYS A 20 1.71 1.76 -9.71
C CYS A 20 1.12 1.69 -11.11
N PRO A 21 1.63 0.69 -11.90
CA PRO A 21 1.16 0.51 -13.26
C PRO A 21 -0.21 -0.16 -13.27
N LEU A 22 -0.39 -1.09 -12.35
CA LEU A 22 -1.67 -1.80 -12.25
C LEU A 22 -2.74 -0.85 -11.74
N ASP A 23 -2.30 0.20 -11.05
CA ASP A 23 -3.21 1.18 -10.51
C ASP A 23 -4.16 0.50 -9.52
N VAL A 24 -3.71 0.43 -8.27
CA VAL A 24 -4.50 -0.18 -7.22
C VAL A 24 -4.71 0.83 -6.09
N LEU A 25 -3.63 1.53 -5.76
CA LEU A 25 -3.69 2.52 -4.71
C LEU A 25 -4.65 3.64 -5.11
N GLU A 26 -5.70 3.79 -4.32
CA GLU A 26 -6.70 4.81 -4.58
C GLU A 26 -7.00 5.59 -3.30
N MET A 27 -8.06 6.40 -3.38
CA MET A 27 -8.46 7.20 -2.24
C MET A 27 -9.55 6.49 -1.42
N VAL A 28 -9.39 6.53 -0.11
CA VAL A 28 -10.34 5.90 0.79
C VAL A 28 -10.85 6.93 1.79
N PRO A 29 -11.89 6.51 2.57
CA PRO A 29 -12.46 7.38 3.57
C PRO A 29 -11.55 7.50 4.80
N TRP A 30 -11.05 8.71 5.02
CA TRP A 30 -10.17 8.95 6.14
C TRP A 30 -10.62 10.25 6.82
N ASP A 31 -9.99 10.55 7.94
CA ASP A 31 -10.32 11.75 8.69
C ASP A 31 -9.04 12.38 9.23
N GLY A 32 -8.16 12.76 8.32
CA GLY A 32 -6.89 13.36 8.69
C GLY A 32 -6.36 14.25 7.56
N CYS A 33 -6.63 13.82 6.34
CA CYS A 33 -6.18 14.56 5.18
C CYS A 33 -7.07 15.80 5.02
N LYS A 34 -6.68 16.65 4.08
CA LYS A 34 -7.42 17.87 3.82
C LYS A 34 -8.79 17.51 3.24
N ALA A 35 -8.84 16.35 2.61
CA ALA A 35 -10.07 15.88 2.00
C ALA A 35 -10.56 14.63 2.75
N GLY A 36 -10.11 14.51 3.99
CA GLY A 36 -10.49 13.38 4.81
C GLY A 36 -10.52 12.09 4.00
N GLN A 37 -9.43 11.84 3.29
CA GLN A 37 -9.30 10.65 2.47
C GLN A 37 -7.85 10.19 2.41
N ILE A 38 -7.64 8.96 2.87
CA ILE A 38 -6.30 8.39 2.87
C ILE A 38 -6.12 7.52 1.63
N ALA A 39 -4.92 7.58 1.06
CA ALA A 39 -4.61 6.81 -0.12
C ALA A 39 -4.26 5.37 0.28
N SER A 40 -5.20 4.48 0.04
CA SER A 40 -5.00 3.07 0.38
C SER A 40 -5.47 2.19 -0.78
N SER A 41 -5.47 0.88 -0.53
CA SER A 41 -5.89 -0.08 -1.54
C SER A 41 -7.17 -0.77 -1.10
N PRO A 42 -8.33 -0.18 -1.52
CA PRO A 42 -9.63 -0.74 -1.17
C PRO A 42 -9.92 -1.99 -2.00
N ARG A 43 -9.95 -1.80 -3.31
CA ARG A 43 -10.21 -2.90 -4.21
C ARG A 43 -8.91 -3.54 -4.69
N THR A 44 -8.35 -4.38 -3.83
CA THR A 44 -7.10 -5.06 -4.15
C THR A 44 -7.38 -6.34 -4.94
N GLU A 45 -8.45 -6.29 -5.72
CA GLU A 45 -8.83 -7.44 -6.53
C GLU A 45 -7.69 -7.81 -7.50
N ASP A 46 -6.77 -6.88 -7.65
CA ASP A 46 -5.63 -7.09 -8.53
C ASP A 46 -4.33 -6.88 -7.75
N CYS A 47 -3.30 -6.47 -8.48
CA CYS A 47 -2.00 -6.23 -7.87
C CYS A 47 -1.41 -7.58 -7.45
N VAL A 48 -0.10 -7.70 -7.65
CA VAL A 48 0.59 -8.92 -7.30
C VAL A 48 2.06 -8.60 -6.99
N GLY A 49 2.25 -7.47 -6.30
CA GLY A 49 3.58 -7.04 -5.94
C GLY A 49 4.51 -7.01 -7.16
N CYS A 50 4.44 -5.89 -7.87
CA CYS A 50 5.26 -5.73 -9.07
C CYS A 50 6.52 -4.95 -8.68
N LYS A 51 6.86 -5.05 -7.40
CA LYS A 51 8.04 -4.37 -6.88
C LYS A 51 8.13 -2.98 -7.51
N ARG A 52 7.27 -2.10 -7.04
CA ARG A 52 7.24 -0.74 -7.54
C ARG A 52 6.89 0.25 -6.42
N CYS A 53 5.87 -0.13 -5.66
CA CYS A 53 5.42 0.70 -4.55
C CYS A 53 6.28 0.37 -3.33
N GLU A 54 7.58 0.43 -3.53
CA GLU A 54 8.52 0.15 -2.46
C GLU A 54 8.75 1.40 -1.62
N THR A 55 7.70 1.85 -0.97
CA THR A 55 7.77 3.03 -0.13
C THR A 55 6.73 2.97 0.99
N ALA A 56 5.49 2.76 0.59
CA ALA A 56 4.39 2.67 1.54
C ALA A 56 4.18 4.04 2.19
N CYS A 57 5.07 4.34 3.13
CA CYS A 57 4.99 5.60 3.85
C CYS A 57 6.21 5.73 4.74
N PRO A 58 6.74 6.98 4.84
CA PRO A 58 7.90 7.25 5.66
C PRO A 58 7.55 7.25 7.14
N THR A 59 7.61 6.06 7.73
CA THR A 59 7.30 5.91 9.14
C THR A 59 5.98 6.60 9.48
N ASP A 60 5.77 6.83 10.76
CA ASP A 60 4.55 7.48 11.23
C ASP A 60 3.46 6.43 11.41
N PHE A 61 3.44 5.48 10.49
CA PHE A 61 2.44 4.42 10.54
C PHE A 61 3.03 3.09 10.05
N LEU A 62 2.75 2.80 8.79
CA LEU A 62 3.25 1.57 8.18
C LEU A 62 2.52 0.37 8.81
N SER A 63 2.74 0.21 10.11
CA SER A 63 2.12 -0.89 10.83
C SER A 63 2.77 -2.21 10.43
N ILE A 64 2.93 -3.07 11.41
CA ILE A 64 3.54 -4.38 11.18
C ILE A 64 2.53 -5.28 10.49
N ARG A 65 2.93 -5.81 9.34
CA ARG A 65 2.07 -6.70 8.58
C ARG A 65 2.91 -7.73 7.82
N VAL A 66 3.99 -7.25 7.22
CA VAL A 66 4.88 -8.12 6.47
C VAL A 66 4.14 -8.66 5.25
N TYR A 67 4.26 -7.93 4.15
CA TYR A 67 3.61 -8.33 2.91
C TYR A 67 4.57 -8.21 1.73
N LEU A 68 5.05 -7.00 1.52
CA LEU A 68 5.98 -6.74 0.43
C LEU A 68 6.99 -7.89 0.34
N GLY A 69 6.83 -8.70 -0.70
CA GLY A 69 7.72 -9.83 -0.90
C GLY A 69 8.10 -10.49 0.43
N ALA A 70 7.15 -11.23 0.97
CA ALA A 70 7.37 -11.92 2.23
C ALA A 70 6.50 -13.18 2.29
N GLU A 71 5.20 -12.96 2.14
CA GLU A 71 4.25 -14.07 2.16
C GLU A 71 4.39 -14.92 0.90
N THR A 72 4.72 -16.18 1.12
CA THR A 72 4.89 -17.11 0.01
C THR A 72 4.85 -18.55 0.52
N THR A 73 4.12 -18.74 1.61
CA THR A 73 4.00 -20.07 2.20
C THR A 73 2.70 -20.73 1.73
N ARG A 74 1.73 -19.90 1.41
CA ARG A 74 0.44 -20.40 0.94
C ARG A 74 0.49 -20.65 -0.56
N SER A 75 1.48 -20.04 -1.21
CA SER A 75 1.64 -20.20 -2.64
C SER A 75 2.81 -21.14 -2.94
N MET A 76 3.45 -21.58 -1.87
CA MET A 76 4.58 -22.48 -2.00
C MET A 76 4.33 -23.52 -3.10
N GLY A 77 3.10 -24.00 -3.15
CA GLY A 77 2.73 -24.99 -4.15
C GLY A 77 2.17 -26.25 -3.49
N LEU A 78 1.42 -26.03 -2.41
CA LEU A 78 0.82 -27.14 -1.68
C LEU A 78 -0.69 -27.13 -1.89
N ALA A 79 -1.32 -26.07 -1.38
CA ALA A 79 -2.76 -25.93 -1.51
C ALA A 79 -3.08 -25.14 -2.78
N TYR A 80 -2.23 -24.17 -3.06
CA TYR A 80 -2.41 -23.34 -4.24
C TYR A 80 -2.96 -24.16 -5.42
N SER A 1 -2.85 -9.16 1.06
CA SER A 1 -2.54 -8.59 -0.25
C SER A 1 -1.26 -7.74 -0.16
N HIS A 2 -0.14 -8.43 0.00
CA HIS A 2 1.14 -7.76 0.10
C HIS A 2 1.08 -6.69 1.18
N SER A 3 2.23 -6.08 1.44
CA SER A 3 2.32 -5.05 2.46
C SER A 3 1.39 -3.88 2.11
N VAL A 4 1.78 -2.71 2.55
CA VAL A 4 1.00 -1.51 2.29
C VAL A 4 -0.49 -1.83 2.44
N LYS A 5 -0.83 -2.36 3.62
CA LYS A 5 -2.21 -2.72 3.90
C LYS A 5 -3.06 -1.45 4.02
N ILE A 6 -4.33 -1.65 4.32
CA ILE A 6 -5.25 -0.53 4.47
C ILE A 6 -4.93 0.22 5.76
N TYR A 7 -4.27 1.36 5.60
CA TYR A 7 -3.89 2.19 6.74
C TYR A 7 -4.10 3.67 6.44
N ASP A 8 -4.38 4.42 7.49
CA ASP A 8 -4.60 5.85 7.35
C ASP A 8 -3.28 6.59 7.56
N THR A 9 -2.21 5.97 7.06
CA THR A 9 -0.89 6.56 7.17
C THR A 9 -0.60 7.46 5.97
N CYS A 10 -0.91 8.74 6.14
CA CYS A 10 -0.68 9.70 5.07
C CYS A 10 -0.54 11.09 5.71
N ILE A 11 0.48 11.81 5.27
CA ILE A 11 0.74 13.14 5.78
C ILE A 11 0.40 14.17 4.70
N GLY A 12 0.25 13.68 3.48
CA GLY A 12 -0.06 14.54 2.35
C GLY A 12 1.04 14.48 1.29
N CYS A 13 1.60 13.29 1.15
CA CYS A 13 2.66 13.08 0.16
C CYS A 13 2.11 12.19 -0.94
N THR A 14 2.88 12.08 -2.02
CA THR A 14 2.49 11.26 -3.15
C THR A 14 3.67 10.41 -3.63
N GLN A 15 3.93 9.34 -2.90
CA GLN A 15 5.02 8.45 -3.23
C GLN A 15 4.48 7.03 -3.47
N CYS A 16 3.67 6.57 -2.54
CA CYS A 16 3.09 5.24 -2.64
C CYS A 16 1.84 5.33 -3.52
N VAL A 17 1.72 6.45 -4.21
CA VAL A 17 0.58 6.67 -5.08
C VAL A 17 1.08 6.89 -6.52
N ARG A 18 2.33 6.52 -6.73
CA ARG A 18 2.94 6.67 -8.05
C ARG A 18 3.34 5.30 -8.60
N ALA A 19 4.04 4.54 -7.78
CA ALA A 19 4.48 3.22 -8.17
C ALA A 19 3.30 2.24 -8.12
N CYS A 20 2.52 2.27 -9.18
CA CYS A 20 1.35 1.40 -9.27
C CYS A 20 0.75 1.53 -10.67
N PRO A 21 1.38 0.81 -11.64
CA PRO A 21 0.92 0.84 -13.01
C PRO A 21 -0.37 0.03 -13.18
N LEU A 22 -0.96 -0.33 -12.05
CA LEU A 22 -2.19 -1.11 -12.06
C LEU A 22 -3.31 -0.28 -11.44
N ASP A 23 -3.60 -0.58 -10.18
CA ASP A 23 -4.65 0.12 -9.46
C ASP A 23 -4.78 -0.46 -8.06
N VAL A 24 -3.95 0.05 -7.16
CA VAL A 24 -3.97 -0.42 -5.78
C VAL A 24 -3.99 0.78 -4.84
N LEU A 25 -2.88 1.51 -4.83
CA LEU A 25 -2.76 2.68 -3.98
C LEU A 25 -3.70 3.78 -4.50
N GLU A 26 -4.98 3.61 -4.18
CA GLU A 26 -5.98 4.57 -4.60
C GLU A 26 -6.45 5.41 -3.42
N MET A 27 -7.48 6.20 -3.66
CA MET A 27 -8.03 7.05 -2.62
C MET A 27 -9.14 6.32 -1.84
N VAL A 28 -9.06 6.46 -0.53
CA VAL A 28 -10.04 5.82 0.35
C VAL A 28 -10.61 6.86 1.30
N PRO A 29 -11.74 6.47 1.96
CA PRO A 29 -12.40 7.37 2.90
C PRO A 29 -11.62 7.45 4.21
N TRP A 30 -11.17 8.66 4.52
CA TRP A 30 -10.41 8.89 5.73
C TRP A 30 -11.07 10.04 6.50
N ASP A 31 -10.32 11.12 6.63
CA ASP A 31 -10.83 12.29 7.34
C ASP A 31 -9.67 13.26 7.60
N GLY A 32 -8.62 12.72 8.20
CA GLY A 32 -7.45 13.52 8.52
C GLY A 32 -6.92 14.23 7.28
N CYS A 33 -7.37 13.76 6.12
CA CYS A 33 -6.95 14.35 4.86
C CYS A 33 -7.80 15.60 4.61
N LYS A 34 -7.24 16.51 3.81
CA LYS A 34 -7.94 17.73 3.49
C LYS A 34 -9.27 17.40 2.82
N ALA A 35 -9.30 16.25 2.16
CA ALA A 35 -10.50 15.81 1.48
C ALA A 35 -11.07 14.59 2.20
N GLY A 36 -10.60 14.39 3.43
CA GLY A 36 -11.05 13.27 4.24
C GLY A 36 -10.93 11.95 3.47
N GLN A 37 -9.82 11.82 2.76
CA GLN A 37 -9.57 10.62 1.99
C GLN A 37 -8.07 10.33 1.93
N ILE A 38 -7.71 9.17 2.48
CA ILE A 38 -6.31 8.76 2.49
C ILE A 38 -6.04 7.80 1.34
N ALA A 39 -4.86 7.92 0.77
CA ALA A 39 -4.47 7.06 -0.34
C ALA A 39 -4.05 5.70 0.19
N SER A 40 -4.86 4.70 -0.12
CA SER A 40 -4.59 3.34 0.33
C SER A 40 -5.21 2.34 -0.65
N SER A 41 -5.11 1.07 -0.28
CA SER A 41 -5.67 0.01 -1.11
C SER A 41 -7.14 -0.20 -0.78
N PRO A 42 -8.00 -0.01 -1.81
CA PRO A 42 -9.43 -0.17 -1.64
C PRO A 42 -9.81 -1.64 -1.57
N ARG A 43 -9.47 -2.36 -2.63
CA ARG A 43 -9.76 -3.78 -2.70
C ARG A 43 -8.55 -4.56 -3.22
N THR A 44 -7.80 -3.90 -4.08
CA THR A 44 -6.62 -4.50 -4.67
C THR A 44 -7.01 -5.63 -5.63
N GLU A 45 -8.30 -5.73 -5.87
CA GLU A 45 -8.83 -6.75 -6.75
C GLU A 45 -7.91 -6.91 -7.97
N ASP A 46 -7.26 -5.82 -8.33
CA ASP A 46 -6.35 -5.83 -9.46
C ASP A 46 -4.93 -5.54 -8.97
N CYS A 47 -4.03 -6.48 -9.28
CA CYS A 47 -2.64 -6.34 -8.88
C CYS A 47 -2.00 -7.73 -8.88
N VAL A 48 -0.71 -7.74 -9.16
CA VAL A 48 0.03 -8.99 -9.21
C VAL A 48 1.47 -8.74 -8.76
N GLY A 49 1.61 -7.84 -7.79
CA GLY A 49 2.92 -7.51 -7.27
C GLY A 49 3.88 -7.13 -8.40
N CYS A 50 3.74 -5.90 -8.86
CA CYS A 50 4.59 -5.39 -9.93
C CYS A 50 5.94 -5.00 -9.34
N LYS A 51 6.50 -3.94 -9.88
CA LYS A 51 7.79 -3.45 -9.42
C LYS A 51 7.85 -3.57 -7.89
N ARG A 52 7.09 -2.71 -7.23
CA ARG A 52 7.06 -2.70 -5.77
C ARG A 52 6.20 -1.55 -5.27
N CYS A 53 6.01 -1.52 -3.96
CA CYS A 53 5.21 -0.47 -3.33
C CYS A 53 5.51 -0.47 -1.84
N GLU A 54 6.79 -0.42 -1.52
CA GLU A 54 7.21 -0.41 -0.12
C GLU A 54 7.35 1.02 0.38
N THR A 55 7.02 1.97 -0.50
CA THR A 55 7.11 3.37 -0.15
C THR A 55 5.79 3.84 0.47
N ALA A 56 5.02 2.88 0.96
CA ALA A 56 3.74 3.19 1.58
C ALA A 56 3.93 4.34 2.57
N CYS A 57 4.90 4.18 3.45
CA CYS A 57 5.17 5.20 4.45
C CYS A 57 6.19 4.62 5.45
N PRO A 58 6.80 5.55 6.24
CA PRO A 58 7.79 5.15 7.22
C PRO A 58 7.12 4.51 8.44
N THR A 59 7.92 4.28 9.47
CA THR A 59 7.41 3.68 10.69
C THR A 59 6.59 4.69 11.49
N ASP A 60 6.70 5.94 11.08
CA ASP A 60 5.97 7.02 11.74
C ASP A 60 4.51 6.60 11.92
N PHE A 61 4.07 5.72 11.03
CA PHE A 61 2.70 5.23 11.09
C PHE A 61 2.62 3.75 10.69
N LEU A 62 2.92 3.50 9.42
CA LEU A 62 2.89 2.14 8.91
C LEU A 62 3.80 1.26 9.76
N SER A 63 3.28 0.10 10.13
CA SER A 63 4.04 -0.84 10.94
C SER A 63 4.80 -1.81 10.04
N ILE A 64 5.15 -1.31 8.86
CA ILE A 64 5.89 -2.12 7.90
C ILE A 64 5.42 -3.57 7.99
N ARG A 65 4.28 -3.82 7.38
CA ARG A 65 3.71 -5.15 7.38
C ARG A 65 4.46 -6.06 6.41
N VAL A 66 5.52 -6.67 6.92
CA VAL A 66 6.34 -7.56 6.11
C VAL A 66 5.43 -8.54 5.37
N TYR A 67 5.09 -8.18 4.14
CA TYR A 67 4.23 -9.01 3.32
C TYR A 67 4.80 -9.14 1.90
N LEU A 68 5.23 -8.00 1.37
CA LEU A 68 5.78 -7.98 0.03
C LEU A 68 6.72 -9.16 -0.16
N GLY A 69 6.22 -10.16 -0.89
CA GLY A 69 7.01 -11.36 -1.15
C GLY A 69 7.83 -11.75 0.08
N ALA A 70 7.12 -12.10 1.14
CA ALA A 70 7.78 -12.50 2.37
C ALA A 70 7.10 -13.77 2.92
N GLU A 71 5.80 -13.66 3.14
CA GLU A 71 5.04 -14.78 3.65
C GLU A 71 5.10 -15.96 2.68
N THR A 72 4.54 -15.74 1.50
CA THR A 72 4.52 -16.77 0.47
C THR A 72 4.28 -18.15 1.11
N THR A 73 3.09 -18.29 1.68
CA THR A 73 2.73 -19.54 2.32
C THR A 73 1.20 -19.70 2.37
N ARG A 74 0.55 -18.61 2.75
CA ARG A 74 -0.90 -18.61 2.83
C ARG A 74 -1.51 -18.08 1.53
N SER A 75 -0.72 -17.29 0.81
CA SER A 75 -1.16 -16.73 -0.45
C SER A 75 -0.07 -16.89 -1.51
N MET A 76 0.90 -17.74 -1.20
CA MET A 76 1.99 -17.99 -2.10
C MET A 76 1.53 -17.97 -3.56
N GLY A 77 0.53 -18.80 -3.83
CA GLY A 77 -0.02 -18.90 -5.17
C GLY A 77 -1.12 -19.96 -5.25
N LEU A 78 -0.86 -21.07 -4.58
CA LEU A 78 -1.82 -22.18 -4.56
C LEU A 78 -2.36 -22.34 -3.14
N ALA A 79 -1.45 -22.35 -2.19
CA ALA A 79 -1.83 -22.50 -0.79
C ALA A 79 -3.09 -21.70 -0.52
N TYR A 80 -3.22 -20.59 -1.23
CA TYR A 80 -4.38 -19.73 -1.08
C TYR A 80 -5.68 -20.52 -1.27
N SER A 1 10.76 2.02 3.15
CA SER A 1 10.10 1.21 4.16
C SER A 1 9.45 -0.01 3.50
N HIS A 2 8.91 -0.88 4.35
CA HIS A 2 8.26 -2.08 3.86
C HIS A 2 6.78 -2.05 4.27
N SER A 3 6.06 -3.09 3.84
CA SER A 3 4.65 -3.20 4.14
C SER A 3 3.90 -1.98 3.57
N VAL A 4 2.62 -2.20 3.30
CA VAL A 4 1.79 -1.14 2.75
C VAL A 4 0.38 -1.27 3.32
N LYS A 5 -0.21 -2.44 3.12
CA LYS A 5 -1.56 -2.70 3.60
C LYS A 5 -2.44 -1.49 3.31
N ILE A 6 -3.62 -1.49 3.94
CA ILE A 6 -4.57 -0.41 3.75
C ILE A 6 -4.69 0.38 5.06
N TYR A 7 -3.59 1.00 5.46
CA TYR A 7 -3.57 1.78 6.68
C TYR A 7 -3.81 3.26 6.39
N ASP A 8 -4.14 3.99 7.45
CA ASP A 8 -4.40 5.41 7.33
C ASP A 8 -3.09 6.19 7.45
N THR A 9 -2.06 5.66 6.78
CA THR A 9 -0.76 6.28 6.81
C THR A 9 -0.54 7.14 5.56
N CYS A 10 -0.85 8.42 5.69
CA CYS A 10 -0.70 9.34 4.57
C CYS A 10 -0.47 10.74 5.14
N ILE A 11 0.14 11.58 4.32
CA ILE A 11 0.43 12.95 4.72
C ILE A 11 0.06 13.90 3.58
N GLY A 12 0.42 13.50 2.38
CA GLY A 12 0.13 14.30 1.20
C GLY A 12 1.32 14.31 0.24
N CYS A 13 1.89 13.13 0.04
CA CYS A 13 3.03 12.98 -0.86
C CYS A 13 2.57 12.22 -2.09
N THR A 14 3.34 12.37 -3.16
CA THR A 14 3.03 11.69 -4.41
C THR A 14 3.87 10.42 -4.56
N GLN A 15 3.88 9.63 -3.51
CA GLN A 15 4.63 8.38 -3.50
C GLN A 15 3.73 7.22 -3.10
N CYS A 16 3.92 6.10 -3.78
CA CYS A 16 3.15 4.91 -3.50
C CYS A 16 1.83 5.00 -4.30
N VAL A 17 1.20 6.15 -4.20
CA VAL A 17 -0.05 6.38 -4.89
C VAL A 17 0.25 6.76 -6.35
N ARG A 18 1.52 6.71 -6.69
CA ARG A 18 1.95 7.05 -8.04
C ARG A 18 2.84 5.95 -8.60
N ALA A 19 3.80 5.54 -7.79
CA ALA A 19 4.73 4.49 -8.21
C ALA A 19 3.95 3.38 -8.92
N CYS A 20 3.02 2.79 -8.18
CA CYS A 20 2.21 1.72 -8.74
C CYS A 20 1.82 2.10 -10.17
N PRO A 21 2.33 1.29 -11.12
CA PRO A 21 2.05 1.53 -12.53
C PRO A 21 0.62 1.10 -12.89
N LEU A 22 0.22 -0.02 -12.31
CA LEU A 22 -1.12 -0.54 -12.55
C LEU A 22 -2.15 0.55 -12.31
N ASP A 23 -2.69 0.54 -11.10
CA ASP A 23 -3.69 1.54 -10.72
C ASP A 23 -4.23 1.21 -9.32
N VAL A 24 -3.31 0.84 -8.45
CA VAL A 24 -3.67 0.51 -7.08
C VAL A 24 -3.40 1.71 -6.17
N LEU A 25 -3.93 1.62 -4.97
CA LEU A 25 -3.75 2.69 -3.99
C LEU A 25 -4.56 3.91 -4.44
N GLU A 26 -5.87 3.80 -4.29
CA GLU A 26 -6.76 4.88 -4.67
C GLU A 26 -7.23 5.63 -3.43
N MET A 27 -8.25 6.47 -3.64
CA MET A 27 -8.80 7.25 -2.55
C MET A 27 -9.72 6.40 -1.68
N VAL A 28 -9.61 6.60 -0.37
CA VAL A 28 -10.42 5.85 0.58
C VAL A 28 -10.92 6.81 1.67
N PRO A 29 -11.94 6.33 2.42
CA PRO A 29 -12.52 7.12 3.49
C PRO A 29 -11.60 7.15 4.71
N TRP A 30 -11.18 8.34 5.06
CA TRP A 30 -10.29 8.52 6.21
C TRP A 30 -10.87 9.63 7.08
N ASP A 31 -10.11 10.71 7.18
CA ASP A 31 -10.53 11.85 7.99
C ASP A 31 -9.35 12.80 8.17
N GLY A 32 -8.25 12.24 8.66
CA GLY A 32 -7.05 13.03 8.89
C GLY A 32 -6.62 13.76 7.62
N CYS A 33 -7.19 13.32 6.50
CA CYS A 33 -6.88 13.93 5.21
C CYS A 33 -7.67 15.22 5.08
N LYS A 34 -7.16 16.11 4.25
CA LYS A 34 -7.81 17.39 4.02
C LYS A 34 -9.24 17.15 3.51
N ALA A 35 -9.40 16.02 2.84
CA ALA A 35 -10.70 15.66 2.28
C ALA A 35 -11.24 14.44 3.03
N GLY A 36 -10.65 14.18 4.18
CA GLY A 36 -11.05 13.04 4.99
C GLY A 36 -11.00 11.74 4.18
N GLN A 37 -9.97 11.63 3.36
CA GLN A 37 -9.79 10.46 2.53
C GLN A 37 -8.30 10.16 2.35
N ILE A 38 -7.93 8.95 2.76
CA ILE A 38 -6.53 8.53 2.66
C ILE A 38 -6.36 7.69 1.40
N ALA A 39 -5.18 7.81 0.79
CA ALA A 39 -4.87 7.07 -0.41
C ALA A 39 -4.40 5.66 -0.04
N SER A 40 -5.26 4.69 -0.36
CA SER A 40 -4.94 3.30 -0.06
C SER A 40 -5.62 2.38 -1.08
N SER A 41 -5.47 1.09 -0.85
CA SER A 41 -6.06 0.09 -1.73
C SER A 41 -7.52 -0.16 -1.33
N PRO A 42 -8.41 -0.17 -2.36
CA PRO A 42 -9.82 -0.40 -2.14
C PRO A 42 -10.09 -1.87 -1.83
N ARG A 43 -9.68 -2.72 -2.76
CA ARG A 43 -9.88 -4.16 -2.60
C ARG A 43 -8.73 -4.93 -3.25
N THR A 44 -7.67 -4.19 -3.55
CA THR A 44 -6.50 -4.79 -4.18
C THR A 44 -6.92 -5.84 -5.20
N GLU A 45 -8.11 -5.64 -5.75
CA GLU A 45 -8.64 -6.56 -6.74
C GLU A 45 -7.73 -6.58 -7.99
N ASP A 46 -7.08 -5.46 -8.22
CA ASP A 46 -6.18 -5.33 -9.36
C ASP A 46 -4.75 -5.14 -8.86
N CYS A 47 -4.09 -6.27 -8.63
CA CYS A 47 -2.72 -6.23 -8.15
C CYS A 47 -2.32 -7.65 -7.73
N VAL A 48 -1.03 -7.92 -7.83
CA VAL A 48 -0.52 -9.23 -7.46
C VAL A 48 0.85 -9.07 -6.80
N GLY A 49 1.71 -8.30 -7.47
CA GLY A 49 3.04 -8.05 -6.96
C GLY A 49 4.04 -7.87 -8.10
N CYS A 50 3.95 -6.71 -8.74
CA CYS A 50 4.84 -6.40 -9.86
C CYS A 50 6.20 -6.01 -9.29
N LYS A 51 6.16 -5.43 -8.09
CA LYS A 51 7.38 -5.00 -7.43
C LYS A 51 7.69 -3.56 -7.85
N ARG A 52 6.74 -2.68 -7.59
CA ARG A 52 6.90 -1.28 -7.93
C ARG A 52 6.08 -0.40 -6.96
N CYS A 53 6.21 -0.70 -5.68
CA CYS A 53 5.50 0.04 -4.66
C CYS A 53 6.33 0.01 -3.37
N GLU A 54 7.64 0.03 -3.55
CA GLU A 54 8.55 0.00 -2.42
C GLU A 54 8.87 1.43 -1.97
N THR A 55 7.82 2.22 -1.79
CA THR A 55 7.98 3.59 -1.36
C THR A 55 6.90 3.96 -0.34
N ALA A 56 6.44 2.94 0.37
CA ALA A 56 5.41 3.14 1.39
C ALA A 56 5.81 4.31 2.28
N CYS A 57 4.91 4.65 3.19
CA CYS A 57 5.15 5.74 4.11
C CYS A 57 6.22 5.31 5.11
N PRO A 58 6.62 6.28 5.99
CA PRO A 58 7.64 6.00 6.99
C PRO A 58 7.07 5.16 8.13
N THR A 59 7.97 4.61 8.92
CA THR A 59 7.58 3.79 10.05
C THR A 59 6.76 4.60 11.05
N ASP A 60 6.79 5.91 10.86
CA ASP A 60 6.05 6.81 11.74
C ASP A 60 4.63 6.27 11.94
N PHE A 61 4.18 5.49 10.97
CA PHE A 61 2.85 4.91 11.02
C PHE A 61 2.90 3.40 10.79
N LEU A 62 3.08 3.03 9.53
CA LEU A 62 3.15 1.63 9.16
C LEU A 62 4.24 0.94 9.99
N SER A 63 3.82 -0.04 10.77
CA SER A 63 4.75 -0.78 11.61
C SER A 63 4.00 -1.87 12.37
N ILE A 64 3.12 -2.55 11.67
CA ILE A 64 2.33 -3.62 12.27
C ILE A 64 2.55 -4.91 11.48
N ARG A 65 1.98 -4.94 10.29
CA ARG A 65 2.10 -6.11 9.43
C ARG A 65 3.32 -5.97 8.52
N VAL A 66 3.77 -7.11 8.01
CA VAL A 66 4.93 -7.12 7.13
C VAL A 66 4.59 -7.91 5.86
N TYR A 67 4.68 -7.22 4.74
CA TYR A 67 4.38 -7.84 3.45
C TYR A 67 5.65 -8.02 2.62
N LEU A 68 6.17 -6.89 2.16
CA LEU A 68 7.39 -6.91 1.35
C LEU A 68 8.36 -7.93 1.93
N GLY A 69 8.75 -8.87 1.09
CA GLY A 69 9.68 -9.91 1.50
C GLY A 69 9.08 -10.78 2.61
N ALA A 70 7.94 -11.38 2.29
CA ALA A 70 7.25 -12.25 3.23
C ALA A 70 6.45 -13.31 2.47
N GLU A 71 5.53 -12.82 1.65
CA GLU A 71 4.70 -13.71 0.85
C GLU A 71 5.55 -14.79 0.18
N THR A 72 6.76 -14.40 -0.18
CA THR A 72 7.67 -15.32 -0.82
C THR A 72 6.93 -16.20 -1.83
N THR A 73 6.03 -15.57 -2.57
CA THR A 73 5.24 -16.28 -3.56
C THR A 73 6.15 -16.80 -4.68
N ARG A 74 7.38 -16.33 -4.66
CA ARG A 74 8.36 -16.74 -5.66
C ARG A 74 9.30 -17.80 -5.08
N SER A 75 9.29 -17.90 -3.76
CA SER A 75 10.13 -18.87 -3.08
C SER A 75 9.27 -19.87 -2.30
N MET A 76 7.96 -19.68 -2.42
CA MET A 76 7.03 -20.56 -1.73
C MET A 76 5.80 -20.85 -2.61
N GLY A 77 5.34 -19.80 -3.28
CA GLY A 77 4.17 -19.93 -4.15
C GLY A 77 4.58 -20.48 -5.51
N LEU A 78 5.41 -21.53 -5.48
CA LEU A 78 5.87 -22.15 -6.70
C LEU A 78 5.23 -23.53 -6.84
N ALA A 79 5.41 -24.33 -5.80
CA ALA A 79 4.86 -25.68 -5.79
C ALA A 79 4.10 -25.90 -4.48
N TYR A 80 4.73 -25.47 -3.39
CA TYR A 80 4.12 -25.61 -2.08
C TYR A 80 2.68 -25.12 -2.08
N SER A 1 10.01 0.74 2.95
CA SER A 1 10.75 -0.50 2.78
C SER A 1 9.91 -1.50 1.98
N HIS A 2 8.80 -1.90 2.58
CA HIS A 2 7.91 -2.85 1.96
C HIS A 2 6.54 -2.81 2.66
N SER A 3 5.69 -3.77 2.29
CA SER A 3 4.37 -3.85 2.86
C SER A 3 3.59 -2.58 2.57
N VAL A 4 2.29 -2.75 2.36
CA VAL A 4 1.42 -1.63 2.06
C VAL A 4 0.06 -1.85 2.72
N LYS A 5 0.11 -2.37 3.94
CA LYS A 5 -1.11 -2.63 4.70
C LYS A 5 -2.08 -1.47 4.51
N ILE A 6 -3.35 -1.76 4.75
CA ILE A 6 -4.39 -0.76 4.61
C ILE A 6 -4.47 0.06 5.90
N TYR A 7 -3.74 1.18 5.90
CA TYR A 7 -3.72 2.06 7.06
C TYR A 7 -4.02 3.49 6.66
N ASP A 8 -4.38 4.29 7.65
CA ASP A 8 -4.70 5.70 7.42
C ASP A 8 -3.43 6.53 7.57
N THR A 9 -2.31 5.92 7.20
CA THR A 9 -1.02 6.60 7.29
C THR A 9 -0.74 7.37 5.99
N CYS A 10 -1.05 8.66 6.04
CA CYS A 10 -0.84 9.52 4.89
C CYS A 10 -0.67 10.96 5.39
N ILE A 11 0.34 11.63 4.86
CA ILE A 11 0.61 13.00 5.23
C ILE A 11 0.33 13.92 4.04
N GLY A 12 0.39 13.33 2.86
CA GLY A 12 0.14 14.08 1.64
C GLY A 12 1.39 14.12 0.76
N CYS A 13 2.00 12.94 0.60
CA CYS A 13 3.20 12.83 -0.22
C CYS A 13 2.82 12.10 -1.51
N THR A 14 3.66 12.31 -2.52
CA THR A 14 3.43 11.69 -3.81
C THR A 14 4.26 10.40 -3.94
N GLN A 15 4.07 9.53 -2.97
CA GLN A 15 4.78 8.25 -2.96
C GLN A 15 3.83 7.11 -2.61
N CYS A 16 4.11 5.96 -3.21
CA CYS A 16 3.28 4.79 -2.98
C CYS A 16 2.07 4.85 -3.92
N VAL A 17 1.43 6.00 -3.92
CA VAL A 17 0.26 6.21 -4.76
C VAL A 17 0.71 6.82 -6.10
N ARG A 18 1.97 6.58 -6.43
CA ARG A 18 2.52 7.09 -7.67
C ARG A 18 3.28 5.98 -8.41
N ALA A 19 4.29 5.45 -7.73
CA ALA A 19 5.10 4.39 -8.30
C ALA A 19 4.18 3.30 -8.86
N CYS A 20 3.27 2.86 -8.02
CA CYS A 20 2.33 1.81 -8.42
C CYS A 20 1.85 2.13 -9.84
N PRO A 21 2.24 1.22 -10.79
CA PRO A 21 1.86 1.39 -12.18
C PRO A 21 0.38 1.03 -12.39
N LEU A 22 0.06 -0.21 -12.05
CA LEU A 22 -1.30 -0.70 -12.20
C LEU A 22 -2.27 0.37 -11.68
N ASP A 23 -1.80 1.14 -10.73
CA ASP A 23 -2.61 2.19 -10.13
C ASP A 23 -3.62 1.57 -9.17
N VAL A 24 -3.11 0.70 -8.31
CA VAL A 24 -3.96 0.03 -7.33
C VAL A 24 -4.24 0.98 -6.17
N LEU A 25 -3.18 1.60 -5.70
CA LEU A 25 -3.29 2.54 -4.58
C LEU A 25 -4.13 3.74 -5.03
N GLU A 26 -5.37 3.76 -4.54
CA GLU A 26 -6.28 4.84 -4.88
C GLU A 26 -6.74 5.56 -3.60
N MET A 27 -7.78 6.36 -3.75
CA MET A 27 -8.32 7.11 -2.63
C MET A 27 -9.36 6.29 -1.88
N VAL A 28 -9.26 6.33 -0.56
CA VAL A 28 -10.19 5.60 0.29
C VAL A 28 -10.81 6.55 1.30
N PRO A 29 -11.86 6.06 1.99
CA PRO A 29 -12.55 6.85 3.00
C PRO A 29 -11.72 6.96 4.27
N TRP A 30 -11.34 8.19 4.60
CA TRP A 30 -10.54 8.44 5.79
C TRP A 30 -11.24 9.53 6.60
N ASP A 31 -10.57 10.66 6.72
CA ASP A 31 -11.11 11.78 7.47
C ASP A 31 -10.01 12.80 7.73
N GLY A 32 -8.92 12.32 8.30
CA GLY A 32 -7.79 13.18 8.61
C GLY A 32 -7.30 13.91 7.36
N CYS A 33 -7.75 13.41 6.20
CA CYS A 33 -7.38 14.01 4.94
C CYS A 33 -8.24 15.25 4.71
N LYS A 34 -7.72 16.16 3.90
CA LYS A 34 -8.42 17.39 3.61
C LYS A 34 -9.78 17.06 2.98
N ALA A 35 -9.83 15.90 2.34
CA ALA A 35 -11.04 15.45 1.69
C ALA A 35 -11.58 14.21 2.42
N GLY A 36 -11.06 14.00 3.62
CA GLY A 36 -11.46 12.86 4.42
C GLY A 36 -11.26 11.54 3.65
N GLN A 37 -10.18 11.50 2.90
CA GLN A 37 -9.87 10.32 2.11
C GLN A 37 -8.35 10.09 2.07
N ILE A 38 -7.95 8.92 2.53
CA ILE A 38 -6.53 8.57 2.55
C ILE A 38 -6.22 7.66 1.36
N ALA A 39 -5.08 7.93 0.72
CA ALA A 39 -4.66 7.16 -0.43
C ALA A 39 -4.23 5.76 0.04
N SER A 40 -5.04 4.78 -0.33
CA SER A 40 -4.76 3.40 0.03
C SER A 40 -5.54 2.44 -0.87
N SER A 41 -5.22 1.17 -0.75
CA SER A 41 -5.89 0.14 -1.54
C SER A 41 -7.39 0.15 -1.24
N PRO A 42 -8.19 0.23 -2.34
CA PRO A 42 -9.64 0.25 -2.20
C PRO A 42 -10.18 -1.15 -1.87
N ARG A 43 -9.79 -2.11 -2.69
CA ARG A 43 -10.22 -3.48 -2.50
C ARG A 43 -9.20 -4.45 -3.09
N THR A 44 -7.99 -3.94 -3.29
CA THR A 44 -6.92 -4.75 -3.85
C THR A 44 -7.44 -5.59 -5.02
N GLU A 45 -8.54 -5.12 -5.60
CA GLU A 45 -9.14 -5.81 -6.73
C GLU A 45 -8.10 -6.04 -7.83
N ASP A 46 -7.15 -5.12 -7.90
CA ASP A 46 -6.10 -5.22 -8.90
C ASP A 46 -4.82 -5.75 -8.25
N CYS A 47 -3.72 -5.60 -8.96
CA CYS A 47 -2.44 -6.05 -8.46
C CYS A 47 -2.38 -7.58 -8.59
N VAL A 48 -1.34 -8.05 -9.27
CA VAL A 48 -1.17 -9.48 -9.48
C VAL A 48 0.23 -9.89 -8.97
N GLY A 49 0.65 -9.23 -7.90
CA GLY A 49 1.94 -9.52 -7.32
C GLY A 49 3.07 -8.84 -8.12
N CYS A 50 3.30 -7.57 -7.81
CA CYS A 50 4.33 -6.81 -8.47
C CYS A 50 5.13 -6.05 -7.42
N LYS A 51 6.36 -5.71 -7.79
CA LYS A 51 7.24 -4.99 -6.89
C LYS A 51 7.46 -3.57 -7.42
N ARG A 52 6.60 -2.66 -6.97
CA ARG A 52 6.69 -1.27 -7.40
C ARG A 52 5.83 -0.39 -6.49
N CYS A 53 6.08 -0.52 -5.19
CA CYS A 53 5.34 0.26 -4.21
C CYS A 53 6.04 0.11 -2.86
N GLU A 54 7.36 0.14 -2.91
CA GLU A 54 8.16 0.00 -1.69
C GLU A 54 8.35 1.37 -1.03
N THR A 55 7.22 1.99 -0.70
CA THR A 55 7.26 3.29 -0.07
C THR A 55 5.89 3.62 0.54
N ALA A 56 5.34 2.65 1.26
CA ALA A 56 4.04 2.82 1.89
C ALA A 56 4.09 4.04 2.81
N CYS A 57 4.78 3.86 3.93
CA CYS A 57 4.90 4.93 4.90
C CYS A 57 5.61 4.37 6.14
N PRO A 58 6.94 4.17 6.01
CA PRO A 58 7.74 3.65 7.10
C PRO A 58 7.98 4.71 8.18
N THR A 59 7.95 4.26 9.42
CA THR A 59 8.15 5.17 10.55
C THR A 59 6.94 6.07 10.73
N ASP A 60 6.59 6.76 9.65
CA ASP A 60 5.45 7.67 9.68
C ASP A 60 4.38 7.12 10.62
N PHE A 61 4.14 5.82 10.49
CA PHE A 61 3.15 5.15 11.32
C PHE A 61 3.41 3.65 11.37
N LEU A 62 2.96 2.97 10.34
CA LEU A 62 3.13 1.52 10.25
C LEU A 62 4.62 1.19 10.17
N SER A 63 5.01 0.18 10.92
CA SER A 63 6.40 -0.25 10.95
C SER A 63 6.60 -1.45 10.03
N ILE A 64 5.84 -1.46 8.94
CA ILE A 64 5.92 -2.53 7.97
C ILE A 64 5.41 -3.82 8.61
N ARG A 65 4.20 -4.21 8.22
CA ARG A 65 3.60 -5.42 8.73
C ARG A 65 3.89 -6.61 7.81
N VAL A 66 4.75 -6.36 6.84
CA VAL A 66 5.12 -7.39 5.88
C VAL A 66 3.86 -7.87 5.14
N TYR A 67 3.75 -7.46 3.89
CA TYR A 67 2.61 -7.84 3.07
C TYR A 67 3.04 -8.14 1.64
N LEU A 68 3.88 -7.26 1.11
CA LEU A 68 4.37 -7.42 -0.25
C LEU A 68 5.18 -8.72 -0.34
N GLY A 69 6.13 -8.86 0.57
CA GLY A 69 6.97 -10.05 0.59
C GLY A 69 6.41 -11.09 1.56
N ALA A 70 5.14 -11.44 1.35
CA ALA A 70 4.48 -12.42 2.19
C ALA A 70 3.66 -13.36 1.32
N GLU A 71 2.76 -12.76 0.55
CA GLU A 71 1.90 -13.54 -0.33
C GLU A 71 2.74 -14.34 -1.32
N THR A 72 2.12 -14.70 -2.43
CA THR A 72 2.79 -15.48 -3.45
C THR A 72 3.62 -16.59 -2.81
N THR A 73 2.94 -17.42 -2.03
CA THR A 73 3.61 -18.52 -1.36
C THR A 73 2.59 -19.40 -0.64
N ARG A 74 1.60 -18.73 -0.06
CA ARG A 74 0.55 -19.44 0.67
C ARG A 74 -0.80 -18.79 0.41
N SER A 75 -0.80 -17.46 0.45
CA SER A 75 -2.02 -16.70 0.22
C SER A 75 -2.11 -16.28 -1.25
N MET A 76 -0.99 -16.43 -1.94
CA MET A 76 -0.93 -16.08 -3.34
C MET A 76 -1.81 -14.85 -3.64
N GLY A 77 -3.05 -15.14 -4.02
CA GLY A 77 -4.01 -14.08 -4.33
C GLY A 77 -5.43 -14.50 -3.97
N LEU A 78 -5.73 -15.76 -4.27
CA LEU A 78 -7.05 -16.30 -3.98
C LEU A 78 -7.02 -17.02 -2.63
N ALA A 79 -5.99 -17.84 -2.47
CA ALA A 79 -5.84 -18.61 -1.25
C ALA A 79 -6.12 -17.70 -0.05
N TYR A 80 -5.85 -16.43 -0.24
CA TYR A 80 -6.07 -15.45 0.82
C TYR A 80 -7.56 -15.30 1.12
N SER A 1 9.14 1.36 2.35
CA SER A 1 8.47 0.26 3.02
C SER A 1 8.11 -0.83 2.00
N HIS A 2 7.36 -1.80 2.48
CA HIS A 2 6.94 -2.90 1.63
C HIS A 2 5.46 -2.74 1.26
N SER A 3 4.79 -3.87 1.10
CA SER A 3 3.38 -3.87 0.75
C SER A 3 2.69 -2.65 1.36
N VAL A 4 1.68 -2.16 0.65
CA VAL A 4 0.94 -1.00 1.10
C VAL A 4 -0.34 -1.47 1.80
N LYS A 5 -0.17 -2.36 2.76
CA LYS A 5 -1.31 -2.89 3.50
C LYS A 5 -2.31 -1.77 3.76
N ILE A 6 -3.55 -2.16 3.96
CA ILE A 6 -4.61 -1.21 4.22
C ILE A 6 -4.35 -0.50 5.54
N TYR A 7 -4.03 0.79 5.44
CA TYR A 7 -3.75 1.59 6.62
C TYR A 7 -3.97 3.08 6.33
N ASP A 8 -4.22 3.82 7.41
CA ASP A 8 -4.45 5.25 7.28
C ASP A 8 -3.13 5.99 7.48
N THR A 9 -2.09 5.46 6.87
CA THR A 9 -0.76 6.05 6.97
C THR A 9 -0.52 6.99 5.79
N CYS A 10 -0.83 8.27 6.02
CA CYS A 10 -0.65 9.27 4.99
C CYS A 10 -0.61 10.65 5.67
N ILE A 11 0.34 11.46 5.24
CA ILE A 11 0.49 12.80 5.79
C ILE A 11 0.07 13.84 4.74
N GLY A 12 -0.01 13.37 3.50
CA GLY A 12 -0.39 14.24 2.40
C GLY A 12 0.48 13.99 1.18
N CYS A 13 1.57 13.27 1.40
CA CYS A 13 2.50 12.96 0.33
C CYS A 13 1.81 11.97 -0.63
N THR A 14 2.37 11.87 -1.82
CA THR A 14 1.84 10.97 -2.83
C THR A 14 2.95 10.15 -3.48
N GLN A 15 3.70 9.45 -2.64
CA GLN A 15 4.81 8.64 -3.11
C GLN A 15 4.29 7.26 -3.55
N CYS A 16 3.38 6.73 -2.76
CA CYS A 16 2.81 5.43 -3.04
C CYS A 16 1.60 5.62 -3.95
N VAL A 17 1.60 6.75 -4.65
CA VAL A 17 0.50 7.06 -5.56
C VAL A 17 1.07 7.35 -6.95
N ARG A 18 2.32 6.94 -7.14
CA ARG A 18 2.98 7.13 -8.42
C ARG A 18 3.43 5.79 -9.00
N ALA A 19 4.28 5.11 -8.25
CA ALA A 19 4.79 3.82 -8.68
C ALA A 19 3.68 2.77 -8.57
N CYS A 20 3.01 2.56 -9.70
CA CYS A 20 1.92 1.59 -9.75
C CYS A 20 1.35 1.58 -11.17
N PRO A 21 1.63 0.46 -11.89
CA PRO A 21 1.16 0.31 -13.25
C PRO A 21 -0.34 -0.01 -13.28
N LEU A 22 -0.70 -1.07 -12.59
CA LEU A 22 -2.09 -1.49 -12.52
C LEU A 22 -2.93 -0.35 -11.93
N ASP A 23 -2.28 0.49 -11.16
CA ASP A 23 -2.95 1.62 -10.53
C ASP A 23 -3.98 1.10 -9.52
N VAL A 24 -3.48 0.75 -8.35
CA VAL A 24 -4.34 0.23 -7.29
C VAL A 24 -4.43 1.27 -6.17
N LEU A 25 -3.28 1.83 -5.84
CA LEU A 25 -3.22 2.84 -4.79
C LEU A 25 -4.07 4.05 -5.18
N GLU A 26 -5.23 4.14 -4.55
CA GLU A 26 -6.15 5.23 -4.83
C GLU A 26 -6.58 5.91 -3.53
N MET A 27 -7.57 6.78 -3.64
CA MET A 27 -8.08 7.50 -2.48
C MET A 27 -9.17 6.69 -1.79
N VAL A 28 -9.08 6.65 -0.46
CA VAL A 28 -10.05 5.92 0.33
C VAL A 28 -10.65 6.85 1.38
N PRO A 29 -11.68 6.33 2.09
CA PRO A 29 -12.35 7.11 3.13
C PRO A 29 -11.49 7.18 4.39
N TRP A 30 -11.08 8.41 4.71
CA TRP A 30 -10.26 8.63 5.89
C TRP A 30 -10.74 9.92 6.56
N ASP A 31 -10.17 10.19 7.73
CA ASP A 31 -10.53 11.38 8.48
C ASP A 31 -9.26 12.01 9.07
N GLY A 32 -8.38 12.43 8.18
CA GLY A 32 -7.13 13.04 8.60
C GLY A 32 -6.54 13.90 7.48
N CYS A 33 -6.80 13.47 6.25
CA CYS A 33 -6.30 14.19 5.08
C CYS A 33 -7.12 15.46 4.92
N LYS A 34 -6.63 16.34 4.05
CA LYS A 34 -7.32 17.60 3.81
C LYS A 34 -8.70 17.31 3.23
N ALA A 35 -8.81 16.17 2.55
CA ALA A 35 -10.07 15.77 1.95
C ALA A 35 -10.56 14.49 2.63
N GLY A 36 -10.20 14.34 3.90
CA GLY A 36 -10.61 13.18 4.66
C GLY A 36 -10.54 11.92 3.81
N GLN A 37 -9.40 11.71 3.17
CA GLN A 37 -9.20 10.55 2.32
C GLN A 37 -7.73 10.13 2.34
N ILE A 38 -7.51 8.89 2.77
CA ILE A 38 -6.17 8.34 2.84
C ILE A 38 -5.88 7.55 1.57
N ALA A 39 -4.68 7.78 1.02
CA ALA A 39 -4.28 7.09 -0.19
C ALA A 39 -3.91 5.64 0.15
N SER A 40 -4.83 4.75 -0.18
CA SER A 40 -4.62 3.33 0.08
C SER A 40 -5.19 2.50 -1.07
N SER A 41 -5.15 1.19 -0.89
CA SER A 41 -5.66 0.27 -1.89
C SER A 41 -6.90 -0.45 -1.36
N PRO A 42 -8.09 0.11 -1.71
CA PRO A 42 -9.35 -0.46 -1.27
C PRO A 42 -9.68 -1.73 -2.07
N ARG A 43 -9.75 -1.55 -3.38
CA ARG A 43 -10.05 -2.67 -4.26
C ARG A 43 -8.76 -3.29 -4.81
N THR A 44 -8.14 -4.10 -3.97
CA THR A 44 -6.89 -4.75 -4.35
C THR A 44 -7.20 -6.09 -5.05
N GLU A 45 -8.32 -6.11 -5.75
CA GLU A 45 -8.72 -7.30 -6.48
C GLU A 45 -7.64 -7.71 -7.47
N ASP A 46 -6.81 -6.74 -7.84
CA ASP A 46 -5.73 -6.98 -8.78
C ASP A 46 -4.47 -6.28 -8.29
N CYS A 47 -3.53 -7.08 -7.82
CA CYS A 47 -2.27 -6.55 -7.33
C CYS A 47 -1.57 -7.64 -6.51
N VAL A 48 -0.74 -8.40 -7.18
CA VAL A 48 0.00 -9.47 -6.54
C VAL A 48 1.37 -8.97 -6.11
N GLY A 49 1.36 -7.86 -5.38
CA GLY A 49 2.59 -7.26 -4.91
C GLY A 49 3.63 -7.17 -6.03
N CYS A 50 3.25 -6.48 -7.08
CA CYS A 50 4.13 -6.31 -8.23
C CYS A 50 5.16 -5.24 -7.89
N LYS A 51 6.36 -5.42 -8.42
CA LYS A 51 7.44 -4.48 -8.17
C LYS A 51 7.06 -3.11 -8.74
N ARG A 52 6.57 -2.25 -7.84
CA ARG A 52 6.17 -0.92 -8.23
C ARG A 52 5.42 -0.24 -7.09
N CYS A 53 6.18 0.12 -6.06
CA CYS A 53 5.59 0.78 -4.89
C CYS A 53 6.69 0.92 -3.83
N GLU A 54 6.88 -0.16 -3.08
CA GLU A 54 7.89 -0.17 -2.03
C GLU A 54 7.94 1.19 -1.35
N THR A 55 6.78 1.85 -1.28
CA THR A 55 6.69 3.15 -0.65
C THR A 55 5.79 3.08 0.58
N ALA A 56 4.49 3.03 0.32
CA ALA A 56 3.52 2.96 1.40
C ALA A 56 3.72 4.13 2.35
N CYS A 57 4.58 3.92 3.33
CA CYS A 57 4.89 4.96 4.30
C CYS A 57 5.90 4.40 5.30
N PRO A 58 6.58 5.34 6.02
CA PRO A 58 7.58 4.96 7.00
C PRO A 58 6.91 4.42 8.27
N THR A 59 7.72 4.29 9.32
CA THR A 59 7.23 3.80 10.59
C THR A 59 6.42 4.87 11.31
N ASP A 60 6.52 6.09 10.78
CA ASP A 60 5.81 7.21 11.37
C ASP A 60 4.35 6.82 11.62
N PHE A 61 3.89 5.85 10.84
CA PHE A 61 2.53 5.37 10.97
C PHE A 61 2.45 3.86 10.71
N LEU A 62 2.74 3.50 9.47
CA LEU A 62 2.71 2.10 9.07
C LEU A 62 4.01 1.41 9.52
N SER A 63 3.85 0.36 10.30
CA SER A 63 4.99 -0.38 10.80
C SER A 63 4.53 -1.72 11.39
N ILE A 64 3.58 -2.34 10.70
CA ILE A 64 3.04 -3.61 11.13
C ILE A 64 3.28 -4.66 10.04
N ARG A 65 2.26 -4.82 9.20
CA ARG A 65 2.33 -5.77 8.11
C ARG A 65 3.01 -5.15 6.90
N VAL A 66 4.09 -5.78 6.46
CA VAL A 66 4.83 -5.29 5.31
C VAL A 66 5.41 -6.48 4.54
N TYR A 67 5.25 -6.44 3.23
CA TYR A 67 5.75 -7.49 2.37
C TYR A 67 6.01 -6.97 0.95
N LEU A 68 7.26 -7.08 0.53
CA LEU A 68 7.66 -6.63 -0.79
C LEU A 68 7.31 -7.72 -1.82
N GLY A 69 6.03 -8.01 -1.91
CA GLY A 69 5.56 -9.02 -2.84
C GLY A 69 6.53 -10.20 -2.91
N ALA A 70 6.74 -10.83 -1.77
CA ALA A 70 7.64 -11.96 -1.68
C ALA A 70 6.83 -13.24 -1.46
N GLU A 71 5.96 -13.18 -0.47
CA GLU A 71 5.12 -14.32 -0.14
C GLU A 71 3.72 -14.12 -0.70
N THR A 72 3.02 -13.12 -0.16
CA THR A 72 1.67 -12.82 -0.59
C THR A 72 0.85 -14.11 -0.72
N THR A 73 0.86 -14.88 0.35
CA THR A 73 0.12 -16.14 0.37
C THR A 73 -0.47 -16.39 1.75
N ARG A 74 0.37 -16.18 2.76
CA ARG A 74 -0.06 -16.38 4.13
C ARG A 74 -0.34 -15.02 4.81
N SER A 75 0.22 -13.98 4.23
CA SER A 75 0.04 -12.64 4.75
C SER A 75 -0.84 -11.82 3.81
N MET A 76 -1.17 -12.43 2.68
CA MET A 76 -2.00 -11.78 1.69
C MET A 76 -3.31 -11.30 2.31
N GLY A 77 -3.96 -12.20 3.03
CA GLY A 77 -5.21 -11.89 3.68
C GLY A 77 -6.19 -13.05 3.59
N LEU A 78 -5.65 -14.25 3.81
CA LEU A 78 -6.47 -15.46 3.74
C LEU A 78 -6.62 -16.03 5.16
N ALA A 79 -5.51 -16.53 5.69
CA ALA A 79 -5.51 -17.10 7.02
C ALA A 79 -5.31 -15.99 8.05
N TYR A 80 -4.45 -15.06 7.70
CA TYR A 80 -4.16 -13.93 8.58
C TYR A 80 -5.42 -13.48 9.33
N SER A 1 9.76 -0.43 7.88
CA SER A 1 8.94 -0.22 6.70
C SER A 1 8.37 -1.56 6.23
N HIS A 2 8.18 -1.67 4.93
CA HIS A 2 7.64 -2.89 4.34
C HIS A 2 6.13 -2.94 4.57
N SER A 3 5.47 -3.77 3.79
CA SER A 3 4.03 -3.93 3.90
C SER A 3 3.33 -2.65 3.46
N VAL A 4 2.06 -2.78 3.13
CA VAL A 4 1.26 -1.64 2.69
C VAL A 4 -0.10 -1.69 3.37
N LYS A 5 -0.70 -2.88 3.33
CA LYS A 5 -2.02 -3.07 3.92
C LYS A 5 -2.90 -1.86 3.61
N ILE A 6 -3.97 -1.73 4.39
CA ILE A 6 -4.90 -0.62 4.21
C ILE A 6 -4.87 0.26 5.45
N TYR A 7 -3.80 1.01 5.59
CA TYR A 7 -3.64 1.90 6.73
C TYR A 7 -3.83 3.36 6.31
N ASP A 8 -4.06 4.20 7.31
CA ASP A 8 -4.26 5.62 7.07
C ASP A 8 -2.90 6.33 7.05
N THR A 9 -1.94 5.69 6.39
CA THR A 9 -0.60 6.25 6.30
C THR A 9 -0.52 7.22 5.13
N CYS A 10 -0.70 8.50 5.44
CA CYS A 10 -0.64 9.53 4.42
C CYS A 10 -0.47 10.88 5.11
N ILE A 11 0.67 11.51 4.84
CA ILE A 11 0.97 12.80 5.43
C ILE A 11 0.73 13.90 4.40
N GLY A 12 0.71 13.48 3.14
CA GLY A 12 0.50 14.42 2.05
C GLY A 12 1.73 14.49 1.14
N CYS A 13 2.17 13.32 0.70
CA CYS A 13 3.33 13.23 -0.18
C CYS A 13 2.87 12.67 -1.53
N THR A 14 3.78 12.69 -2.48
CA THR A 14 3.48 12.19 -3.82
C THR A 14 4.28 10.91 -4.09
N GLN A 15 3.86 9.84 -3.41
CA GLN A 15 4.52 8.56 -3.58
C GLN A 15 3.59 7.43 -3.12
N CYS A 16 3.72 6.30 -3.79
CA CYS A 16 2.90 5.14 -3.48
C CYS A 16 1.58 5.26 -4.23
N VAL A 17 0.97 6.44 -4.11
CA VAL A 17 -0.30 6.69 -4.77
C VAL A 17 -0.05 6.99 -6.24
N ARG A 18 1.21 7.30 -6.55
CA ARG A 18 1.60 7.61 -7.91
C ARG A 18 2.43 6.47 -8.49
N ALA A 19 3.44 6.07 -7.74
CA ALA A 19 4.33 5.00 -8.17
C ALA A 19 3.48 3.86 -8.74
N CYS A 20 2.64 3.30 -7.87
CA CYS A 20 1.78 2.20 -8.28
C CYS A 20 1.26 2.48 -9.69
N PRO A 21 1.91 1.82 -10.69
CA PRO A 21 1.52 2.00 -12.07
C PRO A 21 0.22 1.25 -12.39
N LEU A 22 0.04 0.14 -11.70
CA LEU A 22 -1.16 -0.67 -11.89
C LEU A 22 -2.38 0.11 -11.40
N ASP A 23 -2.11 1.08 -10.55
CA ASP A 23 -3.17 1.91 -10.00
C ASP A 23 -4.03 1.07 -9.05
N VAL A 24 -3.36 0.44 -8.10
CA VAL A 24 -4.05 -0.39 -7.13
C VAL A 24 -4.57 0.48 -5.99
N LEU A 25 -3.64 0.91 -5.14
CA LEU A 25 -4.00 1.75 -4.01
C LEU A 25 -4.59 3.07 -4.52
N GLU A 26 -5.81 3.34 -4.09
CA GLU A 26 -6.50 4.55 -4.49
C GLU A 26 -6.95 5.34 -3.26
N MET A 27 -7.79 6.34 -3.51
CA MET A 27 -8.30 7.17 -2.44
C MET A 27 -9.45 6.48 -1.69
N VAL A 28 -9.34 6.48 -0.37
CA VAL A 28 -10.36 5.86 0.45
C VAL A 28 -10.88 6.89 1.47
N PRO A 29 -11.93 6.46 2.23
CA PRO A 29 -12.53 7.33 3.23
C PRO A 29 -11.64 7.44 4.46
N TRP A 30 -11.18 8.65 4.71
CA TRP A 30 -10.30 8.90 5.85
C TRP A 30 -10.81 10.18 6.55
N ASP A 31 -10.20 10.47 7.68
CA ASP A 31 -10.56 11.65 8.46
C ASP A 31 -9.29 12.32 8.97
N GLY A 32 -8.47 12.75 8.04
CA GLY A 32 -7.21 13.42 8.38
C GLY A 32 -6.75 14.33 7.24
N CYS A 33 -7.01 13.87 6.03
CA CYS A 33 -6.62 14.63 4.85
C CYS A 33 -7.57 15.82 4.70
N LYS A 34 -7.18 16.74 3.83
CA LYS A 34 -7.98 17.92 3.59
C LYS A 34 -9.33 17.50 2.99
N ALA A 35 -9.32 16.35 2.33
CA ALA A 35 -10.53 15.83 1.71
C ALA A 35 -10.98 14.58 2.47
N GLY A 36 -10.50 14.46 3.70
CA GLY A 36 -10.84 13.32 4.53
C GLY A 36 -10.82 12.03 3.72
N GLN A 37 -9.71 11.82 3.03
CA GLN A 37 -9.55 10.64 2.20
C GLN A 37 -8.07 10.22 2.15
N ILE A 38 -7.82 9.01 2.62
CA ILE A 38 -6.46 8.48 2.63
C ILE A 38 -6.27 7.54 1.44
N ALA A 39 -5.11 7.65 0.82
CA ALA A 39 -4.79 6.81 -0.32
C ALA A 39 -4.33 5.44 0.17
N SER A 40 -5.19 4.45 -0.05
CA SER A 40 -4.88 3.08 0.35
C SER A 40 -5.34 2.10 -0.72
N SER A 41 -5.14 0.82 -0.43
CA SER A 41 -5.53 -0.23 -1.37
C SER A 41 -6.55 -1.16 -0.70
N PRO A 42 -7.85 -0.74 -0.81
CA PRO A 42 -8.92 -1.54 -0.22
C PRO A 42 -9.21 -2.77 -1.07
N ARG A 43 -9.59 -2.53 -2.32
CA ARG A 43 -9.90 -3.61 -3.23
C ARG A 43 -8.67 -3.96 -4.08
N THR A 44 -7.77 -4.71 -3.49
CA THR A 44 -6.55 -5.11 -4.17
C THR A 44 -6.79 -6.38 -4.99
N GLU A 45 -8.00 -6.48 -5.53
CA GLU A 45 -8.36 -7.63 -6.32
C GLU A 45 -7.46 -7.74 -7.56
N ASP A 46 -6.88 -6.62 -7.92
CA ASP A 46 -5.99 -6.57 -9.07
C ASP A 46 -4.63 -6.01 -8.64
N CYS A 47 -3.60 -6.80 -8.86
CA CYS A 47 -2.25 -6.40 -8.49
C CYS A 47 -1.33 -7.62 -8.58
N VAL A 48 -0.53 -7.64 -9.63
CA VAL A 48 0.40 -8.75 -9.84
C VAL A 48 1.73 -8.43 -9.16
N GLY A 49 1.63 -7.85 -7.97
CA GLY A 49 2.82 -7.48 -7.22
C GLY A 49 3.94 -7.03 -8.15
N CYS A 50 3.85 -5.78 -8.56
CA CYS A 50 4.86 -5.21 -9.45
C CYS A 50 6.17 -5.06 -8.66
N LYS A 51 7.00 -4.14 -9.13
CA LYS A 51 8.28 -3.89 -8.49
C LYS A 51 8.09 -3.92 -6.97
N ARG A 52 7.51 -2.85 -6.45
CA ARG A 52 7.27 -2.75 -5.02
C ARG A 52 6.66 -1.39 -4.68
N CYS A 53 5.82 -1.39 -3.66
CA CYS A 53 5.17 -0.17 -3.22
C CYS A 53 5.42 0.00 -1.72
N GLU A 54 6.41 -0.73 -1.23
CA GLU A 54 6.75 -0.67 0.18
C GLU A 54 7.08 0.77 0.58
N THR A 55 7.43 1.57 -0.41
CA THR A 55 7.76 2.96 -0.17
C THR A 55 6.58 3.69 0.44
N ALA A 56 5.41 3.08 0.33
CA ALA A 56 4.19 3.66 0.87
C ALA A 56 4.50 4.31 2.23
N CYS A 57 4.72 5.61 2.18
CA CYS A 57 5.03 6.36 3.39
C CYS A 57 6.34 5.83 3.96
N PRO A 58 7.21 6.80 4.37
CA PRO A 58 8.50 6.44 4.93
C PRO A 58 8.36 5.92 6.36
N THR A 59 7.51 4.92 6.50
CA THR A 59 7.27 4.32 7.81
C THR A 59 6.60 5.33 8.74
N ASP A 60 6.81 5.13 10.03
CA ASP A 60 6.25 6.01 11.03
C ASP A 60 4.80 5.58 11.32
N PHE A 61 4.07 5.34 10.25
CA PHE A 61 2.68 4.93 10.37
C PHE A 61 2.55 3.41 10.25
N LEU A 62 3.07 2.89 9.16
CA LEU A 62 3.02 1.46 8.90
C LEU A 62 3.56 0.71 10.14
N SER A 63 2.75 -0.22 10.61
CA SER A 63 3.12 -1.02 11.77
C SER A 63 3.84 -2.29 11.33
N ILE A 64 4.41 -2.22 10.13
CA ILE A 64 5.14 -3.36 9.59
C ILE A 64 4.36 -4.64 9.90
N ARG A 65 3.28 -4.83 9.15
CA ARG A 65 2.44 -6.01 9.33
C ARG A 65 2.97 -7.16 8.45
N VAL A 66 3.96 -6.85 7.64
CA VAL A 66 4.55 -7.84 6.76
C VAL A 66 3.47 -8.43 5.87
N TYR A 67 3.29 -7.82 4.70
CA TYR A 67 2.29 -8.28 3.76
C TYR A 67 2.89 -8.44 2.36
N LEU A 68 3.60 -7.40 1.93
CA LEU A 68 4.23 -7.40 0.63
C LEU A 68 4.88 -8.77 0.39
N GLY A 69 5.75 -9.14 1.31
CA GLY A 69 6.44 -10.42 1.20
C GLY A 69 5.65 -11.54 1.87
N ALA A 70 4.46 -11.78 1.33
CA ALA A 70 3.59 -12.82 1.86
C ALA A 70 2.53 -13.17 0.81
N GLU A 71 1.86 -12.14 0.32
CA GLU A 71 0.83 -12.34 -0.68
C GLU A 71 1.24 -13.42 -1.68
N THR A 72 2.20 -13.07 -2.52
CA THR A 72 2.70 -13.99 -3.52
C THR A 72 4.20 -13.78 -3.74
N THR A 73 4.90 -13.57 -2.64
CA THR A 73 6.34 -13.36 -2.70
C THR A 73 7.08 -14.68 -2.48
N ARG A 74 6.83 -15.29 -1.34
CA ARG A 74 7.46 -16.55 -1.00
C ARG A 74 6.56 -17.72 -1.38
N SER A 75 5.26 -17.43 -1.42
CA SER A 75 4.28 -18.45 -1.75
C SER A 75 4.04 -18.46 -3.27
N MET A 76 4.45 -17.37 -3.90
CA MET A 76 4.29 -17.24 -5.34
C MET A 76 2.85 -17.54 -5.76
N GLY A 77 2.58 -18.82 -5.97
CA GLY A 77 1.25 -19.26 -6.37
C GLY A 77 0.99 -20.70 -5.93
N LEU A 78 2.01 -21.53 -6.10
CA LEU A 78 1.90 -22.93 -5.73
C LEU A 78 2.64 -23.16 -4.41
N ALA A 79 3.80 -22.53 -4.29
CA ALA A 79 4.61 -22.66 -3.10
C ALA A 79 3.70 -22.69 -1.87
N TYR A 80 2.59 -21.97 -1.98
CA TYR A 80 1.63 -21.89 -0.90
C TYR A 80 1.07 -23.28 -0.58
N SER A 1 9.81 0.01 4.06
CA SER A 1 8.46 0.32 4.55
C SER A 1 7.73 -0.97 4.90
N HIS A 2 8.11 -1.53 6.05
CA HIS A 2 7.49 -2.77 6.51
C HIS A 2 6.02 -2.80 6.10
N SER A 3 5.69 -3.81 5.31
CA SER A 3 4.33 -3.97 4.83
C SER A 3 3.75 -2.61 4.45
N VAL A 4 2.42 -2.52 4.50
CA VAL A 4 1.73 -1.30 4.16
C VAL A 4 0.23 -1.46 4.43
N LYS A 5 -0.27 -2.65 4.09
CA LYS A 5 -1.67 -2.95 4.29
C LYS A 5 -2.50 -1.74 3.87
N ILE A 6 -3.76 -1.75 4.32
CA ILE A 6 -4.67 -0.66 4.01
C ILE A 6 -4.86 0.21 5.25
N TYR A 7 -3.76 0.77 5.72
CA TYR A 7 -3.80 1.63 6.90
C TYR A 7 -3.90 3.10 6.50
N ASP A 8 -4.11 3.94 7.51
CA ASP A 8 -4.23 5.36 7.28
C ASP A 8 -2.83 5.99 7.25
N THR A 9 -1.94 5.33 6.53
CA THR A 9 -0.57 5.81 6.41
C THR A 9 -0.45 6.81 5.26
N CYS A 10 -0.59 8.08 5.61
CA CYS A 10 -0.51 9.14 4.61
C CYS A 10 -0.17 10.45 5.33
N ILE A 11 0.63 11.26 4.68
CA ILE A 11 1.03 12.54 5.23
C ILE A 11 0.52 13.67 4.34
N GLY A 12 0.54 13.41 3.05
CA GLY A 12 0.09 14.39 2.07
C GLY A 12 0.77 14.18 0.72
N CYS A 13 1.92 13.52 0.76
CA CYS A 13 2.67 13.25 -0.45
C CYS A 13 1.77 12.44 -1.40
N THR A 14 2.27 12.26 -2.61
CA THR A 14 1.54 11.51 -3.62
C THR A 14 2.19 10.14 -3.86
N GLN A 15 3.48 10.09 -3.59
CA GLN A 15 4.24 8.86 -3.77
C GLN A 15 3.39 7.66 -3.36
N CYS A 16 3.67 6.53 -4.01
CA CYS A 16 2.94 5.32 -3.72
C CYS A 16 1.67 5.30 -4.56
N VAL A 17 0.95 6.41 -4.51
CA VAL A 17 -0.29 6.54 -5.26
C VAL A 17 0.04 6.80 -6.74
N ARG A 18 1.33 6.98 -7.00
CA ARG A 18 1.79 7.25 -8.35
C ARG A 18 2.70 6.13 -8.83
N ALA A 19 3.71 5.85 -8.02
CA ALA A 19 4.66 4.79 -8.35
C ALA A 19 3.91 3.61 -8.96
N CYS A 20 2.94 3.11 -8.20
CA CYS A 20 2.15 1.98 -8.66
C CYS A 20 1.84 2.17 -10.14
N PRO A 21 2.42 1.26 -10.97
CA PRO A 21 2.21 1.33 -12.41
C PRO A 21 0.82 0.83 -12.78
N LEU A 22 0.50 -0.37 -12.30
CA LEU A 22 -0.80 -0.97 -12.57
C LEU A 22 -1.89 0.10 -12.41
N ASP A 23 -2.43 0.17 -11.21
CA ASP A 23 -3.48 1.13 -10.91
C ASP A 23 -4.07 0.83 -9.53
N VAL A 24 -3.18 0.72 -8.56
CA VAL A 24 -3.61 0.43 -7.19
C VAL A 24 -3.40 1.68 -6.33
N LEU A 25 -3.89 1.59 -5.10
CA LEU A 25 -3.78 2.70 -4.17
C LEU A 25 -4.65 3.86 -4.65
N GLU A 26 -5.92 3.80 -4.26
CA GLU A 26 -6.86 4.83 -4.65
C GLU A 26 -7.25 5.68 -3.43
N MET A 27 -8.37 6.37 -3.56
CA MET A 27 -8.85 7.22 -2.49
C MET A 27 -9.84 6.46 -1.59
N VAL A 28 -9.64 6.62 -0.29
CA VAL A 28 -10.51 5.96 0.67
C VAL A 28 -10.99 6.99 1.71
N PRO A 29 -12.06 6.60 2.46
CA PRO A 29 -12.62 7.47 3.48
C PRO A 29 -11.73 7.51 4.72
N TRP A 30 -11.16 8.68 4.96
CA TRP A 30 -10.29 8.86 6.11
C TRP A 30 -10.75 10.11 6.85
N ASP A 31 -10.12 10.33 8.00
CA ASP A 31 -10.47 11.49 8.82
C ASP A 31 -9.17 12.09 9.39
N GLY A 32 -8.32 12.54 8.49
CA GLY A 32 -7.05 13.14 8.89
C GLY A 32 -6.51 14.06 7.79
N CYS A 33 -6.80 13.69 6.56
CA CYS A 33 -6.35 14.47 5.42
C CYS A 33 -7.25 15.71 5.30
N LYS A 34 -6.82 16.65 4.48
CA LYS A 34 -7.56 17.87 4.28
C LYS A 34 -8.92 17.54 3.64
N ALA A 35 -8.94 16.42 2.93
CA ALA A 35 -10.15 15.97 2.27
C ALA A 35 -10.67 14.71 2.96
N GLY A 36 -10.23 14.52 4.20
CA GLY A 36 -10.63 13.36 4.97
C GLY A 36 -10.65 12.10 4.09
N GLN A 37 -9.54 11.89 3.41
CA GLN A 37 -9.41 10.73 2.54
C GLN A 37 -7.95 10.28 2.47
N ILE A 38 -7.72 9.03 2.87
CA ILE A 38 -6.39 8.48 2.86
C ILE A 38 -6.19 7.65 1.59
N ALA A 39 -4.96 7.63 1.12
CA ALA A 39 -4.63 6.89 -0.09
C ALA A 39 -4.29 5.45 0.30
N SER A 40 -5.19 4.54 -0.06
CA SER A 40 -5.00 3.14 0.23
C SER A 40 -5.49 2.29 -0.94
N SER A 41 -5.44 0.98 -0.74
CA SER A 41 -5.87 0.05 -1.78
C SER A 41 -7.11 -0.71 -1.30
N PRO A 42 -8.30 -0.14 -1.61
CA PRO A 42 -9.56 -0.76 -1.22
C PRO A 42 -9.87 -1.97 -2.11
N ARG A 43 -9.98 -1.69 -3.40
CA ARG A 43 -10.27 -2.75 -4.37
C ARG A 43 -8.98 -3.36 -4.90
N THR A 44 -8.43 -4.27 -4.11
CA THR A 44 -7.20 -4.94 -4.49
C THR A 44 -7.49 -6.15 -5.37
N GLU A 45 -8.55 -6.03 -6.16
CA GLU A 45 -8.95 -7.09 -7.06
C GLU A 45 -7.84 -7.38 -8.07
N ASP A 46 -6.93 -6.42 -8.19
CA ASP A 46 -5.82 -6.56 -9.11
C ASP A 46 -4.52 -6.70 -8.32
N CYS A 47 -3.43 -6.28 -8.94
CA CYS A 47 -2.13 -6.35 -8.31
C CYS A 47 -1.72 -7.83 -8.22
N VAL A 48 -0.52 -8.11 -8.70
CA VAL A 48 -0.01 -9.47 -8.67
C VAL A 48 1.39 -9.47 -8.06
N GLY A 49 1.49 -8.92 -6.86
CA GLY A 49 2.76 -8.85 -6.16
C GLY A 49 3.85 -8.26 -7.06
N CYS A 50 3.65 -7.01 -7.42
CA CYS A 50 4.60 -6.31 -8.27
C CYS A 50 5.48 -5.41 -7.40
N LYS A 51 6.77 -5.68 -7.44
CA LYS A 51 7.71 -4.89 -6.65
C LYS A 51 7.86 -3.50 -7.28
N ARG A 52 6.98 -2.60 -6.84
CA ARG A 52 7.00 -1.24 -7.35
C ARG A 52 6.80 -0.25 -6.20
N CYS A 53 5.82 -0.56 -5.36
CA CYS A 53 5.51 0.29 -4.22
C CYS A 53 6.55 0.02 -3.12
N GLU A 54 7.82 0.21 -3.50
CA GLU A 54 8.91 0.00 -2.56
C GLU A 54 9.25 1.30 -1.84
N THR A 55 8.22 2.05 -1.51
CA THR A 55 8.39 3.32 -0.83
C THR A 55 7.32 3.50 0.25
N ALA A 56 6.07 3.31 -0.17
CA ALA A 56 4.95 3.45 0.74
C ALA A 56 5.03 4.82 1.44
N CYS A 57 5.33 4.76 2.73
CA CYS A 57 5.45 5.97 3.53
C CYS A 57 6.67 5.84 4.43
N PRO A 58 7.21 7.01 4.85
CA PRO A 58 8.37 7.04 5.73
C PRO A 58 8.00 6.66 7.15
N THR A 59 7.37 5.50 7.28
CA THR A 59 6.96 5.01 8.59
C THR A 59 5.87 5.92 9.18
N ASP A 60 5.87 6.02 10.49
CA ASP A 60 4.89 6.84 11.19
C ASP A 60 3.61 6.03 11.40
N PHE A 61 3.29 5.21 10.41
CA PHE A 61 2.09 4.38 10.48
C PHE A 61 2.43 2.92 10.23
N LEU A 62 2.76 2.62 8.97
CA LEU A 62 3.10 1.27 8.58
C LEU A 62 4.20 0.74 9.50
N SER A 63 3.88 -0.32 10.22
CA SER A 63 4.83 -0.93 11.13
C SER A 63 4.11 -1.94 12.04
N ILE A 64 3.21 -2.70 11.43
CA ILE A 64 2.45 -3.69 12.17
C ILE A 64 2.57 -5.05 11.45
N ARG A 65 2.10 -5.07 10.21
CA ARG A 65 2.14 -6.28 9.42
C ARG A 65 3.47 -6.37 8.66
N VAL A 66 3.69 -7.53 8.07
CA VAL A 66 4.92 -7.76 7.32
C VAL A 66 4.57 -8.41 5.98
N TYR A 67 4.55 -7.60 4.94
CA TYR A 67 4.24 -8.07 3.60
C TYR A 67 5.44 -7.93 2.67
N LEU A 68 5.82 -6.68 2.42
CA LEU A 68 6.94 -6.40 1.55
C LEU A 68 8.11 -7.33 1.91
N GLY A 69 8.47 -8.15 0.95
CA GLY A 69 9.56 -9.10 1.14
C GLY A 69 9.12 -10.28 2.01
N ALA A 70 8.16 -11.03 1.49
CA ALA A 70 7.64 -12.18 2.20
C ALA A 70 6.66 -12.93 1.30
N GLU A 71 5.82 -12.17 0.62
CA GLU A 71 4.84 -12.74 -0.28
C GLU A 71 5.48 -13.83 -1.14
N THR A 72 6.79 -13.70 -1.32
CA THR A 72 7.54 -14.66 -2.11
C THR A 72 7.91 -15.88 -1.27
N THR A 73 6.99 -16.26 -0.40
CA THR A 73 7.20 -17.42 0.46
C THR A 73 6.05 -18.40 0.33
N ARG A 74 4.84 -17.85 0.27
CA ARG A 74 3.64 -18.66 0.15
C ARG A 74 2.89 -18.31 -1.13
N SER A 75 2.94 -17.04 -1.47
CA SER A 75 2.26 -16.55 -2.66
C SER A 75 3.18 -16.70 -3.88
N MET A 76 4.35 -17.26 -3.63
CA MET A 76 5.32 -17.46 -4.69
C MET A 76 5.16 -18.85 -5.33
N GLY A 77 4.45 -19.71 -4.62
CA GLY A 77 4.22 -21.06 -5.10
C GLY A 77 2.85 -21.17 -5.79
N LEU A 78 2.33 -20.02 -6.19
CA LEU A 78 1.05 -19.96 -6.86
C LEU A 78 1.26 -19.85 -8.37
N ALA A 79 2.13 -18.92 -8.74
CA ALA A 79 2.44 -18.70 -10.14
C ALA A 79 3.94 -18.46 -10.30
N TYR A 80 4.43 -17.47 -9.56
CA TYR A 80 5.85 -17.14 -9.61
C TYR A 80 6.71 -18.39 -9.77
N SER A 1 10.04 -0.54 1.93
CA SER A 1 8.64 -0.21 2.06
C SER A 1 7.91 -1.37 2.77
N HIS A 2 8.45 -1.76 3.90
CA HIS A 2 7.87 -2.84 4.69
C HIS A 2 6.36 -2.61 4.82
N SER A 3 5.62 -3.69 4.64
CA SER A 3 4.17 -3.63 4.75
C SER A 3 3.62 -2.59 3.76
N VAL A 4 2.34 -2.71 3.48
CA VAL A 4 1.68 -1.79 2.56
C VAL A 4 0.18 -2.13 2.51
N LYS A 5 -0.36 -2.48 3.66
CA LYS A 5 -1.76 -2.83 3.75
C LYS A 5 -2.59 -1.54 3.68
N ILE A 6 -3.87 -1.68 4.03
CA ILE A 6 -4.78 -0.54 4.01
C ILE A 6 -4.69 0.19 5.35
N TYR A 7 -3.78 1.15 5.42
CA TYR A 7 -3.59 1.93 6.63
C TYR A 7 -3.81 3.42 6.36
N ASP A 8 -4.23 4.11 7.41
CA ASP A 8 -4.49 5.54 7.29
C ASP A 8 -3.18 6.30 7.53
N THR A 9 -2.13 5.82 6.90
CA THR A 9 -0.82 6.44 7.03
C THR A 9 -0.55 7.37 5.85
N CYS A 10 -0.94 8.63 6.02
CA CYS A 10 -0.74 9.62 4.98
C CYS A 10 -0.78 11.00 5.62
N ILE A 11 0.27 11.77 5.36
CA ILE A 11 0.37 13.11 5.91
C ILE A 11 -0.06 14.12 4.84
N GLY A 12 -0.46 13.59 3.69
CA GLY A 12 -0.90 14.43 2.60
C GLY A 12 0.06 14.32 1.41
N CYS A 13 1.07 13.50 1.59
CA CYS A 13 2.06 13.29 0.54
C CYS A 13 1.54 12.22 -0.42
N THR A 14 2.03 12.28 -1.64
CA THR A 14 1.62 11.33 -2.67
C THR A 14 2.84 10.69 -3.33
N GLN A 15 3.59 9.95 -2.53
CA GLN A 15 4.80 9.29 -3.02
C GLN A 15 4.49 7.84 -3.38
N CYS A 16 3.74 7.18 -2.50
CA CYS A 16 3.38 5.80 -2.70
C CYS A 16 2.06 5.76 -3.48
N VAL A 17 1.80 6.85 -4.19
CA VAL A 17 0.59 6.95 -4.98
C VAL A 17 0.95 7.21 -6.45
N ARG A 18 2.20 6.89 -6.77
CA ARG A 18 2.68 7.09 -8.13
C ARG A 18 3.19 5.76 -8.71
N ALA A 19 3.95 5.05 -7.90
CA ALA A 19 4.49 3.77 -8.31
C ALA A 19 3.39 2.71 -8.27
N CYS A 20 2.63 2.66 -9.36
CA CYS A 20 1.55 1.70 -9.48
C CYS A 20 0.89 1.87 -10.85
N PRO A 21 1.28 0.95 -11.77
CA PRO A 21 0.75 0.99 -13.13
C PRO A 21 -0.70 0.47 -13.17
N LEU A 22 -0.91 -0.64 -12.47
CA LEU A 22 -2.22 -1.25 -12.41
C LEU A 22 -3.22 -0.24 -11.81
N ASP A 23 -3.52 -0.44 -10.54
CA ASP A 23 -4.45 0.44 -9.84
C ASP A 23 -4.70 -0.10 -8.44
N VAL A 24 -3.72 0.15 -7.56
CA VAL A 24 -3.82 -0.31 -6.19
C VAL A 24 -3.94 0.90 -5.26
N LEU A 25 -2.79 1.49 -4.96
CA LEU A 25 -2.75 2.66 -4.10
C LEU A 25 -3.68 3.73 -4.65
N GLU A 26 -4.92 3.70 -4.17
CA GLU A 26 -5.91 4.67 -4.61
C GLU A 26 -6.42 5.49 -3.42
N MET A 27 -7.45 6.28 -3.69
CA MET A 27 -8.03 7.11 -2.65
C MET A 27 -9.15 6.37 -1.92
N VAL A 28 -9.08 6.43 -0.59
CA VAL A 28 -10.07 5.78 0.24
C VAL A 28 -10.67 6.79 1.20
N PRO A 29 -11.76 6.35 1.91
CA PRO A 29 -12.43 7.21 2.87
C PRO A 29 -11.61 7.36 4.15
N TRP A 30 -11.17 8.58 4.39
CA TRP A 30 -10.38 8.86 5.58
C TRP A 30 -10.90 10.16 6.20
N ASP A 31 -10.36 10.48 7.36
CA ASP A 31 -10.77 11.68 8.08
C ASP A 31 -9.54 12.34 8.70
N GLY A 32 -8.62 12.74 7.84
CA GLY A 32 -7.40 13.38 8.30
C GLY A 32 -6.78 14.24 7.19
N CYS A 33 -6.97 13.79 5.96
CA CYS A 33 -6.45 14.50 4.81
C CYS A 33 -7.33 15.72 4.55
N LYS A 34 -6.87 16.58 3.66
CA LYS A 34 -7.61 17.78 3.32
C LYS A 34 -8.90 17.39 2.61
N ALA A 35 -8.88 16.22 2.01
CA ALA A 35 -10.04 15.71 1.29
C ALA A 35 -10.58 14.47 2.02
N GLY A 36 -10.27 14.40 3.31
CA GLY A 36 -10.71 13.28 4.11
C GLY A 36 -10.63 11.97 3.33
N GLN A 37 -9.46 11.74 2.75
CA GLN A 37 -9.24 10.52 1.98
C GLN A 37 -7.76 10.12 2.04
N ILE A 38 -7.54 8.92 2.56
CA ILE A 38 -6.19 8.39 2.68
C ILE A 38 -5.87 7.52 1.46
N ALA A 39 -4.61 7.56 1.05
CA ALA A 39 -4.16 6.78 -0.08
C ALA A 39 -3.86 5.34 0.37
N SER A 40 -4.82 4.46 0.10
CA SER A 40 -4.67 3.06 0.47
C SER A 40 -5.11 2.17 -0.69
N SER A 41 -5.16 0.87 -0.40
CA SER A 41 -5.56 -0.09 -1.41
C SER A 41 -6.86 -0.77 -0.99
N PRO A 42 -8.00 -0.12 -1.38
CA PRO A 42 -9.32 -0.65 -1.05
C PRO A 42 -9.65 -1.86 -1.95
N ARG A 43 -9.60 -1.62 -3.24
CA ARG A 43 -9.90 -2.68 -4.20
C ARG A 43 -8.63 -3.41 -4.62
N THR A 44 -8.20 -4.32 -3.75
CA THR A 44 -7.00 -5.09 -4.02
C THR A 44 -7.28 -6.21 -5.02
N GLU A 45 -8.50 -6.20 -5.53
CA GLU A 45 -8.92 -7.21 -6.48
C GLU A 45 -7.82 -7.43 -7.53
N ASP A 46 -7.12 -6.34 -7.84
CA ASP A 46 -6.05 -6.40 -8.82
C ASP A 46 -4.71 -6.61 -8.11
N CYS A 47 -3.64 -6.39 -8.85
CA CYS A 47 -2.31 -6.56 -8.29
C CYS A 47 -1.98 -8.05 -8.26
N VAL A 48 -1.00 -8.43 -9.08
CA VAL A 48 -0.59 -9.81 -9.14
C VAL A 48 0.87 -9.93 -8.70
N GLY A 49 1.19 -9.21 -7.64
CA GLY A 49 2.54 -9.21 -7.10
C GLY A 49 3.51 -8.46 -8.02
N CYS A 50 3.53 -7.14 -7.84
CA CYS A 50 4.41 -6.31 -8.64
C CYS A 50 5.06 -5.27 -7.72
N LYS A 51 6.37 -5.37 -7.59
CA LYS A 51 7.11 -4.45 -6.76
C LYS A 51 6.60 -3.03 -6.97
N ARG A 52 7.28 -2.32 -7.87
CA ARG A 52 6.90 -0.96 -8.18
C ARG A 52 6.75 -0.13 -6.90
N CYS A 53 5.55 -0.16 -6.34
CA CYS A 53 5.27 0.57 -5.11
C CYS A 53 6.44 0.34 -4.14
N GLU A 54 7.36 1.29 -4.15
CA GLU A 54 8.52 1.20 -3.28
C GLU A 54 8.85 2.57 -2.70
N THR A 55 7.88 3.13 -1.99
CA THR A 55 8.05 4.43 -1.37
C THR A 55 6.96 4.68 -0.33
N ALA A 56 6.60 3.62 0.37
CA ALA A 56 5.58 3.71 1.39
C ALA A 56 5.97 4.78 2.42
N CYS A 57 5.11 4.94 3.42
CA CYS A 57 5.36 5.92 4.47
C CYS A 57 6.43 5.36 5.40
N PRO A 58 6.85 6.21 6.37
CA PRO A 58 7.86 5.81 7.34
C PRO A 58 7.27 4.87 8.38
N THR A 59 8.10 4.53 9.36
CA THR A 59 7.67 3.64 10.43
C THR A 59 6.77 4.38 11.42
N ASP A 60 6.69 5.69 11.23
CA ASP A 60 5.88 6.52 12.10
C ASP A 60 4.46 5.94 12.17
N PHE A 61 4.12 5.17 11.14
CA PHE A 61 2.81 4.54 11.09
C PHE A 61 2.91 3.10 10.56
N LEU A 62 3.52 2.97 9.40
CA LEU A 62 3.69 1.67 8.78
C LEU A 62 4.44 0.75 9.76
N SER A 63 4.87 -0.39 9.23
CA SER A 63 5.60 -1.35 10.02
C SER A 63 4.66 -2.00 11.05
N ILE A 64 3.72 -2.78 10.54
CA ILE A 64 2.76 -3.45 11.40
C ILE A 64 2.56 -4.88 10.91
N ARG A 65 2.30 -5.00 9.62
CA ARG A 65 2.10 -6.31 9.02
C ARG A 65 2.86 -6.42 7.70
N VAL A 66 4.12 -6.82 7.81
CA VAL A 66 4.97 -6.97 6.64
C VAL A 66 4.16 -7.60 5.51
N TYR A 67 4.35 -7.07 4.31
CA TYR A 67 3.65 -7.57 3.14
C TYR A 67 4.54 -7.51 1.91
N LEU A 68 5.15 -6.34 1.70
CA LEU A 68 6.02 -6.14 0.56
C LEU A 68 7.28 -7.00 0.74
N GLY A 69 7.99 -6.73 1.82
CA GLY A 69 9.21 -7.47 2.12
C GLY A 69 8.89 -8.84 2.71
N ALA A 70 8.18 -9.64 1.93
CA ALA A 70 7.81 -10.97 2.37
C ALA A 70 8.32 -11.99 1.35
N GLU A 71 8.13 -11.66 0.08
CA GLU A 71 8.57 -12.54 -0.99
C GLU A 71 10.09 -12.69 -0.97
N THR A 72 10.53 -13.93 -0.80
CA THR A 72 11.96 -14.22 -0.76
C THR A 72 12.19 -15.72 -0.61
N THR A 73 11.63 -16.48 -1.54
CA THR A 73 11.77 -17.92 -1.53
C THR A 73 10.67 -18.56 -0.68
N ARG A 74 10.19 -17.77 0.27
CA ARG A 74 9.13 -18.24 1.15
C ARG A 74 7.76 -18.09 0.48
N SER A 75 7.60 -16.99 -0.24
CA SER A 75 6.36 -16.71 -0.94
C SER A 75 6.64 -15.97 -2.24
N MET A 76 7.86 -16.16 -2.74
CA MET A 76 8.27 -15.51 -3.97
C MET A 76 7.45 -16.02 -5.16
N GLY A 77 7.21 -17.32 -5.16
CA GLY A 77 6.45 -17.94 -6.22
C GLY A 77 6.73 -19.45 -6.30
N LEU A 78 6.78 -20.07 -5.13
CA LEU A 78 7.04 -21.49 -5.05
C LEU A 78 5.72 -22.26 -5.02
N ALA A 79 4.77 -21.69 -4.28
CA ALA A 79 3.45 -22.31 -4.15
C ALA A 79 2.41 -21.21 -3.90
N TYR A 80 2.70 -20.39 -2.91
CA TYR A 80 1.79 -19.30 -2.55
C TYR A 80 1.77 -18.23 -3.64
N SER A 1 8.33 2.43 2.33
CA SER A 1 9.23 1.63 3.15
C SER A 1 8.95 0.14 2.95
N HIS A 2 7.68 -0.21 3.15
CA HIS A 2 7.27 -1.60 2.99
C HIS A 2 5.78 -1.73 3.35
N SER A 3 5.20 -2.83 2.93
CA SER A 3 3.79 -3.10 3.19
C SER A 3 2.93 -1.99 2.57
N VAL A 4 1.71 -2.36 2.23
CA VAL A 4 0.78 -1.41 1.62
C VAL A 4 -0.65 -1.82 1.97
N LYS A 5 -0.81 -2.34 3.19
CA LYS A 5 -2.12 -2.77 3.65
C LYS A 5 -3.08 -1.58 3.62
N ILE A 6 -4.34 -1.87 3.93
CA ILE A 6 -5.36 -0.83 3.95
C ILE A 6 -5.30 -0.09 5.29
N TYR A 7 -4.29 0.74 5.42
CA TYR A 7 -4.12 1.51 6.64
C TYR A 7 -4.16 3.02 6.35
N ASP A 8 -4.29 3.78 7.42
CA ASP A 8 -4.35 5.23 7.30
C ASP A 8 -2.93 5.81 7.31
N THR A 9 -2.05 5.13 6.57
CA THR A 9 -0.67 5.56 6.50
C THR A 9 -0.49 6.63 5.41
N CYS A 10 -0.59 7.87 5.83
CA CYS A 10 -0.44 8.99 4.90
C CYS A 10 -0.16 10.26 5.72
N ILE A 11 0.73 11.07 5.17
CA ILE A 11 1.10 12.31 5.84
C ILE A 11 0.57 13.50 5.02
N GLY A 12 0.21 13.21 3.78
CA GLY A 12 -0.31 14.24 2.89
C GLY A 12 0.61 14.44 1.69
N CYS A 13 1.25 13.35 1.29
CA CYS A 13 2.16 13.40 0.16
C CYS A 13 1.58 12.52 -0.96
N THR A 14 2.25 12.55 -2.10
CA THR A 14 1.82 11.76 -3.24
C THR A 14 3.02 11.08 -3.90
N GLN A 15 3.47 10.01 -3.29
CA GLN A 15 4.61 9.26 -3.81
C GLN A 15 4.22 7.80 -4.03
N CYS A 16 3.54 7.24 -3.04
CA CYS A 16 3.11 5.85 -3.11
C CYS A 16 1.80 5.80 -3.91
N VAL A 17 1.53 6.89 -4.59
CA VAL A 17 0.31 6.98 -5.40
C VAL A 17 0.70 7.08 -6.88
N ARG A 18 2.00 7.09 -7.12
CA ARG A 18 2.51 7.18 -8.48
C ARG A 18 3.30 5.93 -8.84
N ALA A 19 4.19 5.54 -7.93
CA ALA A 19 5.01 4.37 -8.14
C ALA A 19 4.15 3.23 -8.67
N CYS A 20 3.13 2.88 -7.88
CA CYS A 20 2.23 1.81 -8.25
C CYS A 20 1.72 2.08 -9.67
N PRO A 21 2.06 1.13 -10.59
CA PRO A 21 1.65 1.27 -11.98
C PRO A 21 0.17 0.94 -12.14
N LEU A 22 -0.18 -0.29 -11.79
CA LEU A 22 -1.57 -0.73 -11.90
C LEU A 22 -2.50 0.40 -11.43
N ASP A 23 -2.76 0.40 -10.13
CA ASP A 23 -3.63 1.42 -9.55
C ASP A 23 -4.25 0.87 -8.27
N VAL A 24 -3.39 0.38 -7.39
CA VAL A 24 -3.85 -0.17 -6.13
C VAL A 24 -3.96 0.96 -5.10
N LEU A 25 -2.82 1.59 -4.83
CA LEU A 25 -2.79 2.68 -3.87
C LEU A 25 -3.66 3.83 -4.38
N GLU A 26 -4.96 3.67 -4.18
CA GLU A 26 -5.91 4.68 -4.61
C GLU A 26 -6.53 5.37 -3.38
N MET A 27 -7.28 6.42 -3.66
CA MET A 27 -7.93 7.18 -2.61
C MET A 27 -8.99 6.33 -1.90
N VAL A 28 -9.00 6.43 -0.58
CA VAL A 28 -9.95 5.68 0.22
C VAL A 28 -10.61 6.62 1.23
N PRO A 29 -11.66 6.09 1.91
CA PRO A 29 -12.38 6.88 2.89
C PRO A 29 -11.58 7.00 4.19
N TRP A 30 -11.15 8.22 4.47
CA TRP A 30 -10.36 8.49 5.67
C TRP A 30 -10.95 9.72 6.34
N ASP A 31 -10.40 10.03 7.52
CA ASP A 31 -10.87 11.18 8.28
C ASP A 31 -9.67 11.88 8.92
N GLY A 32 -8.74 12.30 8.06
CA GLY A 32 -7.55 12.98 8.53
C GLY A 32 -7.02 13.95 7.47
N CYS A 33 -7.17 13.54 6.21
CA CYS A 33 -6.71 14.36 5.11
C CYS A 33 -7.67 15.55 4.96
N LYS A 34 -7.23 16.54 4.19
CA LYS A 34 -8.03 17.73 3.96
C LYS A 34 -9.35 17.32 3.29
N ALA A 35 -9.29 16.20 2.58
CA ALA A 35 -10.47 15.71 1.88
C ALA A 35 -10.94 14.42 2.54
N GLY A 36 -10.47 14.21 3.76
CA GLY A 36 -10.83 13.02 4.52
C GLY A 36 -10.75 11.77 3.64
N GLN A 37 -9.58 11.60 3.02
CA GLN A 37 -9.36 10.45 2.16
C GLN A 37 -7.88 10.11 2.09
N ILE A 38 -7.56 8.90 2.53
CA ILE A 38 -6.18 8.44 2.53
C ILE A 38 -5.93 7.59 1.28
N ALA A 39 -4.74 7.74 0.72
CA ALA A 39 -4.36 6.99 -0.46
C ALA A 39 -3.83 5.61 -0.05
N SER A 40 -4.67 4.60 -0.25
CA SER A 40 -4.30 3.25 0.09
C SER A 40 -5.10 2.26 -0.75
N SER A 41 -4.94 0.98 -0.43
CA SER A 41 -5.65 -0.07 -1.14
C SER A 41 -7.13 -0.05 -0.77
N PRO A 42 -7.98 0.09 -1.82
CA PRO A 42 -9.42 0.13 -1.62
C PRO A 42 -9.96 -1.28 -1.33
N ARG A 43 -9.61 -2.20 -2.21
CA ARG A 43 -10.06 -3.57 -2.05
C ARG A 43 -9.01 -4.55 -2.60
N THR A 44 -7.80 -4.02 -2.77
CA THR A 44 -6.71 -4.83 -3.29
C THR A 44 -7.18 -5.70 -4.44
N GLU A 45 -8.27 -5.25 -5.07
CA GLU A 45 -8.83 -5.99 -6.19
C GLU A 45 -7.75 -6.30 -7.22
N ASP A 46 -6.78 -5.39 -7.32
CA ASP A 46 -5.68 -5.56 -8.26
C ASP A 46 -4.44 -6.01 -7.50
N CYS A 47 -3.30 -5.93 -8.18
CA CYS A 47 -2.03 -6.32 -7.60
C CYS A 47 -1.98 -7.86 -7.58
N VAL A 48 -0.83 -8.37 -8.00
CA VAL A 48 -0.63 -9.81 -8.05
C VAL A 48 0.88 -10.11 -7.97
N GLY A 49 1.54 -9.39 -7.08
CA GLY A 49 2.97 -9.57 -6.88
C GLY A 49 3.77 -8.72 -7.88
N CYS A 50 3.90 -7.45 -7.56
CA CYS A 50 4.63 -6.52 -8.41
C CYS A 50 5.43 -5.58 -7.53
N LYS A 51 6.75 -5.73 -7.60
CA LYS A 51 7.65 -4.91 -6.81
C LYS A 51 7.75 -3.52 -7.44
N ARG A 52 6.85 -2.64 -7.02
CA ARG A 52 6.83 -1.29 -7.54
C ARG A 52 6.00 -0.38 -6.63
N CYS A 53 6.45 -0.27 -5.39
CA CYS A 53 5.77 0.56 -4.40
C CYS A 53 6.67 0.70 -3.18
N GLU A 54 7.93 0.99 -3.44
CA GLU A 54 8.90 1.16 -2.38
C GLU A 54 8.94 2.62 -1.92
N THR A 55 7.76 3.17 -1.70
CA THR A 55 7.64 4.55 -1.27
C THR A 55 6.33 4.77 -0.50
N ALA A 56 5.82 3.67 0.04
CA ALA A 56 4.59 3.72 0.81
C ALA A 56 4.65 4.86 1.82
N CYS A 57 5.80 4.94 2.48
CA CYS A 57 6.02 5.97 3.49
C CYS A 57 7.29 5.64 4.25
N PRO A 58 7.88 6.70 4.88
CA PRO A 58 9.10 6.52 5.65
C PRO A 58 8.82 5.83 6.99
N THR A 59 7.95 4.84 6.93
CA THR A 59 7.59 4.10 8.13
C THR A 59 6.66 4.93 9.02
N ASP A 60 6.40 6.15 8.56
CA ASP A 60 5.54 7.04 9.30
C ASP A 60 4.42 6.25 9.96
N PHE A 61 3.98 5.21 9.26
CA PHE A 61 2.92 4.37 9.77
C PHE A 61 3.23 2.89 9.54
N LEU A 62 2.73 2.37 8.42
CA LEU A 62 2.95 0.98 8.07
C LEU A 62 2.98 0.13 9.35
N SER A 63 3.98 -0.72 9.43
CA SER A 63 4.13 -1.60 10.58
C SER A 63 2.92 -2.51 10.71
N ILE A 64 2.81 -3.15 11.87
CA ILE A 64 1.71 -4.05 12.14
C ILE A 64 1.80 -5.25 11.18
N ARG A 65 1.40 -5.01 9.94
CA ARG A 65 1.43 -6.06 8.94
C ARG A 65 2.51 -5.76 7.90
N VAL A 66 3.06 -6.83 7.35
CA VAL A 66 4.10 -6.69 6.34
C VAL A 66 3.73 -7.55 5.12
N TYR A 67 3.79 -6.92 3.95
CA TYR A 67 3.47 -7.61 2.72
C TYR A 67 4.70 -7.71 1.81
N LEU A 68 5.21 -6.56 1.42
CA LEU A 68 6.37 -6.50 0.56
C LEU A 68 7.39 -7.54 1.01
N GLY A 69 8.28 -7.90 0.11
CA GLY A 69 9.30 -8.89 0.40
C GLY A 69 8.69 -10.16 0.99
N ALA A 70 7.73 -10.71 0.26
CA ALA A 70 7.05 -11.92 0.69
C ALA A 70 6.10 -12.38 -0.41
N GLU A 71 5.43 -11.43 -1.02
CA GLU A 71 4.49 -11.72 -2.09
C GLU A 71 5.11 -12.71 -3.08
N THR A 72 5.95 -12.17 -3.95
CA THR A 72 6.61 -12.98 -4.96
C THR A 72 8.07 -13.23 -4.56
N THR A 73 8.30 -13.24 -3.26
CA THR A 73 9.64 -13.47 -2.73
C THR A 73 9.98 -14.96 -2.79
N ARG A 74 9.19 -15.74 -2.07
CA ARG A 74 9.39 -17.18 -2.02
C ARG A 74 8.87 -17.84 -3.31
N SER A 75 8.05 -17.08 -4.02
CA SER A 75 7.47 -17.58 -5.26
C SER A 75 8.15 -16.89 -6.46
N MET A 76 9.35 -16.40 -6.21
CA MET A 76 10.11 -15.72 -7.25
C MET A 76 10.18 -16.58 -8.52
N GLY A 77 10.62 -17.82 -8.34
CA GLY A 77 10.73 -18.74 -9.45
C GLY A 77 12.18 -19.15 -9.67
N LEU A 78 12.93 -19.20 -8.58
CA LEU A 78 14.33 -19.58 -8.64
C LEU A 78 14.48 -21.06 -8.32
N ALA A 79 13.82 -21.46 -7.23
CA ALA A 79 13.87 -22.85 -6.80
C ALA A 79 12.53 -23.22 -6.16
N TYR A 80 12.10 -22.36 -5.24
CA TYR A 80 10.84 -22.59 -4.55
C TYR A 80 9.77 -23.12 -5.51
N SER A 1 8.56 1.23 2.49
CA SER A 1 9.61 0.35 2.02
C SER A 1 9.07 -1.07 1.82
N HIS A 2 8.52 -1.61 2.90
CA HIS A 2 7.96 -2.95 2.85
C HIS A 2 6.48 -2.90 3.25
N SER A 3 5.78 -3.98 2.91
CA SER A 3 4.36 -4.07 3.25
C SER A 3 3.62 -2.87 2.66
N VAL A 4 2.29 -2.97 2.65
CA VAL A 4 1.45 -1.91 2.14
C VAL A 4 -0.01 -2.25 2.40
N LYS A 5 -0.29 -2.65 3.63
CA LYS A 5 -1.64 -3.00 4.03
C LYS A 5 -2.52 -1.76 3.99
N ILE A 6 -3.79 -1.95 4.32
CA ILE A 6 -4.74 -0.85 4.33
C ILE A 6 -4.60 -0.09 5.64
N TYR A 7 -3.92 1.05 5.56
CA TYR A 7 -3.72 1.89 6.72
C TYR A 7 -4.00 3.35 6.41
N ASP A 8 -4.45 4.07 7.43
CA ASP A 8 -4.77 5.48 7.28
C ASP A 8 -3.53 6.31 7.57
N THR A 9 -2.40 5.82 7.09
CA THR A 9 -1.14 6.51 7.29
C THR A 9 -0.81 7.38 6.07
N CYS A 10 -1.16 8.65 6.18
CA CYS A 10 -0.91 9.59 5.10
C CYS A 10 -0.83 11.00 5.70
N ILE A 11 0.19 11.72 5.28
CA ILE A 11 0.39 13.09 5.77
C ILE A 11 -0.09 14.08 4.71
N GLY A 12 -0.26 13.57 3.50
CA GLY A 12 -0.71 14.39 2.39
C GLY A 12 0.33 14.45 1.27
N CYS A 13 1.04 13.34 1.12
CA CYS A 13 2.07 13.24 0.09
C CYS A 13 1.58 12.28 -0.99
N THR A 14 2.33 12.26 -2.09
CA THR A 14 1.98 11.40 -3.20
C THR A 14 3.22 10.64 -3.70
N GLN A 15 3.53 9.55 -2.99
CA GLN A 15 4.68 8.74 -3.35
C GLN A 15 4.26 7.29 -3.57
N CYS A 16 3.44 6.80 -2.66
CA CYS A 16 2.95 5.43 -2.73
C CYS A 16 1.68 5.43 -3.59
N VAL A 17 1.54 6.47 -4.39
CA VAL A 17 0.39 6.60 -5.26
C VAL A 17 0.85 6.80 -6.70
N ARG A 18 2.16 6.66 -6.89
CA ARG A 18 2.75 6.83 -8.21
C ARG A 18 3.42 5.52 -8.65
N ALA A 19 4.29 5.02 -7.79
CA ALA A 19 5.00 3.78 -8.08
C ALA A 19 4.04 2.60 -7.96
N CYS A 20 3.36 2.32 -9.06
CA CYS A 20 2.40 1.23 -9.09
C CYS A 20 1.94 1.02 -10.54
N PRO A 21 2.65 0.11 -11.25
CA PRO A 21 2.32 -0.18 -12.64
C PRO A 21 1.07 -1.03 -12.73
N LEU A 22 0.04 -0.62 -11.99
CA LEU A 22 -1.22 -1.34 -11.99
C LEU A 22 -2.36 -0.34 -11.76
N ASP A 23 -2.93 -0.40 -10.56
CA ASP A 23 -4.02 0.48 -10.21
C ASP A 23 -4.31 0.37 -8.72
N VAL A 24 -3.23 0.24 -7.95
CA VAL A 24 -3.36 0.11 -6.51
C VAL A 24 -3.03 1.46 -5.85
N LEU A 25 -3.36 1.56 -4.57
CA LEU A 25 -3.11 2.77 -3.82
C LEU A 25 -3.98 3.90 -4.38
N GLU A 26 -5.27 3.79 -4.12
CA GLU A 26 -6.23 4.79 -4.58
C GLU A 26 -6.74 5.61 -3.41
N MET A 27 -7.77 6.40 -3.69
CA MET A 27 -8.38 7.24 -2.67
C MET A 27 -9.46 6.48 -1.91
N VAL A 28 -9.37 6.55 -0.58
CA VAL A 28 -10.33 5.86 0.27
C VAL A 28 -10.92 6.87 1.26
N PRO A 29 -11.99 6.41 1.97
CA PRO A 29 -12.65 7.26 2.94
C PRO A 29 -11.83 7.39 4.22
N TRP A 30 -11.40 8.62 4.50
CA TRP A 30 -10.60 8.89 5.67
C TRP A 30 -11.14 10.16 6.34
N ASP A 31 -10.60 10.45 7.50
CA ASP A 31 -11.02 11.63 8.25
C ASP A 31 -9.80 12.32 8.85
N GLY A 32 -8.91 12.76 7.95
CA GLY A 32 -7.70 13.43 8.38
C GLY A 32 -7.18 14.36 7.28
N CYS A 33 -7.38 13.92 6.04
CA CYS A 33 -6.93 14.69 4.89
C CYS A 33 -7.89 15.85 4.69
N LYS A 34 -7.50 16.77 3.81
CA LYS A 34 -8.32 17.94 3.53
C LYS A 34 -9.63 17.49 2.87
N ALA A 35 -9.55 16.34 2.19
CA ALA A 35 -10.72 15.80 1.51
C ALA A 35 -11.17 14.53 2.24
N GLY A 36 -10.75 14.42 3.49
CA GLY A 36 -11.11 13.27 4.31
C GLY A 36 -10.99 11.98 3.50
N GLN A 37 -9.83 11.80 2.88
CA GLN A 37 -9.59 10.61 2.08
C GLN A 37 -8.10 10.25 2.11
N ILE A 38 -7.83 9.04 2.59
CA ILE A 38 -6.46 8.58 2.67
C ILE A 38 -6.12 7.77 1.42
N ALA A 39 -4.88 7.90 0.98
CA ALA A 39 -4.44 7.18 -0.21
C ALA A 39 -4.07 5.75 0.18
N SER A 40 -4.97 4.84 -0.15
CA SER A 40 -4.76 3.43 0.15
C SER A 40 -5.55 2.56 -0.82
N SER A 41 -5.43 1.25 -0.63
CA SER A 41 -6.13 0.30 -1.48
C SER A 41 -7.62 0.30 -1.14
N PRO A 42 -8.45 0.40 -2.21
CA PRO A 42 -9.90 0.41 -2.04
C PRO A 42 -10.41 -1.00 -1.73
N ARG A 43 -10.08 -1.93 -2.61
CA ARG A 43 -10.50 -3.30 -2.44
C ARG A 43 -9.35 -4.25 -2.76
N THR A 44 -8.17 -3.68 -2.93
CA THR A 44 -6.98 -4.46 -3.22
C THR A 44 -7.23 -5.36 -4.44
N GLU A 45 -8.31 -5.04 -5.16
CA GLU A 45 -8.66 -5.81 -6.34
C GLU A 45 -7.45 -5.98 -7.26
N ASP A 46 -6.60 -4.96 -7.25
CA ASP A 46 -5.40 -4.97 -8.07
C ASP A 46 -4.21 -5.39 -7.21
N CYS A 47 -3.03 -5.20 -7.78
CA CYS A 47 -1.79 -5.54 -7.08
C CYS A 47 -1.54 -7.04 -7.27
N VAL A 48 -0.70 -7.34 -8.24
CA VAL A 48 -0.37 -8.73 -8.54
C VAL A 48 1.08 -9.01 -8.10
N GLY A 49 1.47 -8.33 -7.04
CA GLY A 49 2.82 -8.49 -6.51
C GLY A 49 3.87 -8.13 -7.56
N CYS A 50 4.07 -6.83 -7.72
CA CYS A 50 5.04 -6.33 -8.69
C CYS A 50 6.27 -5.83 -7.93
N LYS A 51 6.01 -5.33 -6.73
CA LYS A 51 7.09 -4.81 -5.89
C LYS A 51 7.64 -3.54 -6.51
N ARG A 52 6.78 -2.52 -6.57
CA ARG A 52 7.17 -1.24 -7.14
C ARG A 52 7.00 -0.13 -6.10
N CYS A 53 5.86 -0.17 -5.42
CA CYS A 53 5.57 0.82 -4.40
C CYS A 53 6.84 1.06 -3.58
N GLU A 54 7.17 0.06 -2.77
CA GLU A 54 8.35 0.15 -1.92
C GLU A 54 8.50 1.57 -1.37
N THR A 55 7.37 2.23 -1.20
CA THR A 55 7.37 3.58 -0.68
C THR A 55 6.14 3.82 0.19
N ALA A 56 5.69 2.76 0.84
CA ALA A 56 4.53 2.82 1.70
C ALA A 56 4.85 3.72 2.90
N CYS A 57 4.81 5.02 2.67
CA CYS A 57 5.09 5.98 3.72
C CYS A 57 6.49 5.70 4.27
N PRO A 58 6.93 6.59 5.20
CA PRO A 58 8.24 6.44 5.81
C PRO A 58 8.24 5.30 6.83
N THR A 59 7.08 4.68 6.98
CA THR A 59 6.94 3.58 7.92
C THR A 59 6.77 4.11 9.35
N ASP A 60 6.91 5.42 9.46
CA ASP A 60 6.79 6.07 10.77
C ASP A 60 5.50 5.59 11.45
N PHE A 61 4.57 5.12 10.64
CA PHE A 61 3.31 4.63 11.15
C PHE A 61 3.16 3.12 10.90
N LEU A 62 2.97 2.78 9.63
CA LEU A 62 2.81 1.40 9.24
C LEU A 62 4.18 0.70 9.28
N SER A 63 4.33 -0.16 10.29
CA SER A 63 5.57 -0.89 10.46
C SER A 63 5.81 -1.81 9.26
N ILE A 64 5.48 -3.08 9.45
CA ILE A 64 5.64 -4.07 8.39
C ILE A 64 4.75 -5.27 8.68
N ARG A 65 3.60 -5.29 8.01
CA ARG A 65 2.66 -6.38 8.19
C ARG A 65 2.97 -7.51 7.20
N VAL A 66 4.17 -7.49 6.68
CA VAL A 66 4.61 -8.50 5.73
C VAL A 66 3.47 -8.78 4.75
N TYR A 67 3.46 -8.04 3.66
CA TYR A 67 2.44 -8.21 2.64
C TYR A 67 3.06 -8.27 1.25
N LEU A 68 3.88 -7.27 0.94
CA LEU A 68 4.53 -7.21 -0.35
C LEU A 68 5.00 -8.61 -0.74
N GLY A 69 4.27 -9.20 -1.68
CA GLY A 69 4.59 -10.54 -2.15
C GLY A 69 5.09 -11.41 -1.00
N ALA A 70 4.15 -11.88 -0.19
CA ALA A 70 4.49 -12.72 0.94
C ALA A 70 3.26 -13.55 1.34
N GLU A 71 2.12 -12.87 1.37
CA GLU A 71 0.86 -13.52 1.72
C GLU A 71 0.06 -13.86 0.46
N THR A 72 -0.11 -12.85 -0.38
CA THR A 72 -0.85 -13.02 -1.62
C THR A 72 0.06 -13.59 -2.70
N THR A 73 1.23 -14.02 -2.29
CA THR A 73 2.20 -14.59 -3.22
C THR A 73 2.13 -16.11 -3.20
N ARG A 74 1.74 -16.64 -2.05
CA ARG A 74 1.63 -18.09 -1.89
C ARG A 74 0.17 -18.49 -1.66
N SER A 75 -0.56 -17.58 -1.03
CA SER A 75 -1.97 -17.82 -0.74
C SER A 75 -2.85 -17.03 -1.72
N MET A 76 -2.18 -16.20 -2.52
CA MET A 76 -2.89 -15.39 -3.49
C MET A 76 -3.83 -14.40 -2.81
N GLY A 77 -4.85 -14.96 -2.15
CA GLY A 77 -5.83 -14.14 -1.46
C GLY A 77 -7.02 -14.99 -1.00
N LEU A 78 -7.30 -16.02 -1.78
CA LEU A 78 -8.42 -16.91 -1.48
C LEU A 78 -7.87 -18.18 -0.82
N ALA A 79 -6.80 -18.69 -1.41
CA ALA A 79 -6.19 -19.91 -0.89
C ALA A 79 -6.17 -19.86 0.65
N TYR A 80 -6.08 -18.64 1.16
CA TYR A 80 -6.06 -18.44 2.60
C TYR A 80 -7.40 -18.81 3.22
N SER A 1 8.53 1.03 4.55
CA SER A 1 9.57 0.02 4.52
C SER A 1 9.10 -1.19 3.72
N HIS A 2 7.92 -1.67 4.07
CA HIS A 2 7.36 -2.83 3.40
C HIS A 2 5.86 -2.92 3.70
N SER A 3 5.21 -3.86 3.03
CA SER A 3 3.78 -4.05 3.22
C SER A 3 3.02 -2.78 2.83
N VAL A 4 1.81 -2.98 2.33
CA VAL A 4 0.97 -1.86 1.91
C VAL A 4 -0.47 -2.12 2.37
N LYS A 5 -0.60 -2.59 3.60
CA LYS A 5 -1.91 -2.87 4.16
C LYS A 5 -2.81 -1.64 3.99
N ILE A 6 -4.02 -1.76 4.50
CA ILE A 6 -4.98 -0.68 4.42
C ILE A 6 -4.95 0.14 5.72
N TYR A 7 -3.90 0.94 5.85
CA TYR A 7 -3.75 1.77 7.03
C TYR A 7 -3.85 3.25 6.69
N ASP A 8 -4.08 4.06 7.72
CA ASP A 8 -4.20 5.49 7.53
C ASP A 8 -2.81 6.13 7.58
N THR A 9 -1.87 5.48 6.92
CA THR A 9 -0.50 5.97 6.88
C THR A 9 -0.30 6.91 5.69
N CYS A 10 -0.52 8.19 5.95
CA CYS A 10 -0.36 9.19 4.91
C CYS A 10 -0.11 10.55 5.59
N ILE A 11 0.82 11.30 5.00
CA ILE A 11 1.16 12.61 5.53
C ILE A 11 0.70 13.69 4.56
N GLY A 12 0.47 13.27 3.32
CA GLY A 12 0.02 14.18 2.28
C GLY A 12 1.00 14.20 1.11
N CYS A 13 1.63 13.05 0.88
CA CYS A 13 2.58 12.93 -0.21
C CYS A 13 1.98 12.02 -1.28
N THR A 14 2.70 11.92 -2.39
CA THR A 14 2.25 11.09 -3.50
C THR A 14 3.39 10.21 -4.00
N GLN A 15 3.74 9.22 -3.19
CA GLN A 15 4.81 8.31 -3.55
C GLN A 15 4.25 6.90 -3.74
N CYS A 16 3.49 6.46 -2.77
CA CYS A 16 2.90 5.13 -2.82
C CYS A 16 1.60 5.22 -3.63
N VAL A 17 1.46 6.33 -4.33
CA VAL A 17 0.27 6.55 -5.15
C VAL A 17 0.71 6.86 -6.58
N ARG A 18 2.00 6.68 -6.83
CA ARG A 18 2.55 6.93 -8.15
C ARG A 18 3.09 5.64 -8.76
N ALA A 19 3.88 4.94 -7.96
CA ALA A 19 4.47 3.69 -8.40
C ALA A 19 3.40 2.60 -8.40
N CYS A 20 2.46 2.73 -9.33
CA CYS A 20 1.38 1.77 -9.44
C CYS A 20 0.81 1.85 -10.86
N PRO A 21 1.25 0.89 -11.71
CA PRO A 21 0.79 0.85 -13.09
C PRO A 21 -0.64 0.32 -13.18
N LEU A 22 -0.90 -0.74 -12.43
CA LEU A 22 -2.22 -1.34 -12.41
C LEU A 22 -3.22 -0.36 -11.81
N ASP A 23 -2.69 0.70 -11.22
CA ASP A 23 -3.51 1.73 -10.61
C ASP A 23 -4.39 1.08 -9.53
N VAL A 24 -3.81 0.96 -8.35
CA VAL A 24 -4.52 0.36 -7.23
C VAL A 24 -4.65 1.40 -6.11
N LEU A 25 -3.53 1.66 -5.45
CA LEU A 25 -3.50 2.62 -4.36
C LEU A 25 -4.30 3.86 -4.76
N GLU A 26 -5.54 3.90 -4.32
CA GLU A 26 -6.41 5.02 -4.62
C GLU A 26 -6.84 5.73 -3.33
N MET A 27 -7.79 6.63 -3.48
CA MET A 27 -8.30 7.39 -2.35
C MET A 27 -9.37 6.58 -1.59
N VAL A 28 -9.19 6.51 -0.28
CA VAL A 28 -10.12 5.80 0.57
C VAL A 28 -10.73 6.75 1.59
N PRO A 29 -11.75 6.23 2.33
CA PRO A 29 -12.43 7.03 3.33
C PRO A 29 -11.56 7.21 4.58
N TRP A 30 -11.10 8.43 4.78
CA TRP A 30 -10.27 8.74 5.93
C TRP A 30 -10.80 10.00 6.58
N ASP A 31 -10.21 10.35 7.72
CA ASP A 31 -10.62 11.54 8.45
C ASP A 31 -9.39 12.25 9.00
N GLY A 32 -8.52 12.66 8.08
CA GLY A 32 -7.30 13.34 8.46
C GLY A 32 -6.81 14.25 7.33
N CYS A 33 -7.04 13.79 6.11
CA CYS A 33 -6.62 14.54 4.94
C CYS A 33 -7.56 15.74 4.78
N LYS A 34 -7.16 16.65 3.91
CA LYS A 34 -7.95 17.84 3.66
C LYS A 34 -9.31 17.43 3.07
N ALA A 35 -9.32 16.28 2.42
CA ALA A 35 -10.53 15.77 1.82
C ALA A 35 -10.95 14.49 2.54
N GLY A 36 -10.52 14.38 3.79
CA GLY A 36 -10.84 13.21 4.59
C GLY A 36 -10.74 11.93 3.76
N GLN A 37 -9.61 11.78 3.10
CA GLN A 37 -9.39 10.60 2.28
C GLN A 37 -7.89 10.25 2.25
N ILE A 38 -7.59 9.05 2.70
CA ILE A 38 -6.21 8.59 2.74
C ILE A 38 -5.95 7.72 1.50
N ALA A 39 -4.80 7.96 0.89
CA ALA A 39 -4.41 7.22 -0.29
C ALA A 39 -3.99 5.80 0.12
N SER A 40 -4.86 4.84 -0.19
CA SER A 40 -4.59 3.46 0.15
C SER A 40 -5.27 2.54 -0.87
N SER A 41 -5.09 1.24 -0.66
CA SER A 41 -5.68 0.25 -1.55
C SER A 41 -7.12 -0.04 -1.12
N PRO A 42 -8.03 0.02 -2.12
CA PRO A 42 -9.44 -0.23 -1.87
C PRO A 42 -9.69 -1.73 -1.67
N ARG A 43 -9.31 -2.49 -2.69
CA ARG A 43 -9.50 -3.94 -2.63
C ARG A 43 -8.20 -4.65 -3.02
N THR A 44 -7.47 -4.02 -3.94
CA THR A 44 -6.21 -4.59 -4.41
C THR A 44 -6.46 -5.92 -5.11
N GLU A 45 -7.73 -6.20 -5.37
CA GLU A 45 -8.11 -7.44 -6.04
C GLU A 45 -7.26 -7.64 -7.29
N ASP A 46 -6.72 -6.55 -7.79
CA ASP A 46 -5.89 -6.59 -8.99
C ASP A 46 -4.51 -6.04 -8.66
N CYS A 47 -3.60 -6.95 -8.33
CA CYS A 47 -2.23 -6.57 -8.00
C CYS A 47 -1.53 -7.79 -7.39
N VAL A 48 -0.24 -7.87 -7.67
CA VAL A 48 0.55 -8.98 -7.15
C VAL A 48 2.04 -8.69 -7.41
N GLY A 49 2.60 -7.84 -6.58
CA GLY A 49 4.01 -7.47 -6.70
C GLY A 49 4.32 -7.01 -8.13
N CYS A 50 4.42 -5.70 -8.27
CA CYS A 50 4.72 -5.11 -9.57
C CYS A 50 5.25 -3.69 -9.34
N LYS A 51 6.00 -3.22 -10.32
CA LYS A 51 6.57 -1.88 -10.25
C LYS A 51 7.56 -1.83 -9.09
N ARG A 52 7.01 -1.71 -7.89
CA ARG A 52 7.83 -1.64 -6.69
C ARG A 52 6.96 -1.35 -5.47
N CYS A 53 6.57 -0.09 -5.34
CA CYS A 53 5.75 0.33 -4.23
C CYS A 53 6.28 -0.34 -2.96
N GLU A 54 7.58 -0.21 -2.77
CA GLU A 54 8.22 -0.79 -1.59
C GLU A 54 8.59 0.30 -0.58
N THR A 55 7.70 1.28 -0.47
CA THR A 55 7.91 2.39 0.45
C THR A 55 6.83 2.39 1.53
N ALA A 56 5.59 2.36 1.07
CA ALA A 56 4.45 2.38 1.99
C ALA A 56 4.76 3.29 3.17
N CYS A 57 4.95 4.57 2.85
CA CYS A 57 5.25 5.55 3.87
C CYS A 57 6.54 5.14 4.57
N PRO A 58 7.23 6.17 5.15
CA PRO A 58 8.48 5.92 5.86
C PRO A 58 8.23 5.26 7.22
N THR A 59 8.13 6.10 8.23
CA THR A 59 7.89 5.61 9.58
C THR A 59 6.76 6.40 10.24
N ASP A 60 6.26 7.39 9.51
CA ASP A 60 5.19 8.22 10.02
C ASP A 60 4.10 7.32 10.62
N PHE A 61 4.02 6.11 10.11
CA PHE A 61 3.04 5.16 10.58
C PHE A 61 3.54 3.72 10.44
N LEU A 62 3.26 3.15 9.27
CA LEU A 62 3.68 1.79 8.99
C LEU A 62 3.35 0.90 10.19
N SER A 63 2.19 0.26 10.12
CA SER A 63 1.74 -0.61 11.18
C SER A 63 2.74 -1.76 11.36
N ILE A 64 2.22 -2.91 11.75
CA ILE A 64 3.04 -4.09 11.96
C ILE A 64 2.52 -5.23 11.10
N ARG A 65 2.82 -5.16 9.81
CA ARG A 65 2.38 -6.18 8.88
C ARG A 65 3.48 -6.46 7.85
N VAL A 66 3.38 -7.62 7.22
CA VAL A 66 4.35 -8.01 6.21
C VAL A 66 3.61 -8.63 5.02
N TYR A 67 3.80 -8.03 3.86
CA TYR A 67 3.17 -8.51 2.65
C TYR A 67 4.16 -8.53 1.48
N LEU A 68 4.68 -7.34 1.17
CA LEU A 68 5.63 -7.21 0.08
C LEU A 68 6.62 -8.37 0.13
N GLY A 69 6.49 -9.25 -0.86
CA GLY A 69 7.36 -10.41 -0.94
C GLY A 69 7.08 -11.39 0.21
N ALA A 70 5.98 -12.10 0.09
CA ALA A 70 5.60 -13.07 1.11
C ALA A 70 4.37 -13.85 0.63
N GLU A 71 3.47 -13.13 -0.02
CA GLU A 71 2.25 -13.73 -0.53
C GLU A 71 2.59 -14.84 -1.53
N THR A 72 1.70 -15.01 -2.50
CA THR A 72 1.89 -16.03 -3.52
C THR A 72 2.49 -17.29 -2.90
N THR A 73 2.12 -17.53 -1.65
CA THR A 73 2.61 -18.70 -0.93
C THR A 73 1.53 -19.78 -0.89
N ARG A 74 0.35 -19.39 -0.43
CA ARG A 74 -0.77 -20.31 -0.34
C ARG A 74 -1.90 -19.87 -1.26
N SER A 75 -2.02 -18.56 -1.41
CA SER A 75 -3.07 -18.00 -2.26
C SER A 75 -2.52 -17.76 -3.66
N MET A 76 -1.45 -18.48 -3.98
CA MET A 76 -0.82 -18.35 -5.28
C MET A 76 -1.88 -18.21 -6.39
N GLY A 77 -2.87 -19.08 -6.33
CA GLY A 77 -3.94 -19.07 -7.31
C GLY A 77 -4.48 -20.48 -7.56
N LEU A 78 -4.64 -21.21 -6.47
CA LEU A 78 -5.14 -22.58 -6.55
C LEU A 78 -6.55 -22.62 -5.95
N ALA A 79 -6.61 -22.38 -4.65
CA ALA A 79 -7.88 -22.39 -3.95
C ALA A 79 -8.53 -21.01 -4.04
N TYR A 80 -7.68 -19.99 -3.95
CA TYR A 80 -8.16 -18.62 -4.02
C TYR A 80 -9.32 -18.49 -5.02
N SER A 1 10.76 -2.57 1.02
CA SER A 1 10.29 -1.20 0.85
C SER A 1 9.31 -0.84 1.97
N HIS A 2 9.43 -1.59 3.06
CA HIS A 2 8.56 -1.36 4.21
C HIS A 2 7.13 -1.78 3.87
N SER A 3 6.50 -2.44 4.83
CA SER A 3 5.13 -2.90 4.63
C SER A 3 4.35 -1.87 3.82
N VAL A 4 3.34 -2.36 3.13
CA VAL A 4 2.50 -1.50 2.31
C VAL A 4 1.03 -1.87 2.53
N LYS A 5 0.80 -2.70 3.53
CA LYS A 5 -0.55 -3.13 3.85
C LYS A 5 -1.45 -1.91 4.04
N ILE A 6 -2.60 -1.95 3.38
CA ILE A 6 -3.54 -0.85 3.46
C ILE A 6 -3.62 -0.36 4.90
N TYR A 7 -3.75 0.95 5.05
CA TYR A 7 -3.83 1.56 6.36
C TYR A 7 -3.92 3.09 6.25
N ASP A 8 -4.11 3.72 7.41
CA ASP A 8 -4.21 5.17 7.46
C ASP A 8 -2.82 5.77 7.56
N THR A 9 -1.89 5.18 6.82
CA THR A 9 -0.52 5.66 6.82
C THR A 9 -0.27 6.58 5.62
N CYS A 10 -0.51 7.87 5.85
CA CYS A 10 -0.32 8.86 4.81
C CYS A 10 0.08 10.18 5.48
N ILE A 11 0.86 10.97 4.74
CA ILE A 11 1.31 12.25 5.25
C ILE A 11 0.81 13.37 4.34
N GLY A 12 0.86 13.09 3.04
CA GLY A 12 0.41 14.06 2.06
C GLY A 12 1.38 14.15 0.88
N CYS A 13 1.83 12.97 0.43
CA CYS A 13 2.76 12.89 -0.68
C CYS A 13 2.06 12.20 -1.84
N THR A 14 2.80 12.02 -2.93
CA THR A 14 2.27 11.37 -4.10
C THR A 14 2.79 9.94 -4.21
N GLN A 15 4.04 9.77 -3.81
CA GLN A 15 4.66 8.45 -3.85
C GLN A 15 3.65 7.37 -3.45
N CYS A 16 3.80 6.21 -4.09
CA CYS A 16 2.90 5.10 -3.81
C CYS A 16 1.69 5.22 -4.71
N VAL A 17 1.14 6.43 -4.75
CA VAL A 17 -0.04 6.70 -5.57
C VAL A 17 0.42 7.16 -6.96
N ARG A 18 1.68 6.93 -7.24
CA ARG A 18 2.25 7.32 -8.52
C ARG A 18 2.94 6.12 -9.19
N ALA A 19 3.95 5.62 -8.51
CA ALA A 19 4.70 4.48 -9.02
C ALA A 19 3.72 3.41 -9.50
N CYS A 20 2.82 3.03 -8.61
CA CYS A 20 1.82 2.02 -8.94
C CYS A 20 1.29 2.31 -10.35
N PRO A 21 1.75 1.48 -11.32
CA PRO A 21 1.33 1.63 -12.70
C PRO A 21 -0.10 1.13 -12.89
N LEU A 22 -0.37 -0.04 -12.33
CA LEU A 22 -1.68 -0.65 -12.42
C LEU A 22 -2.71 0.27 -11.77
N ASP A 23 -2.20 1.24 -11.02
CA ASP A 23 -3.07 2.18 -10.33
C ASP A 23 -3.96 1.43 -9.34
N VAL A 24 -3.31 0.81 -8.35
CA VAL A 24 -4.01 0.06 -7.34
C VAL A 24 -4.25 0.95 -6.12
N LEU A 25 -3.19 1.62 -5.70
CA LEU A 25 -3.26 2.51 -4.55
C LEU A 25 -4.23 3.65 -4.86
N GLU A 26 -5.48 3.46 -4.46
CA GLU A 26 -6.50 4.47 -4.68
C GLU A 26 -6.79 5.23 -3.39
N MET A 27 -7.86 6.00 -3.42
CA MET A 27 -8.26 6.79 -2.27
C MET A 27 -9.38 6.10 -1.49
N VAL A 28 -9.22 6.09 -0.17
CA VAL A 28 -10.20 5.47 0.69
C VAL A 28 -10.70 6.50 1.72
N PRO A 29 -11.79 6.11 2.44
CA PRO A 29 -12.37 6.99 3.44
C PRO A 29 -11.50 7.02 4.70
N TRP A 30 -10.98 8.20 4.99
CA TRP A 30 -10.13 8.38 6.16
C TRP A 30 -10.71 9.54 6.98
N ASP A 31 -9.91 10.59 7.10
CA ASP A 31 -10.32 11.76 7.86
C ASP A 31 -9.13 12.66 8.10
N GLY A 32 -8.07 12.06 8.64
CA GLY A 32 -6.85 12.80 8.91
C GLY A 32 -6.30 13.47 7.64
N CYS A 33 -6.85 13.04 6.52
CA CYS A 33 -6.42 13.57 5.23
C CYS A 33 -7.15 14.90 5.00
N LYS A 34 -6.53 15.74 4.18
CA LYS A 34 -7.10 17.05 3.88
C LYS A 34 -8.50 16.85 3.28
N ALA A 35 -8.69 15.70 2.65
CA ALA A 35 -9.97 15.38 2.04
C ALA A 35 -10.58 14.18 2.75
N GLY A 36 -10.14 13.98 3.98
CA GLY A 36 -10.65 12.86 4.78
C GLY A 36 -10.61 11.56 3.99
N GLN A 37 -9.52 11.39 3.24
CA GLN A 37 -9.35 10.20 2.43
C GLN A 37 -7.88 9.81 2.37
N ILE A 38 -7.60 8.59 2.80
CA ILE A 38 -6.23 8.09 2.81
C ILE A 38 -6.02 7.19 1.57
N ALA A 39 -4.84 7.30 1.01
CA ALA A 39 -4.50 6.52 -0.17
C ALA A 39 -4.27 5.07 0.25
N SER A 40 -5.16 4.20 -0.23
CA SER A 40 -5.07 2.79 0.08
C SER A 40 -5.85 1.97 -0.96
N SER A 41 -5.64 0.66 -0.90
CA SER A 41 -6.32 -0.23 -1.83
C SER A 41 -7.78 -0.39 -1.43
N PRO A 42 -8.68 -0.13 -2.41
CA PRO A 42 -10.11 -0.24 -2.18
C PRO A 42 -10.55 -1.70 -2.12
N ARG A 43 -10.21 -2.43 -3.18
CA ARG A 43 -10.55 -3.84 -3.27
C ARG A 43 -9.40 -4.63 -3.89
N THR A 44 -8.27 -3.96 -4.01
CA THR A 44 -7.09 -4.59 -4.59
C THR A 44 -7.48 -5.40 -5.84
N GLU A 45 -8.60 -5.03 -6.42
CA GLU A 45 -9.09 -5.70 -7.61
C GLU A 45 -7.94 -5.93 -8.59
N ASP A 46 -7.02 -4.99 -8.61
CA ASP A 46 -5.87 -5.07 -9.51
C ASP A 46 -4.65 -5.55 -8.71
N CYS A 47 -3.48 -5.34 -9.30
CA CYS A 47 -2.24 -5.75 -8.67
C CYS A 47 -2.14 -7.27 -8.73
N VAL A 48 -0.94 -7.74 -9.05
CA VAL A 48 -0.70 -9.17 -9.15
C VAL A 48 0.80 -9.44 -8.96
N GLY A 49 1.34 -8.87 -7.90
CA GLY A 49 2.75 -9.04 -7.59
C GLY A 49 3.62 -8.23 -8.56
N CYS A 50 3.55 -6.91 -8.39
CA CYS A 50 4.33 -6.01 -9.22
C CYS A 50 5.17 -5.12 -8.32
N LYS A 51 6.48 -5.27 -8.43
CA LYS A 51 7.40 -4.48 -7.63
C LYS A 51 7.50 -3.07 -8.22
N ARG A 52 6.54 -2.24 -7.83
CA ARG A 52 6.50 -0.87 -8.30
C ARG A 52 6.37 0.10 -7.11
N CYS A 53 5.32 -0.10 -6.34
CA CYS A 53 5.07 0.73 -5.18
C CYS A 53 6.40 0.97 -4.46
N GLU A 54 6.91 -0.09 -3.86
CA GLU A 54 8.17 -0.02 -3.15
C GLU A 54 8.38 1.39 -2.58
N THR A 55 7.50 1.76 -1.66
CA THR A 55 7.58 3.08 -1.04
C THR A 55 6.61 3.16 0.15
N ALA A 56 5.37 2.79 -0.11
CA ALA A 56 4.35 2.82 0.92
C ALA A 56 4.52 4.09 1.76
N CYS A 57 5.20 3.92 2.89
CA CYS A 57 5.43 5.04 3.79
C CYS A 57 6.39 4.57 4.90
N PRO A 58 6.79 5.54 5.75
CA PRO A 58 7.69 5.25 6.86
C PRO A 58 6.96 4.51 7.98
N THR A 59 7.59 4.48 9.14
CA THR A 59 7.02 3.82 10.30
C THR A 59 6.15 4.80 11.09
N ASP A 60 6.27 6.07 10.74
CA ASP A 60 5.50 7.11 11.41
C ASP A 60 4.08 6.60 11.68
N PHE A 61 3.63 5.72 10.80
CA PHE A 61 2.29 5.16 10.92
C PHE A 61 2.36 3.63 11.03
N LEU A 62 2.83 3.01 9.96
CA LEU A 62 2.94 1.56 9.92
C LEU A 62 3.49 1.06 11.27
N SER A 63 2.72 0.20 11.90
CA SER A 63 3.11 -0.36 13.18
C SER A 63 2.75 -1.84 13.24
N ILE A 64 1.45 -2.11 13.07
CA ILE A 64 0.96 -3.47 13.11
C ILE A 64 1.86 -4.36 12.24
N ARG A 65 1.69 -4.21 10.93
CA ARG A 65 2.48 -4.98 9.98
C ARG A 65 3.72 -4.20 9.56
N VAL A 66 4.85 -4.90 9.58
CA VAL A 66 6.11 -4.28 9.20
C VAL A 66 6.76 -5.09 8.07
N TYR A 67 5.91 -5.58 7.19
CA TYR A 67 6.37 -6.38 6.06
C TYR A 67 5.54 -6.08 4.80
N LEU A 68 6.15 -6.33 3.66
CA LEU A 68 5.49 -6.11 2.39
C LEU A 68 4.20 -6.93 2.34
N GLY A 69 3.55 -6.89 1.17
CA GLY A 69 2.32 -7.62 0.99
C GLY A 69 2.44 -9.06 1.50
N ALA A 70 3.69 -9.51 1.58
CA ALA A 70 3.96 -10.86 2.05
C ALA A 70 3.40 -11.88 1.05
N GLU A 71 2.08 -11.94 0.99
CA GLU A 71 1.42 -12.86 0.08
C GLU A 71 1.75 -14.31 0.46
N THR A 72 2.87 -14.77 -0.06
CA THR A 72 3.31 -16.14 0.21
C THR A 72 2.11 -17.09 0.24
N THR A 73 1.11 -16.74 -0.56
CA THR A 73 -0.10 -17.55 -0.63
C THR A 73 -0.28 -18.10 -2.06
N ARG A 74 0.14 -17.29 -3.01
CA ARG A 74 0.03 -17.67 -4.42
C ARG A 74 1.27 -18.45 -4.85
N SER A 75 2.37 -18.19 -4.16
CA SER A 75 3.63 -18.85 -4.46
C SER A 75 4.13 -19.60 -3.22
N MET A 76 3.35 -19.52 -2.16
CA MET A 76 3.71 -20.18 -0.92
C MET A 76 4.93 -19.51 -0.28
N GLY A 77 6.02 -19.51 -1.02
CA GLY A 77 7.25 -18.90 -0.53
C GLY A 77 8.46 -19.37 -1.37
N LEU A 78 8.32 -20.57 -1.92
CA LEU A 78 9.38 -21.14 -2.73
C LEU A 78 8.97 -21.11 -4.20
N ALA A 79 7.75 -21.55 -4.45
CA ALA A 79 7.21 -21.58 -5.80
C ALA A 79 7.67 -20.32 -6.55
N TYR A 80 7.81 -19.24 -5.79
CA TYR A 80 8.22 -17.97 -6.35
C TYR A 80 9.65 -18.07 -6.92
N SER A 1 8.67 -0.55 7.82
CA SER A 1 9.59 -1.21 6.91
C SER A 1 8.79 -2.04 5.89
N HIS A 2 8.66 -1.47 4.70
CA HIS A 2 7.93 -2.15 3.63
C HIS A 2 6.48 -2.38 4.06
N SER A 3 5.73 -3.02 3.18
CA SER A 3 4.33 -3.30 3.45
C SER A 3 3.48 -2.07 3.15
N VAL A 4 2.18 -2.30 3.04
CA VAL A 4 1.24 -1.22 2.77
C VAL A 4 -0.06 -1.47 3.52
N LYS A 5 -0.54 -2.70 3.42
CA LYS A 5 -1.78 -3.08 4.08
C LYS A 5 -2.78 -1.93 3.98
N ILE A 6 -3.76 -1.97 4.87
CA ILE A 6 -4.80 -0.94 4.89
C ILE A 6 -4.65 -0.11 6.16
N TYR A 7 -4.07 1.08 5.99
CA TYR A 7 -3.87 1.97 7.12
C TYR A 7 -4.09 3.43 6.70
N ASP A 8 -4.55 4.22 7.66
CA ASP A 8 -4.81 5.63 7.41
C ASP A 8 -3.54 6.43 7.67
N THR A 9 -2.43 5.92 7.15
CA THR A 9 -1.14 6.57 7.32
C THR A 9 -0.82 7.44 6.11
N CYS A 10 -1.27 8.69 6.17
CA CYS A 10 -1.05 9.64 5.09
C CYS A 10 -1.06 11.05 5.68
N ILE A 11 -0.18 11.88 5.14
CA ILE A 11 -0.08 13.26 5.59
C ILE A 11 -0.45 14.20 4.45
N GLY A 12 -0.05 13.81 3.24
CA GLY A 12 -0.33 14.61 2.06
C GLY A 12 0.95 14.87 1.26
N CYS A 13 1.72 13.81 1.07
CA CYS A 13 2.96 13.92 0.32
C CYS A 13 2.74 13.33 -1.07
N THR A 14 3.82 13.25 -1.83
CA THR A 14 3.75 12.72 -3.18
C THR A 14 4.63 11.46 -3.29
N GLN A 15 4.19 10.41 -2.62
CA GLN A 15 4.93 9.15 -2.64
C GLN A 15 3.98 7.98 -2.30
N CYS A 16 4.14 6.91 -3.07
CA CYS A 16 3.31 5.74 -2.88
C CYS A 16 2.06 5.87 -3.75
N VAL A 17 1.54 7.09 -3.79
CA VAL A 17 0.35 7.37 -4.59
C VAL A 17 0.76 7.69 -6.02
N ARG A 18 2.02 7.39 -6.33
CA ARG A 18 2.55 7.64 -7.65
C ARG A 18 3.13 6.35 -8.25
N ALA A 19 3.84 5.62 -7.40
CA ALA A 19 4.45 4.38 -7.82
C ALA A 19 3.45 3.22 -7.64
N CYS A 20 2.65 3.02 -8.67
CA CYS A 20 1.64 1.96 -8.62
C CYS A 20 0.90 1.95 -9.97
N PRO A 21 1.50 1.20 -10.94
CA PRO A 21 0.90 1.11 -12.27
C PRO A 21 -0.31 0.19 -12.25
N LEU A 22 -0.20 -0.88 -11.48
CA LEU A 22 -1.28 -1.85 -11.37
C LEU A 22 -2.52 -1.15 -10.79
N ASP A 23 -2.55 -1.06 -9.47
CA ASP A 23 -3.67 -0.42 -8.79
C ASP A 23 -3.75 -0.95 -7.36
N VAL A 24 -3.22 -0.15 -6.44
CA VAL A 24 -3.23 -0.51 -5.03
C VAL A 24 -3.49 0.73 -4.18
N LEU A 25 -2.44 1.52 -4.00
CA LEU A 25 -2.54 2.73 -3.21
C LEU A 25 -3.48 3.71 -3.93
N GLU A 26 -4.77 3.42 -3.84
CA GLU A 26 -5.77 4.27 -4.46
C GLU A 26 -6.45 5.15 -3.42
N MET A 27 -7.46 5.89 -3.87
CA MET A 27 -8.19 6.78 -3.00
C MET A 27 -9.23 6.01 -2.18
N VAL A 28 -9.15 6.17 -0.87
CA VAL A 28 -10.07 5.50 0.03
C VAL A 28 -10.75 6.54 0.94
N PRO A 29 -11.84 6.10 1.61
CA PRO A 29 -12.58 6.96 2.51
C PRO A 29 -11.81 7.18 3.81
N TRP A 30 -11.40 8.43 4.03
CA TRP A 30 -10.68 8.78 5.23
C TRP A 30 -11.26 10.09 5.78
N ASP A 31 -10.78 10.46 6.96
CA ASP A 31 -11.24 11.68 7.59
C ASP A 31 -10.04 12.43 8.18
N GLY A 32 -9.12 12.80 7.29
CA GLY A 32 -7.94 13.52 7.71
C GLY A 32 -7.36 14.33 6.55
N CYS A 33 -7.51 13.78 5.35
CA CYS A 33 -7.01 14.45 4.16
C CYS A 33 -7.93 15.64 3.85
N LYS A 34 -7.42 16.53 3.01
CA LYS A 34 -8.18 17.71 2.63
C LYS A 34 -9.47 17.28 1.93
N ALA A 35 -9.45 16.06 1.40
CA ALA A 35 -10.60 15.52 0.71
C ALA A 35 -11.13 14.31 1.48
N GLY A 36 -10.75 14.24 2.74
CA GLY A 36 -11.17 13.14 3.59
C GLY A 36 -11.02 11.79 2.86
N GLN A 37 -9.81 11.57 2.36
CA GLN A 37 -9.51 10.33 1.64
C GLN A 37 -8.02 10.00 1.76
N ILE A 38 -7.77 8.82 2.31
CA ILE A 38 -6.40 8.37 2.48
C ILE A 38 -6.02 7.43 1.33
N ALA A 39 -4.82 7.64 0.81
CA ALA A 39 -4.34 6.82 -0.30
C ALA A 39 -3.96 5.44 0.23
N SER A 40 -4.80 4.46 -0.09
CA SER A 40 -4.56 3.09 0.34
C SER A 40 -5.32 2.13 -0.57
N SER A 41 -5.20 0.85 -0.24
CA SER A 41 -5.86 -0.19 -1.02
C SER A 41 -7.36 -0.23 -0.68
N PRO A 42 -8.19 0.02 -1.72
CA PRO A 42 -9.63 0.02 -1.55
C PRO A 42 -10.16 -1.41 -1.41
N ARG A 43 -9.81 -2.24 -2.40
CA ARG A 43 -10.26 -3.62 -2.40
C ARG A 43 -9.20 -4.51 -3.06
N THR A 44 -8.02 -3.93 -3.23
CA THR A 44 -6.91 -4.66 -3.86
C THR A 44 -7.43 -5.51 -5.02
N GLU A 45 -8.53 -5.07 -5.59
CA GLU A 45 -9.13 -5.78 -6.71
C GLU A 45 -8.09 -6.01 -7.81
N ASP A 46 -7.20 -5.03 -7.96
CA ASP A 46 -6.16 -5.11 -8.97
C ASP A 46 -4.87 -5.60 -8.31
N CYS A 47 -3.76 -5.31 -8.99
CA CYS A 47 -2.46 -5.70 -8.48
C CYS A 47 -2.31 -7.21 -8.67
N VAL A 48 -1.15 -7.60 -9.22
CA VAL A 48 -0.88 -9.00 -9.46
C VAL A 48 0.56 -9.31 -9.04
N GLY A 49 1.01 -8.58 -8.03
CA GLY A 49 2.36 -8.78 -7.51
C GLY A 49 3.38 -8.02 -8.37
N CYS A 50 3.32 -6.70 -8.29
CA CYS A 50 4.23 -5.86 -9.04
C CYS A 50 5.13 -5.10 -8.06
N LYS A 51 6.35 -4.86 -8.50
CA LYS A 51 7.31 -4.15 -7.67
C LYS A 51 7.39 -2.69 -8.12
N ARG A 52 6.65 -1.85 -7.43
CA ARG A 52 6.64 -0.43 -7.75
C ARG A 52 6.48 0.39 -6.47
N CYS A 53 5.36 0.18 -5.79
CA CYS A 53 5.08 0.90 -4.56
C CYS A 53 6.37 0.96 -3.74
N GLU A 54 6.57 -0.06 -2.93
CA GLU A 54 7.76 -0.13 -2.09
C GLU A 54 8.11 1.26 -1.56
N THR A 55 7.08 2.02 -1.24
CA THR A 55 7.26 3.36 -0.72
C THR A 55 5.97 3.88 -0.09
N ALA A 56 5.36 3.02 0.71
CA ALA A 56 4.11 3.38 1.38
C ALA A 56 4.42 4.11 2.68
N CYS A 57 5.04 5.28 2.53
CA CYS A 57 5.40 6.08 3.70
C CYS A 57 6.63 5.46 4.34
N PRO A 58 7.17 6.19 5.36
CA PRO A 58 8.34 5.71 6.08
C PRO A 58 7.98 4.57 7.03
N THR A 59 8.88 4.35 7.98
CA THR A 59 8.67 3.29 8.97
C THR A 59 7.81 3.81 10.12
N ASP A 60 7.57 5.10 10.10
CA ASP A 60 6.77 5.73 11.14
C ASP A 60 5.48 4.92 11.35
N PHE A 61 5.08 4.23 10.29
CA PHE A 61 3.88 3.42 10.34
C PHE A 61 4.16 1.99 9.87
N LEU A 62 4.85 1.90 8.74
CA LEU A 62 5.20 0.60 8.18
C LEU A 62 5.95 -0.22 9.23
N SER A 63 5.32 -1.29 9.67
CA SER A 63 5.91 -2.17 10.66
C SER A 63 4.88 -3.17 11.18
N ILE A 64 3.65 -2.67 11.32
CA ILE A 64 2.56 -3.51 11.79
C ILE A 64 2.57 -4.83 11.03
N ARG A 65 1.95 -4.80 9.86
CA ARG A 65 1.88 -5.99 9.02
C ARG A 65 2.86 -5.87 7.84
N VAL A 66 3.84 -6.75 7.84
CA VAL A 66 4.83 -6.75 6.78
C VAL A 66 4.36 -7.66 5.65
N TYR A 67 4.44 -7.13 4.43
CA TYR A 67 4.03 -7.88 3.25
C TYR A 67 5.14 -7.91 2.20
N LEU A 68 5.36 -6.76 1.58
CA LEU A 68 6.38 -6.65 0.56
C LEU A 68 7.62 -7.43 1.00
N GLY A 69 8.22 -6.97 2.09
CA GLY A 69 9.41 -7.61 2.61
C GLY A 69 9.03 -8.72 3.60
N ALA A 70 8.43 -9.77 3.05
CA ALA A 70 8.02 -10.91 3.86
C ALA A 70 7.68 -12.09 2.96
N GLU A 71 6.79 -11.84 2.01
CA GLU A 71 6.38 -12.87 1.07
C GLU A 71 7.52 -13.19 0.12
N THR A 72 8.37 -12.19 -0.12
CA THR A 72 9.50 -12.37 -1.02
C THR A 72 10.64 -13.09 -0.30
N THR A 73 10.28 -14.19 0.34
CA THR A 73 11.27 -14.98 1.07
C THR A 73 11.15 -16.45 0.67
N ARG A 74 9.92 -16.94 0.66
CA ARG A 74 9.68 -18.34 0.30
C ARG A 74 8.84 -18.40 -0.99
N SER A 75 8.27 -17.27 -1.35
CA SER A 75 7.46 -17.20 -2.55
C SER A 75 8.21 -16.42 -3.64
N MET A 76 9.47 -16.14 -3.35
CA MET A 76 10.30 -15.41 -4.30
C MET A 76 11.24 -16.35 -5.04
N GLY A 77 11.70 -17.37 -4.33
CA GLY A 77 12.61 -18.34 -4.90
C GLY A 77 11.83 -19.48 -5.56
N LEU A 78 10.64 -19.16 -6.03
CA LEU A 78 9.79 -20.15 -6.67
C LEU A 78 9.74 -19.87 -8.17
N ALA A 79 9.15 -18.72 -8.51
CA ALA A 79 9.04 -18.33 -9.91
C ALA A 79 9.95 -17.13 -10.16
N TYR A 80 9.74 -16.07 -9.39
CA TYR A 80 10.54 -14.87 -9.53
C TYR A 80 11.51 -14.72 -8.37
N SER A 1 8.68 -0.18 1.00
CA SER A 1 9.64 -0.57 2.01
C SER A 1 9.04 -1.65 2.92
N HIS A 2 7.80 -1.42 3.31
CA HIS A 2 7.10 -2.36 4.18
C HIS A 2 5.68 -2.58 3.64
N SER A 3 5.04 -3.61 4.18
CA SER A 3 3.69 -3.94 3.78
C SER A 3 2.90 -2.66 3.48
N VAL A 4 2.07 -2.74 2.45
CA VAL A 4 1.26 -1.60 2.05
C VAL A 4 -0.21 -1.93 2.27
N LYS A 5 -0.50 -2.52 3.43
CA LYS A 5 -1.85 -2.89 3.77
C LYS A 5 -2.76 -1.67 3.63
N ILE A 6 -4.02 -1.85 4.01
CA ILE A 6 -4.99 -0.78 3.92
C ILE A 6 -5.05 -0.03 5.26
N TYR A 7 -4.03 0.79 5.47
CA TYR A 7 -3.96 1.57 6.70
C TYR A 7 -4.09 3.07 6.42
N ASP A 8 -4.25 3.83 7.49
CA ASP A 8 -4.39 5.27 7.37
C ASP A 8 -3.02 5.92 7.47
N THR A 9 -2.03 5.24 6.91
CA THR A 9 -0.66 5.74 6.93
C THR A 9 -0.43 6.68 5.74
N CYS A 10 -0.64 7.97 6.00
CA CYS A 10 -0.45 8.97 4.97
C CYS A 10 -0.24 10.32 5.65
N ILE A 11 0.53 11.18 4.99
CA ILE A 11 0.81 12.50 5.52
C ILE A 11 0.23 13.56 4.58
N GLY A 12 0.25 13.23 3.29
CA GLY A 12 -0.27 14.15 2.28
C GLY A 12 0.69 14.27 1.11
N CYS A 13 1.29 13.15 0.74
CA CYS A 13 2.23 13.11 -0.36
C CYS A 13 1.67 12.20 -1.45
N THR A 14 2.39 12.14 -2.56
CA THR A 14 1.99 11.31 -3.67
C THR A 14 3.17 10.49 -4.19
N GLN A 15 3.70 9.66 -3.31
CA GLN A 15 4.83 8.82 -3.66
C GLN A 15 4.35 7.40 -3.99
N CYS A 16 3.51 6.87 -3.12
CA CYS A 16 2.98 5.53 -3.31
C CYS A 16 1.72 5.63 -4.18
N VAL A 17 1.62 6.76 -4.87
CA VAL A 17 0.47 6.99 -5.74
C VAL A 17 0.97 7.27 -7.16
N ARG A 18 2.27 7.08 -7.34
CA ARG A 18 2.87 7.31 -8.65
C ARG A 18 3.29 5.97 -9.28
N ALA A 19 4.04 5.19 -8.51
CA ALA A 19 4.50 3.90 -8.98
C ALA A 19 3.40 2.87 -8.77
N CYS A 20 2.43 2.89 -9.67
CA CYS A 20 1.32 1.96 -9.60
C CYS A 20 0.65 1.90 -10.98
N PRO A 21 1.06 0.88 -11.77
CA PRO A 21 0.51 0.71 -13.10
C PRO A 21 -0.91 0.13 -13.05
N LEU A 22 -1.03 -0.98 -12.33
CA LEU A 22 -2.32 -1.63 -12.19
C LEU A 22 -3.35 -0.62 -11.70
N ASP A 23 -2.88 0.30 -10.86
CA ASP A 23 -3.75 1.32 -10.31
C ASP A 23 -4.51 0.75 -9.12
N VAL A 24 -3.76 0.22 -8.17
CA VAL A 24 -4.36 -0.36 -6.98
C VAL A 24 -4.34 0.67 -5.84
N LEU A 25 -3.28 1.46 -5.83
CA LEU A 25 -3.14 2.50 -4.81
C LEU A 25 -4.01 3.69 -5.17
N GLU A 26 -5.12 3.81 -4.46
CA GLU A 26 -6.06 4.90 -4.70
C GLU A 26 -6.40 5.60 -3.37
N MET A 27 -7.42 6.45 -3.44
CA MET A 27 -7.86 7.18 -2.26
C MET A 27 -9.03 6.47 -1.59
N VAL A 28 -8.97 6.44 -0.27
CA VAL A 28 -10.02 5.79 0.51
C VAL A 28 -10.58 6.80 1.53
N PRO A 29 -11.62 6.33 2.27
CA PRO A 29 -12.25 7.17 3.27
C PRO A 29 -11.37 7.29 4.53
N TRP A 30 -10.95 8.51 4.79
CA TRP A 30 -10.10 8.77 5.95
C TRP A 30 -10.54 10.09 6.57
N ASP A 31 -9.95 10.40 7.71
CA ASP A 31 -10.28 11.63 8.42
C ASP A 31 -8.99 12.24 8.99
N GLY A 32 -8.08 12.58 8.10
CA GLY A 32 -6.82 13.17 8.49
C GLY A 32 -6.22 14.01 7.37
N CYS A 33 -6.46 13.55 6.14
CA CYS A 33 -5.95 14.25 4.97
C CYS A 33 -6.75 15.54 4.80
N LYS A 34 -6.26 16.39 3.91
CA LYS A 34 -6.90 17.66 3.64
C LYS A 34 -8.28 17.40 3.02
N ALA A 35 -8.43 16.22 2.46
CA ALA A 35 -9.68 15.83 1.84
C ALA A 35 -10.25 14.59 2.54
N GLY A 36 -9.83 14.42 3.78
CA GLY A 36 -10.28 13.29 4.58
C GLY A 36 -10.28 12.01 3.75
N GLN A 37 -9.14 11.74 3.13
CA GLN A 37 -9.00 10.55 2.30
C GLN A 37 -7.56 10.06 2.32
N ILE A 38 -7.39 8.82 2.78
CA ILE A 38 -6.07 8.22 2.86
C ILE A 38 -5.82 7.36 1.62
N ALA A 39 -4.65 7.53 1.04
CA ALA A 39 -4.30 6.77 -0.15
C ALA A 39 -3.99 5.32 0.25
N SER A 40 -4.95 4.45 -0.05
CA SER A 40 -4.81 3.04 0.27
C SER A 40 -5.36 2.18 -0.87
N SER A 41 -5.22 0.88 -0.72
CA SER A 41 -5.70 -0.06 -1.72
C SER A 41 -6.80 -0.94 -1.13
N PRO A 42 -8.07 -0.48 -1.34
CA PRO A 42 -9.21 -1.22 -0.83
C PRO A 42 -9.49 -2.46 -1.68
N ARG A 43 -9.58 -2.23 -2.99
CA ARG A 43 -9.85 -3.32 -3.92
C ARG A 43 -8.54 -3.80 -4.54
N THR A 44 -7.82 -4.61 -3.78
CA THR A 44 -6.55 -5.15 -4.23
C THR A 44 -6.77 -6.44 -5.03
N GLU A 45 -8.00 -6.59 -5.51
CA GLU A 45 -8.35 -7.77 -6.28
C GLU A 45 -7.33 -8.01 -7.40
N ASP A 46 -6.68 -6.93 -7.81
CA ASP A 46 -5.68 -7.01 -8.86
C ASP A 46 -4.43 -6.24 -8.41
N CYS A 47 -3.44 -7.00 -7.96
CA CYS A 47 -2.19 -6.42 -7.50
C CYS A 47 -1.44 -7.45 -6.67
N VAL A 48 -0.13 -7.43 -6.81
CA VAL A 48 0.72 -8.37 -6.07
C VAL A 48 2.19 -8.00 -6.30
N GLY A 49 2.57 -6.84 -5.78
CA GLY A 49 3.94 -6.38 -5.92
C GLY A 49 4.33 -6.24 -7.39
N CYS A 50 4.45 -5.00 -7.83
CA CYS A 50 4.81 -4.72 -9.21
C CYS A 50 5.50 -3.36 -9.26
N LYS A 51 5.76 -2.92 -10.48
CA LYS A 51 6.42 -1.63 -10.67
C LYS A 51 7.57 -1.48 -9.68
N ARG A 52 7.27 -0.79 -8.58
CA ARG A 52 8.26 -0.56 -7.55
C ARG A 52 7.70 0.36 -6.46
N CYS A 53 6.51 0.03 -6.01
CA CYS A 53 5.85 0.81 -4.98
C CYS A 53 6.81 0.96 -3.80
N GLU A 54 6.82 -0.06 -2.95
CA GLU A 54 7.70 -0.05 -1.79
C GLU A 54 7.98 1.38 -1.35
N THR A 55 6.91 2.08 -0.98
CA THR A 55 7.03 3.46 -0.53
C THR A 55 5.72 3.93 0.09
N ALA A 56 5.07 3.02 0.79
CA ALA A 56 3.80 3.33 1.44
C ALA A 56 4.01 4.48 2.43
N CYS A 57 4.66 4.15 3.54
CA CYS A 57 4.93 5.15 4.57
C CYS A 57 5.39 4.42 5.83
N PRO A 58 6.68 4.00 5.81
CA PRO A 58 7.26 3.30 6.94
C PRO A 58 7.55 4.26 8.09
N THR A 59 7.28 3.79 9.30
CA THR A 59 7.51 4.59 10.48
C THR A 59 6.52 5.76 10.54
N ASP A 60 6.53 6.56 9.48
CA ASP A 60 5.63 7.70 9.40
C ASP A 60 4.32 7.38 10.12
N PHE A 61 3.86 6.16 9.91
CA PHE A 61 2.62 5.71 10.52
C PHE A 61 2.54 4.18 10.54
N LEU A 62 2.81 3.58 9.39
CA LEU A 62 2.76 2.14 9.26
C LEU A 62 3.32 1.51 10.54
N SER A 63 2.58 0.53 11.04
CA SER A 63 2.98 -0.15 12.27
C SER A 63 3.69 -1.46 11.91
N ILE A 64 2.91 -2.52 11.78
CA ILE A 64 3.46 -3.82 11.44
C ILE A 64 2.33 -4.71 10.91
N ARG A 65 2.60 -5.33 9.77
CA ARG A 65 1.63 -6.21 9.15
C ARG A 65 2.34 -7.40 8.49
N VAL A 66 3.44 -7.11 7.82
CA VAL A 66 4.22 -8.13 7.15
C VAL A 66 3.39 -8.71 5.99
N TYR A 67 3.64 -8.16 4.81
CA TYR A 67 2.94 -8.61 3.62
C TYR A 67 3.82 -8.47 2.37
N LEU A 68 4.49 -7.33 2.29
CA LEU A 68 5.36 -7.04 1.15
C LEU A 68 6.10 -8.32 0.76
N GLY A 69 6.78 -8.90 1.74
CA GLY A 69 7.53 -10.13 1.51
C GLY A 69 6.88 -11.31 2.23
N ALA A 70 5.81 -11.81 1.62
CA ALA A 70 5.08 -12.94 2.18
C ALA A 70 4.07 -13.44 1.15
N GLU A 71 3.25 -12.53 0.66
CA GLU A 71 2.24 -12.87 -0.32
C GLU A 71 2.79 -13.90 -1.31
N THR A 72 3.78 -13.46 -2.08
CA THR A 72 4.40 -14.33 -3.07
C THR A 72 5.65 -13.68 -3.64
N THR A 73 6.53 -13.26 -2.74
CA THR A 73 7.77 -12.62 -3.15
C THR A 73 8.80 -13.67 -3.55
N ARG A 74 8.87 -14.73 -2.77
CA ARG A 74 9.81 -15.81 -3.04
C ARG A 74 9.16 -16.85 -3.97
N SER A 75 7.85 -16.79 -4.05
CA SER A 75 7.11 -17.71 -4.89
C SER A 75 6.95 -17.13 -6.30
N MET A 76 7.41 -15.89 -6.44
CA MET A 76 7.32 -15.21 -7.72
C MET A 76 8.35 -15.74 -8.70
N GLY A 77 7.86 -16.51 -9.66
CA GLY A 77 8.72 -17.09 -10.67
C GLY A 77 9.10 -18.54 -10.30
N LEU A 78 8.62 -18.96 -9.14
CA LEU A 78 8.90 -20.30 -8.65
C LEU A 78 7.61 -21.12 -8.66
N ALA A 79 6.51 -20.42 -8.39
CA ALA A 79 5.21 -21.07 -8.36
C ALA A 79 4.28 -20.41 -9.38
N TYR A 80 4.50 -19.12 -9.57
CA TYR A 80 3.70 -18.34 -10.51
C TYR A 80 2.21 -18.46 -10.18
N SER A 1 9.57 2.33 1.66
CA SER A 1 10.65 1.46 2.05
C SER A 1 10.16 0.01 2.11
N HIS A 2 9.07 -0.19 2.83
CA HIS A 2 8.50 -1.52 2.98
C HIS A 2 7.04 -1.40 3.42
N SER A 3 6.32 -2.50 3.29
CA SER A 3 4.92 -2.53 3.67
C SER A 3 4.14 -1.51 2.84
N VAL A 4 2.89 -1.87 2.55
CA VAL A 4 2.03 -1.00 1.77
C VAL A 4 0.63 -1.61 1.68
N LYS A 5 0.06 -1.89 2.85
CA LYS A 5 -1.26 -2.49 2.92
C LYS A 5 -2.31 -1.36 2.92
N ILE A 6 -3.56 -1.79 3.08
CA ILE A 6 -4.66 -0.84 3.10
C ILE A 6 -4.70 -0.13 4.46
N TYR A 7 -3.66 0.65 4.72
CA TYR A 7 -3.57 1.38 5.97
C TYR A 7 -3.79 2.88 5.76
N ASP A 8 -4.07 3.56 6.85
CA ASP A 8 -4.30 5.00 6.79
C ASP A 8 -2.97 5.74 6.97
N THR A 9 -1.95 5.21 6.30
CA THR A 9 -0.63 5.80 6.37
C THR A 9 -0.43 6.82 5.25
N CYS A 10 -0.65 8.07 5.58
CA CYS A 10 -0.51 9.14 4.60
C CYS A 10 -0.28 10.46 5.36
N ILE A 11 0.62 11.27 4.81
CA ILE A 11 0.93 12.55 5.42
C ILE A 11 0.54 13.67 4.47
N GLY A 12 0.16 13.28 3.27
CA GLY A 12 -0.25 14.24 2.25
C GLY A 12 0.67 14.17 1.03
N CYS A 13 1.66 13.31 1.12
CA CYS A 13 2.61 13.13 0.04
C CYS A 13 1.96 12.26 -1.04
N THR A 14 2.61 12.21 -2.19
CA THR A 14 2.10 11.42 -3.30
C THR A 14 3.22 10.56 -3.90
N GLN A 15 3.54 9.48 -3.19
CA GLN A 15 4.58 8.57 -3.64
C GLN A 15 3.99 7.21 -3.97
N CYS A 16 3.15 6.72 -3.07
CA CYS A 16 2.51 5.43 -3.27
C CYS A 16 1.28 5.63 -4.15
N VAL A 17 1.21 6.81 -4.75
CA VAL A 17 0.10 7.15 -5.62
C VAL A 17 0.63 7.45 -7.03
N ARG A 18 1.91 7.18 -7.21
CA ARG A 18 2.54 7.42 -8.50
C ARG A 18 3.39 6.20 -8.90
N ALA A 19 4.36 5.88 -8.06
CA ALA A 19 5.23 4.74 -8.31
C ALA A 19 4.40 3.59 -8.85
N CYS A 20 3.35 3.24 -8.11
CA CYS A 20 2.47 2.15 -8.49
C CYS A 20 2.21 2.25 -10.00
N PRO A 21 2.78 1.28 -10.75
CA PRO A 21 2.61 1.26 -12.19
C PRO A 21 1.21 0.78 -12.58
N LEU A 22 0.75 -0.23 -11.86
CA LEU A 22 -0.57 -0.78 -12.12
C LEU A 22 -1.62 0.32 -11.96
N ASP A 23 -1.34 1.23 -11.03
CA ASP A 23 -2.24 2.33 -10.77
C ASP A 23 -3.49 1.80 -10.06
N VAL A 24 -3.27 1.31 -8.84
CA VAL A 24 -4.37 0.78 -8.05
C VAL A 24 -4.59 1.68 -6.83
N LEU A 25 -3.50 2.03 -6.18
CA LEU A 25 -3.57 2.88 -5.00
C LEU A 25 -4.43 4.10 -5.33
N GLU A 26 -5.65 4.09 -4.81
CA GLU A 26 -6.57 5.19 -5.03
C GLU A 26 -6.90 5.89 -3.72
N MET A 27 -7.91 6.73 -3.76
CA MET A 27 -8.34 7.46 -2.58
C MET A 27 -9.46 6.72 -1.85
N VAL A 28 -9.31 6.63 -0.54
CA VAL A 28 -10.30 5.95 0.28
C VAL A 28 -10.75 6.90 1.40
N PRO A 29 -11.84 6.48 2.09
CA PRO A 29 -12.38 7.27 3.19
C PRO A 29 -11.50 7.16 4.44
N TRP A 30 -10.95 8.29 4.84
CA TRP A 30 -10.09 8.33 6.00
C TRP A 30 -10.63 9.40 6.96
N ASP A 31 -9.83 10.44 7.14
CA ASP A 31 -10.21 11.53 8.02
C ASP A 31 -8.99 12.41 8.31
N GLY A 32 -7.94 11.75 8.77
CA GLY A 32 -6.70 12.47 9.09
C GLY A 32 -6.16 13.20 7.86
N CYS A 33 -6.75 12.87 6.71
CA CYS A 33 -6.33 13.50 5.46
C CYS A 33 -7.01 14.87 5.36
N LYS A 34 -6.38 15.74 4.60
CA LYS A 34 -6.91 17.09 4.41
C LYS A 34 -8.33 17.00 3.84
N ALA A 35 -8.57 15.90 3.13
CA ALA A 35 -9.89 15.68 2.54
C ALA A 35 -10.51 14.44 3.15
N GLY A 36 -10.06 14.10 4.35
CA GLY A 36 -10.57 12.94 5.05
C GLY A 36 -10.56 11.70 4.15
N GLN A 37 -9.52 11.61 3.34
CA GLN A 37 -9.38 10.50 2.42
C GLN A 37 -7.91 10.08 2.30
N ILE A 38 -7.64 8.84 2.67
CA ILE A 38 -6.29 8.31 2.61
C ILE A 38 -6.10 7.55 1.30
N ALA A 39 -4.91 7.68 0.74
CA ALA A 39 -4.59 7.00 -0.51
C ALA A 39 -4.29 5.53 -0.22
N SER A 40 -5.24 4.68 -0.61
CA SER A 40 -5.10 3.26 -0.39
C SER A 40 -5.80 2.49 -1.52
N SER A 41 -5.77 1.17 -1.41
CA SER A 41 -6.40 0.31 -2.40
C SER A 41 -7.48 -0.55 -1.75
N PRO A 42 -8.76 -0.14 -1.97
CA PRO A 42 -9.88 -0.87 -1.42
C PRO A 42 -10.12 -2.18 -2.16
N ARG A 43 -10.19 -2.07 -3.49
CA ARG A 43 -10.41 -3.22 -4.33
C ARG A 43 -9.08 -3.77 -4.84
N THR A 44 -8.42 -4.53 -3.98
CA THR A 44 -7.13 -5.12 -4.34
C THR A 44 -7.33 -6.47 -5.03
N GLU A 45 -8.49 -6.60 -5.66
CA GLU A 45 -8.82 -7.83 -6.36
C GLU A 45 -7.69 -8.21 -7.32
N ASP A 46 -6.89 -7.22 -7.67
CA ASP A 46 -5.77 -7.44 -8.57
C ASP A 46 -4.67 -6.41 -8.27
N CYS A 47 -3.78 -6.79 -7.37
CA CYS A 47 -2.68 -5.91 -6.99
C CYS A 47 -1.79 -6.67 -6.01
N VAL A 48 -0.61 -6.10 -5.77
CA VAL A 48 0.34 -6.70 -4.85
C VAL A 48 1.27 -7.64 -5.63
N GLY A 49 0.74 -8.17 -6.73
CA GLY A 49 1.50 -9.08 -7.56
C GLY A 49 2.73 -8.39 -8.14
N CYS A 50 2.77 -7.07 -7.96
CA CYS A 50 3.88 -6.29 -8.46
C CYS A 50 4.49 -5.51 -7.29
N LYS A 51 5.76 -5.77 -7.03
CA LYS A 51 6.46 -5.11 -5.95
C LYS A 51 7.09 -3.81 -6.47
N ARG A 52 6.21 -2.88 -6.86
CA ARG A 52 6.66 -1.60 -7.37
C ARG A 52 6.47 -0.50 -6.32
N CYS A 53 5.26 -0.47 -5.77
CA CYS A 53 4.93 0.52 -4.76
C CYS A 53 6.11 0.63 -3.79
N GLU A 54 6.27 -0.41 -2.99
CA GLU A 54 7.36 -0.44 -2.02
C GLU A 54 7.58 0.96 -1.42
N THR A 55 6.47 1.59 -1.05
CA THR A 55 6.53 2.92 -0.48
C THR A 55 5.60 3.01 0.74
N ALA A 56 4.33 3.24 0.45
CA ALA A 56 3.33 3.36 1.50
C ALA A 56 3.58 4.64 2.30
N CYS A 57 4.72 4.66 2.98
CA CYS A 57 5.09 5.81 3.78
C CYS A 57 6.37 5.46 4.55
N PRO A 58 7.12 6.54 4.94
CA PRO A 58 8.35 6.36 5.68
C PRO A 58 8.07 5.98 7.14
N THR A 59 7.30 4.92 7.30
CA THR A 59 6.96 4.45 8.63
C THR A 59 6.16 5.51 9.38
N ASP A 60 6.19 5.40 10.70
CA ASP A 60 5.49 6.34 11.55
C ASP A 60 4.02 5.93 11.67
N PHE A 61 3.44 5.60 10.53
CA PHE A 61 2.05 5.17 10.50
C PHE A 61 1.94 3.65 10.46
N LEU A 62 2.54 3.07 9.43
CA LEU A 62 2.52 1.63 9.27
C LEU A 62 3.28 0.97 10.43
N SER A 63 2.66 -0.05 11.00
CA SER A 63 3.27 -0.77 12.11
C SER A 63 4.11 -1.93 11.58
N ILE A 64 4.76 -1.69 10.46
CA ILE A 64 5.60 -2.70 9.85
C ILE A 64 4.98 -4.09 10.09
N ARG A 65 4.02 -4.42 9.25
CA ARG A 65 3.34 -5.71 9.37
C ARG A 65 3.99 -6.73 8.44
N VAL A 66 5.23 -6.46 8.08
CA VAL A 66 5.97 -7.34 7.20
C VAL A 66 5.04 -7.87 6.11
N TYR A 67 4.95 -7.10 5.02
CA TYR A 67 4.11 -7.48 3.91
C TYR A 67 4.94 -7.75 2.65
N LEU A 68 5.46 -6.67 2.08
CA LEU A 68 6.27 -6.78 0.89
C LEU A 68 7.33 -7.85 1.09
N GLY A 69 7.45 -8.73 0.10
CA GLY A 69 8.41 -9.81 0.16
C GLY A 69 8.53 -10.37 1.58
N ALA A 70 7.39 -10.81 2.10
CA ALA A 70 7.34 -11.36 3.44
C ALA A 70 6.25 -12.43 3.51
N GLU A 71 5.10 -12.09 2.95
CA GLU A 71 3.97 -13.02 2.93
C GLU A 71 4.38 -14.35 2.28
N THR A 72 3.38 -15.10 1.86
CA THR A 72 3.62 -16.38 1.23
C THR A 72 4.55 -17.23 2.10
N THR A 73 4.62 -16.87 3.36
CA THR A 73 5.46 -17.59 4.31
C THR A 73 4.62 -18.22 5.41
N ARG A 74 3.52 -17.54 5.73
CA ARG A 74 2.62 -18.03 6.76
C ARG A 74 1.92 -19.31 6.31
N SER A 75 1.67 -19.38 5.01
CA SER A 75 1.01 -20.54 4.43
C SER A 75 1.81 -21.04 3.23
N MET A 76 2.99 -20.48 3.06
CA MET A 76 3.85 -20.86 1.95
C MET A 76 3.22 -20.46 0.61
N GLY A 77 2.04 -20.99 0.37
CA GLY A 77 1.33 -20.68 -0.87
C GLY A 77 -0.02 -21.42 -0.92
N LEU A 78 -0.69 -21.42 0.21
CA LEU A 78 -1.99 -22.08 0.31
C LEU A 78 -3.09 -21.03 0.36
N ALA A 79 -2.79 -19.94 1.05
CA ALA A 79 -3.75 -18.85 1.19
C ALA A 79 -3.01 -17.54 1.47
N TYR A 80 -2.18 -17.60 2.51
CA TYR A 80 -1.40 -16.43 2.89
C TYR A 80 -0.17 -16.27 2.00
#